data_1ZD9
# 
_entry.id   1ZD9 
# 
_audit_conform.dict_name       mmcif_pdbx.dic 
_audit_conform.dict_version    5.387 
_audit_conform.dict_location   http://mmcif.pdb.org/dictionaries/ascii/mmcif_pdbx.dic 
# 
loop_
_database_2.database_id 
_database_2.database_code 
_database_2.pdbx_database_accession 
_database_2.pdbx_DOI 
PDB   1ZD9         pdb_00001zd9 10.2210/pdb1zd9/pdb 
RCSB  RCSB032594   ?            ?                   
WWPDB D_1000032594 ?            ?                   
# 
loop_
_pdbx_audit_revision_history.ordinal 
_pdbx_audit_revision_history.data_content_type 
_pdbx_audit_revision_history.major_revision 
_pdbx_audit_revision_history.minor_revision 
_pdbx_audit_revision_history.revision_date 
1 'Structure model' 1 0 2005-05-17 
2 'Structure model' 1 1 2008-04-30 
3 'Structure model' 1 2 2011-07-13 
4 'Structure model' 1 3 2024-02-14 
# 
_pdbx_audit_revision_details.ordinal             1 
_pdbx_audit_revision_details.revision_ordinal    1 
_pdbx_audit_revision_details.data_content_type   'Structure model' 
_pdbx_audit_revision_details.provider            repository 
_pdbx_audit_revision_details.type                'Initial release' 
_pdbx_audit_revision_details.description         ? 
_pdbx_audit_revision_details.details             ? 
# 
loop_
_pdbx_audit_revision_group.ordinal 
_pdbx_audit_revision_group.revision_ordinal 
_pdbx_audit_revision_group.data_content_type 
_pdbx_audit_revision_group.group 
1 2 'Structure model' 'Version format compliance' 
2 3 'Structure model' 'Version format compliance' 
3 4 'Structure model' 'Data collection'           
4 4 'Structure model' 'Database references'       
5 4 'Structure model' 'Derived calculations'      
# 
loop_
_pdbx_audit_revision_category.ordinal 
_pdbx_audit_revision_category.revision_ordinal 
_pdbx_audit_revision_category.data_content_type 
_pdbx_audit_revision_category.category 
1 4 'Structure model' chem_comp_atom         
2 4 'Structure model' chem_comp_bond         
3 4 'Structure model' database_2             
4 4 'Structure model' pdbx_struct_conn_angle 
5 4 'Structure model' struct_conn            
6 4 'Structure model' struct_ref_seq_dif     
7 4 'Structure model' struct_site            
# 
loop_
_pdbx_audit_revision_item.ordinal 
_pdbx_audit_revision_item.revision_ordinal 
_pdbx_audit_revision_item.data_content_type 
_pdbx_audit_revision_item.item 
1  4 'Structure model' '_database_2.pdbx_DOI'                        
2  4 'Structure model' '_database_2.pdbx_database_accession'         
3  4 'Structure model' '_pdbx_struct_conn_angle.ptnr1_auth_comp_id'  
4  4 'Structure model' '_pdbx_struct_conn_angle.ptnr1_auth_seq_id'   
5  4 'Structure model' '_pdbx_struct_conn_angle.ptnr1_label_asym_id' 
6  4 'Structure model' '_pdbx_struct_conn_angle.ptnr1_label_atom_id' 
7  4 'Structure model' '_pdbx_struct_conn_angle.ptnr1_label_comp_id' 
8  4 'Structure model' '_pdbx_struct_conn_angle.ptnr1_label_seq_id'  
9  4 'Structure model' '_pdbx_struct_conn_angle.ptnr3_auth_comp_id'  
10 4 'Structure model' '_pdbx_struct_conn_angle.ptnr3_auth_seq_id'   
11 4 'Structure model' '_pdbx_struct_conn_angle.ptnr3_label_asym_id' 
12 4 'Structure model' '_pdbx_struct_conn_angle.ptnr3_label_atom_id' 
13 4 'Structure model' '_pdbx_struct_conn_angle.ptnr3_label_comp_id' 
14 4 'Structure model' '_pdbx_struct_conn_angle.ptnr3_label_seq_id'  
15 4 'Structure model' '_pdbx_struct_conn_angle.value'               
16 4 'Structure model' '_struct_conn.pdbx_dist_value'                
17 4 'Structure model' '_struct_conn.ptnr1_auth_comp_id'             
18 4 'Structure model' '_struct_conn.ptnr1_auth_seq_id'              
19 4 'Structure model' '_struct_conn.ptnr1_label_asym_id'            
20 4 'Structure model' '_struct_conn.ptnr1_label_atom_id'            
21 4 'Structure model' '_struct_conn.ptnr1_label_comp_id'            
22 4 'Structure model' '_struct_conn.ptnr1_label_seq_id'             
23 4 'Structure model' '_struct_conn.ptnr2_auth_comp_id'             
24 4 'Structure model' '_struct_conn.ptnr2_auth_seq_id'              
25 4 'Structure model' '_struct_conn.ptnr2_label_asym_id'            
26 4 'Structure model' '_struct_conn.ptnr2_label_atom_id'            
27 4 'Structure model' '_struct_conn.ptnr2_label_comp_id'            
28 4 'Structure model' '_struct_conn.ptnr2_label_seq_id'             
29 4 'Structure model' '_struct_ref_seq_dif.details'                 
30 4 'Structure model' '_struct_site.pdbx_auth_asym_id'              
31 4 'Structure model' '_struct_site.pdbx_auth_comp_id'              
32 4 'Structure model' '_struct_site.pdbx_auth_seq_id'               
# 
_pdbx_database_status.status_code                     REL 
_pdbx_database_status.entry_id                        1ZD9 
_pdbx_database_status.recvd_initial_deposition_date   2005-04-14 
_pdbx_database_status.deposit_site                    RCSB 
_pdbx_database_status.process_site                    RCSB 
_pdbx_database_status.status_code_sf                  REL 
_pdbx_database_status.status_code_mr                  ? 
_pdbx_database_status.SG_entry                        Y 
_pdbx_database_status.pdb_format_compatible           Y 
_pdbx_database_status.status_code_cs                  ? 
_pdbx_database_status.status_code_nmr_data            ? 
_pdbx_database_status.methods_development_category    ? 
# 
loop_
_audit_author.name 
_audit_author.pdbx_ordinal 
'Choe, J.'                             1 
'Atanassova, A.'                       2 
'Arrowsmith, C.'                       3 
'Edwards, A.'                          4 
'Sundstrom, M.'                        5 
'Bochkarev, A.'                        6 
'Park, H.'                             7 
'Structural Genomics Consortium (SGC)' 8 
# 
_citation.id                        primary 
_citation.title                     'Structure of human ADP-ribosylation factor-like 10B' 
_citation.journal_abbrev            'to be published' 
_citation.journal_volume            ? 
_citation.page_first                ? 
_citation.page_last                 ? 
_citation.year                      ? 
_citation.journal_id_ASTM           ? 
_citation.country                   ? 
_citation.journal_id_ISSN           ? 
_citation.journal_id_CSD            0353 
_citation.book_publisher            ? 
_citation.pdbx_database_id_PubMed   ? 
_citation.pdbx_database_id_DOI      ? 
# 
loop_
_citation_author.citation_id 
_citation_author.name 
_citation_author.ordinal 
_citation_author.identifier_ORCID 
primary 'Atanassova, A.' 1 ? 
primary 'Choe, J.'       2 ? 
primary 'Arrowsmith, C.' 3 ? 
primary 'Edwards, A.'    4 ? 
primary 'Sundstrom, M.'  5 ? 
primary 'Bochkarev, A.'  6 ? 
primary 'Park, H.'       7 ? 
# 
loop_
_entity.id 
_entity.type 
_entity.src_method 
_entity.pdbx_description 
_entity.formula_weight 
_entity.pdbx_number_of_molecules 
_entity.pdbx_ec 
_entity.pdbx_mutation 
_entity.pdbx_fragment 
_entity.details 
1 polymer     man 'ADP-ribosylation factor-like 10B' 21335.488 1   ? ? ? ? 
2 non-polymer syn 'MAGNESIUM ION'                    24.305    1   ? ? ? ? 
3 non-polymer syn "GUANOSINE-5'-DIPHOSPHATE"         443.201   1   ? ? ? ? 
4 water       nat water                              18.015    135 ? ? ? ? 
# 
_entity_poly.entity_id                      1 
_entity_poly.type                           'polypeptide(L)' 
_entity_poly.nstd_linkage                   no 
_entity_poly.nstd_monomer                   no 
_entity_poly.pdbx_seq_one_letter_code       
;MGSSHHHHHHSSGLVPRGSKEEMELTLVGLQYSGKTTFVNVIASGQFNEDMIPTVGFNMRKITKGNVTIKLWDIGGQPRF
RSMWERYCRGVSAIVYMVDAADQEKIEASKNELHNLLDKPQLQGIPVLVLGNKRDLPGALDEKELIEKMNLSAIQDREIC
CYSISCKEKDNIDITLQWLIQHSKSRRS
;
_entity_poly.pdbx_seq_one_letter_code_can   
;MGSSHHHHHHSSGLVPRGSKEEMELTLVGLQYSGKTTFVNVIASGQFNEDMIPTVGFNMRKITKGNVTIKLWDIGGQPRF
RSMWERYCRGVSAIVYMVDAADQEKIEASKNELHNLLDKPQLQGIPVLVLGNKRDLPGALDEKELIEKMNLSAIQDREIC
CYSISCKEKDNIDITLQWLIQHSKSRRS
;
_entity_poly.pdbx_strand_id                 A 
_entity_poly.pdbx_target_identifier         ? 
# 
loop_
_pdbx_entity_nonpoly.entity_id 
_pdbx_entity_nonpoly.name 
_pdbx_entity_nonpoly.comp_id 
2 'MAGNESIUM ION'            MG  
3 "GUANOSINE-5'-DIPHOSPHATE" GDP 
4 water                      HOH 
# 
loop_
_entity_poly_seq.entity_id 
_entity_poly_seq.num 
_entity_poly_seq.mon_id 
_entity_poly_seq.hetero 
1 1   MET n 
1 2   GLY n 
1 3   SER n 
1 4   SER n 
1 5   HIS n 
1 6   HIS n 
1 7   HIS n 
1 8   HIS n 
1 9   HIS n 
1 10  HIS n 
1 11  SER n 
1 12  SER n 
1 13  GLY n 
1 14  LEU n 
1 15  VAL n 
1 16  PRO n 
1 17  ARG n 
1 18  GLY n 
1 19  SER n 
1 20  LYS n 
1 21  GLU n 
1 22  GLU n 
1 23  MET n 
1 24  GLU n 
1 25  LEU n 
1 26  THR n 
1 27  LEU n 
1 28  VAL n 
1 29  GLY n 
1 30  LEU n 
1 31  GLN n 
1 32  TYR n 
1 33  SER n 
1 34  GLY n 
1 35  LYS n 
1 36  THR n 
1 37  THR n 
1 38  PHE n 
1 39  VAL n 
1 40  ASN n 
1 41  VAL n 
1 42  ILE n 
1 43  ALA n 
1 44  SER n 
1 45  GLY n 
1 46  GLN n 
1 47  PHE n 
1 48  ASN n 
1 49  GLU n 
1 50  ASP n 
1 51  MET n 
1 52  ILE n 
1 53  PRO n 
1 54  THR n 
1 55  VAL n 
1 56  GLY n 
1 57  PHE n 
1 58  ASN n 
1 59  MET n 
1 60  ARG n 
1 61  LYS n 
1 62  ILE n 
1 63  THR n 
1 64  LYS n 
1 65  GLY n 
1 66  ASN n 
1 67  VAL n 
1 68  THR n 
1 69  ILE n 
1 70  LYS n 
1 71  LEU n 
1 72  TRP n 
1 73  ASP n 
1 74  ILE n 
1 75  GLY n 
1 76  GLY n 
1 77  GLN n 
1 78  PRO n 
1 79  ARG n 
1 80  PHE n 
1 81  ARG n 
1 82  SER n 
1 83  MET n 
1 84  TRP n 
1 85  GLU n 
1 86  ARG n 
1 87  TYR n 
1 88  CYS n 
1 89  ARG n 
1 90  GLY n 
1 91  VAL n 
1 92  SER n 
1 93  ALA n 
1 94  ILE n 
1 95  VAL n 
1 96  TYR n 
1 97  MET n 
1 98  VAL n 
1 99  ASP n 
1 100 ALA n 
1 101 ALA n 
1 102 ASP n 
1 103 GLN n 
1 104 GLU n 
1 105 LYS n 
1 106 ILE n 
1 107 GLU n 
1 108 ALA n 
1 109 SER n 
1 110 LYS n 
1 111 ASN n 
1 112 GLU n 
1 113 LEU n 
1 114 HIS n 
1 115 ASN n 
1 116 LEU n 
1 117 LEU n 
1 118 ASP n 
1 119 LYS n 
1 120 PRO n 
1 121 GLN n 
1 122 LEU n 
1 123 GLN n 
1 124 GLY n 
1 125 ILE n 
1 126 PRO n 
1 127 VAL n 
1 128 LEU n 
1 129 VAL n 
1 130 LEU n 
1 131 GLY n 
1 132 ASN n 
1 133 LYS n 
1 134 ARG n 
1 135 ASP n 
1 136 LEU n 
1 137 PRO n 
1 138 GLY n 
1 139 ALA n 
1 140 LEU n 
1 141 ASP n 
1 142 GLU n 
1 143 LYS n 
1 144 GLU n 
1 145 LEU n 
1 146 ILE n 
1 147 GLU n 
1 148 LYS n 
1 149 MET n 
1 150 ASN n 
1 151 LEU n 
1 152 SER n 
1 153 ALA n 
1 154 ILE n 
1 155 GLN n 
1 156 ASP n 
1 157 ARG n 
1 158 GLU n 
1 159 ILE n 
1 160 CYS n 
1 161 CYS n 
1 162 TYR n 
1 163 SER n 
1 164 ILE n 
1 165 SER n 
1 166 CYS n 
1 167 LYS n 
1 168 GLU n 
1 169 LYS n 
1 170 ASP n 
1 171 ASN n 
1 172 ILE n 
1 173 ASP n 
1 174 ILE n 
1 175 THR n 
1 176 LEU n 
1 177 GLN n 
1 178 TRP n 
1 179 LEU n 
1 180 ILE n 
1 181 GLN n 
1 182 HIS n 
1 183 SER n 
1 184 LYS n 
1 185 SER n 
1 186 ARG n 
1 187 ARG n 
1 188 SER n 
# 
_entity_src_gen.entity_id                          1 
_entity_src_gen.pdbx_src_id                        1 
_entity_src_gen.pdbx_alt_source_flag               sample 
_entity_src_gen.pdbx_seq_type                      ? 
_entity_src_gen.pdbx_beg_seq_num                   ? 
_entity_src_gen.pdbx_end_seq_num                   ? 
_entity_src_gen.gene_src_common_name               human 
_entity_src_gen.gene_src_genus                     Homo 
_entity_src_gen.pdbx_gene_src_gene                 ? 
_entity_src_gen.gene_src_species                   ? 
_entity_src_gen.gene_src_strain                    ? 
_entity_src_gen.gene_src_tissue                    ? 
_entity_src_gen.gene_src_tissue_fraction           ? 
_entity_src_gen.gene_src_details                   ? 
_entity_src_gen.pdbx_gene_src_fragment             ? 
_entity_src_gen.pdbx_gene_src_scientific_name      'Homo sapiens' 
_entity_src_gen.pdbx_gene_src_ncbi_taxonomy_id     9606 
_entity_src_gen.pdbx_gene_src_variant              ? 
_entity_src_gen.pdbx_gene_src_cell_line            ? 
_entity_src_gen.pdbx_gene_src_atcc                 ? 
_entity_src_gen.pdbx_gene_src_organ                ? 
_entity_src_gen.pdbx_gene_src_organelle            ? 
_entity_src_gen.pdbx_gene_src_cell                 ? 
_entity_src_gen.pdbx_gene_src_cellular_location    ? 
_entity_src_gen.host_org_common_name               ? 
_entity_src_gen.pdbx_host_org_scientific_name      'Escherichia coli BL21(DE3)' 
_entity_src_gen.pdbx_host_org_ncbi_taxonomy_id     469008 
_entity_src_gen.host_org_genus                     Escherichia 
_entity_src_gen.pdbx_host_org_gene                 ? 
_entity_src_gen.pdbx_host_org_organ                ? 
_entity_src_gen.host_org_species                   'Escherichia coli' 
_entity_src_gen.pdbx_host_org_tissue               ? 
_entity_src_gen.pdbx_host_org_tissue_fraction      ? 
_entity_src_gen.pdbx_host_org_strain               'BL21(DE3)' 
_entity_src_gen.pdbx_host_org_variant              ? 
_entity_src_gen.pdbx_host_org_cell_line            ? 
_entity_src_gen.pdbx_host_org_atcc                 ? 
_entity_src_gen.pdbx_host_org_culture_collection   ? 
_entity_src_gen.pdbx_host_org_cell                 ? 
_entity_src_gen.pdbx_host_org_organelle            ? 
_entity_src_gen.pdbx_host_org_cellular_location    ? 
_entity_src_gen.pdbx_host_org_vector_type          plasmid 
_entity_src_gen.pdbx_host_org_vector               ? 
_entity_src_gen.host_org_details                   ? 
_entity_src_gen.expression_system_id               ? 
_entity_src_gen.plasmid_name                       pET28 
_entity_src_gen.plasmid_details                    ? 
_entity_src_gen.pdbx_description                   ? 
# 
loop_
_chem_comp.id 
_chem_comp.type 
_chem_comp.mon_nstd_flag 
_chem_comp.name 
_chem_comp.pdbx_synonyms 
_chem_comp.formula 
_chem_comp.formula_weight 
ALA 'L-peptide linking' y ALANINE                    ? 'C3 H7 N O2'        89.093  
ARG 'L-peptide linking' y ARGININE                   ? 'C6 H15 N4 O2 1'    175.209 
ASN 'L-peptide linking' y ASPARAGINE                 ? 'C4 H8 N2 O3'       132.118 
ASP 'L-peptide linking' y 'ASPARTIC ACID'            ? 'C4 H7 N O4'        133.103 
CYS 'L-peptide linking' y CYSTEINE                   ? 'C3 H7 N O2 S'      121.158 
GDP 'RNA linking'       n "GUANOSINE-5'-DIPHOSPHATE" ? 'C10 H15 N5 O11 P2' 443.201 
GLN 'L-peptide linking' y GLUTAMINE                  ? 'C5 H10 N2 O3'      146.144 
GLU 'L-peptide linking' y 'GLUTAMIC ACID'            ? 'C5 H9 N O4'        147.129 
GLY 'peptide linking'   y GLYCINE                    ? 'C2 H5 N O2'        75.067  
HIS 'L-peptide linking' y HISTIDINE                  ? 'C6 H10 N3 O2 1'    156.162 
HOH non-polymer         . WATER                      ? 'H2 O'              18.015  
ILE 'L-peptide linking' y ISOLEUCINE                 ? 'C6 H13 N O2'       131.173 
LEU 'L-peptide linking' y LEUCINE                    ? 'C6 H13 N O2'       131.173 
LYS 'L-peptide linking' y LYSINE                     ? 'C6 H15 N2 O2 1'    147.195 
MET 'L-peptide linking' y METHIONINE                 ? 'C5 H11 N O2 S'     149.211 
MG  non-polymer         . 'MAGNESIUM ION'            ? 'Mg 2'              24.305  
PHE 'L-peptide linking' y PHENYLALANINE              ? 'C9 H11 N O2'       165.189 
PRO 'L-peptide linking' y PROLINE                    ? 'C5 H9 N O2'        115.130 
SER 'L-peptide linking' y SERINE                     ? 'C3 H7 N O3'        105.093 
THR 'L-peptide linking' y THREONINE                  ? 'C4 H9 N O3'        119.119 
TRP 'L-peptide linking' y TRYPTOPHAN                 ? 'C11 H12 N2 O2'     204.225 
TYR 'L-peptide linking' y TYROSINE                   ? 'C9 H11 N O3'       181.189 
VAL 'L-peptide linking' y VALINE                     ? 'C5 H11 N O2'       117.146 
# 
loop_
_pdbx_poly_seq_scheme.asym_id 
_pdbx_poly_seq_scheme.entity_id 
_pdbx_poly_seq_scheme.seq_id 
_pdbx_poly_seq_scheme.mon_id 
_pdbx_poly_seq_scheme.ndb_seq_num 
_pdbx_poly_seq_scheme.pdb_seq_num 
_pdbx_poly_seq_scheme.auth_seq_num 
_pdbx_poly_seq_scheme.pdb_mon_id 
_pdbx_poly_seq_scheme.auth_mon_id 
_pdbx_poly_seq_scheme.pdb_strand_id 
_pdbx_poly_seq_scheme.pdb_ins_code 
_pdbx_poly_seq_scheme.hetero 
A 1 1   MET 1   -2  ?   ?   ?   A . n 
A 1 2   GLY 2   -1  ?   ?   ?   A . n 
A 1 3   SER 3   0   ?   ?   ?   A . n 
A 1 4   SER 4   1   ?   ?   ?   A . n 
A 1 5   HIS 5   2   ?   ?   ?   A . n 
A 1 6   HIS 6   3   ?   ?   ?   A . n 
A 1 7   HIS 7   4   ?   ?   ?   A . n 
A 1 8   HIS 8   5   ?   ?   ?   A . n 
A 1 9   HIS 9   6   ?   ?   ?   A . n 
A 1 10  HIS 10  7   ?   ?   ?   A . n 
A 1 11  SER 11  8   ?   ?   ?   A . n 
A 1 12  SER 12  9   ?   ?   ?   A . n 
A 1 13  GLY 13  10  ?   ?   ?   A . n 
A 1 14  LEU 14  11  ?   ?   ?   A . n 
A 1 15  VAL 15  12  ?   ?   ?   A . n 
A 1 16  PRO 16  13  ?   ?   ?   A . n 
A 1 17  ARG 17  14  ?   ?   ?   A . n 
A 1 18  GLY 18  15  ?   ?   ?   A . n 
A 1 19  SER 19  16  16  SER SER A . n 
A 1 20  LYS 20  17  17  LYS LYS A . n 
A 1 21  GLU 21  18  18  GLU GLU A . n 
A 1 22  GLU 22  19  19  GLU GLU A . n 
A 1 23  MET 23  20  20  MET MET A . n 
A 1 24  GLU 24  21  21  GLU GLU A . n 
A 1 25  LEU 25  22  22  LEU LEU A . n 
A 1 26  THR 26  23  23  THR THR A . n 
A 1 27  LEU 27  24  24  LEU LEU A . n 
A 1 28  VAL 28  25  25  VAL VAL A . n 
A 1 29  GLY 29  26  26  GLY GLY A . n 
A 1 30  LEU 30  27  27  LEU LEU A . n 
A 1 31  GLN 31  28  28  GLN GLN A . n 
A 1 32  TYR 32  29  29  TYR TYR A . n 
A 1 33  SER 33  30  30  SER SER A . n 
A 1 34  GLY 34  31  31  GLY GLY A . n 
A 1 35  LYS 35  32  32  LYS LYS A . n 
A 1 36  THR 36  33  33  THR THR A . n 
A 1 37  THR 37  34  34  THR THR A . n 
A 1 38  PHE 38  35  35  PHE PHE A . n 
A 1 39  VAL 39  36  36  VAL VAL A . n 
A 1 40  ASN 40  37  37  ASN ASN A . n 
A 1 41  VAL 41  38  38  VAL VAL A . n 
A 1 42  ILE 42  39  39  ILE ILE A . n 
A 1 43  ALA 43  40  40  ALA ALA A . n 
A 1 44  SER 44  41  41  SER SER A . n 
A 1 45  GLY 45  42  42  GLY GLY A . n 
A 1 46  GLN 46  43  43  GLN GLN A . n 
A 1 47  PHE 47  44  44  PHE PHE A . n 
A 1 48  ASN 48  45  45  ASN ASN A . n 
A 1 49  GLU 49  46  46  GLU GLU A . n 
A 1 50  ASP 50  47  47  ASP ASP A . n 
A 1 51  MET 51  48  48  MET MET A . n 
A 1 52  ILE 52  49  49  ILE ILE A . n 
A 1 53  PRO 53  50  50  PRO PRO A . n 
A 1 54  THR 54  51  51  THR THR A . n 
A 1 55  VAL 55  52  52  VAL VAL A . n 
A 1 56  GLY 56  53  53  GLY GLY A . n 
A 1 57  PHE 57  54  54  PHE PHE A . n 
A 1 58  ASN 58  55  55  ASN ASN A . n 
A 1 59  MET 59  56  56  MET MET A . n 
A 1 60  ARG 60  57  57  ARG ARG A . n 
A 1 61  LYS 61  58  58  LYS LYS A . n 
A 1 62  ILE 62  59  59  ILE ILE A . n 
A 1 63  THR 63  60  60  THR THR A . n 
A 1 64  LYS 64  61  61  LYS LYS A . n 
A 1 65  GLY 65  62  62  GLY GLY A . n 
A 1 66  ASN 66  63  63  ASN ASN A . n 
A 1 67  VAL 67  64  64  VAL VAL A . n 
A 1 68  THR 68  65  65  THR THR A . n 
A 1 69  ILE 69  66  66  ILE ILE A . n 
A 1 70  LYS 70  67  67  LYS LYS A . n 
A 1 71  LEU 71  68  68  LEU LEU A . n 
A 1 72  TRP 72  69  69  TRP TRP A . n 
A 1 73  ASP 73  70  70  ASP ASP A . n 
A 1 74  ILE 74  71  71  ILE ILE A . n 
A 1 75  GLY 75  72  72  GLY GLY A . n 
A 1 76  GLY 76  73  73  GLY GLY A . n 
A 1 77  GLN 77  74  74  GLN GLN A . n 
A 1 78  PRO 78  75  75  PRO PRO A . n 
A 1 79  ARG 79  76  76  ARG ARG A . n 
A 1 80  PHE 80  77  77  PHE PHE A . n 
A 1 81  ARG 81  78  78  ARG ARG A . n 
A 1 82  SER 82  79  79  SER SER A . n 
A 1 83  MET 83  80  80  MET MET A . n 
A 1 84  TRP 84  81  81  TRP TRP A . n 
A 1 85  GLU 85  82  82  GLU GLU A . n 
A 1 86  ARG 86  83  83  ARG ARG A . n 
A 1 87  TYR 87  84  84  TYR TYR A . n 
A 1 88  CYS 88  85  85  CYS CYS A . n 
A 1 89  ARG 89  86  86  ARG ARG A . n 
A 1 90  GLY 90  87  87  GLY GLY A . n 
A 1 91  VAL 91  88  88  VAL VAL A . n 
A 1 92  SER 92  89  89  SER SER A . n 
A 1 93  ALA 93  90  90  ALA ALA A . n 
A 1 94  ILE 94  91  91  ILE ILE A . n 
A 1 95  VAL 95  92  92  VAL VAL A . n 
A 1 96  TYR 96  93  93  TYR TYR A . n 
A 1 97  MET 97  94  94  MET MET A . n 
A 1 98  VAL 98  95  95  VAL VAL A . n 
A 1 99  ASP 99  96  96  ASP ASP A . n 
A 1 100 ALA 100 97  97  ALA ALA A . n 
A 1 101 ALA 101 98  98  ALA ALA A . n 
A 1 102 ASP 102 99  99  ASP ASP A . n 
A 1 103 GLN 103 100 100 GLN GLN A . n 
A 1 104 GLU 104 101 101 GLU GLU A . n 
A 1 105 LYS 105 102 102 LYS LYS A . n 
A 1 106 ILE 106 103 103 ILE ILE A . n 
A 1 107 GLU 107 104 104 GLU GLU A . n 
A 1 108 ALA 108 105 105 ALA ALA A . n 
A 1 109 SER 109 106 106 SER SER A . n 
A 1 110 LYS 110 107 107 LYS LYS A . n 
A 1 111 ASN 111 108 108 ASN ASN A . n 
A 1 112 GLU 112 109 109 GLU GLU A . n 
A 1 113 LEU 113 110 110 LEU LEU A . n 
A 1 114 HIS 114 111 111 HIS HIS A . n 
A 1 115 ASN 115 112 112 ASN ASN A . n 
A 1 116 LEU 116 113 113 LEU LEU A . n 
A 1 117 LEU 117 114 114 LEU LEU A . n 
A 1 118 ASP 118 115 115 ASP ASP A . n 
A 1 119 LYS 119 116 116 LYS LYS A . n 
A 1 120 PRO 120 117 117 PRO PRO A . n 
A 1 121 GLN 121 118 118 GLN GLN A . n 
A 1 122 LEU 122 119 119 LEU LEU A . n 
A 1 123 GLN 123 120 120 GLN GLN A . n 
A 1 124 GLY 124 121 121 GLY GLY A . n 
A 1 125 ILE 125 122 122 ILE ILE A . n 
A 1 126 PRO 126 123 123 PRO PRO A . n 
A 1 127 VAL 127 124 124 VAL VAL A . n 
A 1 128 LEU 128 125 125 LEU LEU A . n 
A 1 129 VAL 129 126 126 VAL VAL A . n 
A 1 130 LEU 130 127 127 LEU LEU A . n 
A 1 131 GLY 131 128 128 GLY GLY A . n 
A 1 132 ASN 132 129 129 ASN ASN A . n 
A 1 133 LYS 133 130 130 LYS LYS A . n 
A 1 134 ARG 134 131 131 ARG ARG A . n 
A 1 135 ASP 135 132 132 ASP ASP A . n 
A 1 136 LEU 136 133 133 LEU LEU A . n 
A 1 137 PRO 137 134 134 PRO PRO A . n 
A 1 138 GLY 138 135 135 GLY GLY A . n 
A 1 139 ALA 139 136 136 ALA ALA A . n 
A 1 140 LEU 140 137 137 LEU LEU A . n 
A 1 141 ASP 141 138 138 ASP ASP A . n 
A 1 142 GLU 142 139 139 GLU GLU A . n 
A 1 143 LYS 143 140 140 LYS LYS A . n 
A 1 144 GLU 144 141 141 GLU GLU A . n 
A 1 145 LEU 145 142 142 LEU LEU A . n 
A 1 146 ILE 146 143 143 ILE ILE A . n 
A 1 147 GLU 147 144 144 GLU GLU A . n 
A 1 148 LYS 148 145 145 LYS LYS A . n 
A 1 149 MET 149 146 146 MET MET A . n 
A 1 150 ASN 150 147 147 ASN ASN A . n 
A 1 151 LEU 151 148 148 LEU LEU A . n 
A 1 152 SER 152 149 149 SER SER A . n 
A 1 153 ALA 153 150 150 ALA ALA A . n 
A 1 154 ILE 154 151 151 ILE ILE A . n 
A 1 155 GLN 155 152 152 GLN GLN A . n 
A 1 156 ASP 156 153 153 ASP ASP A . n 
A 1 157 ARG 157 154 154 ARG ARG A . n 
A 1 158 GLU 158 155 155 GLU GLU A . n 
A 1 159 ILE 159 156 156 ILE ILE A . n 
A 1 160 CYS 160 157 157 CYS CYS A . n 
A 1 161 CYS 161 158 158 CYS CYS A . n 
A 1 162 TYR 162 159 159 TYR TYR A . n 
A 1 163 SER 163 160 160 SER SER A . n 
A 1 164 ILE 164 161 161 ILE ILE A . n 
A 1 165 SER 165 162 162 SER SER A . n 
A 1 166 CYS 166 163 163 CYS CYS A . n 
A 1 167 LYS 167 164 164 LYS LYS A . n 
A 1 168 GLU 168 165 165 GLU GLU A . n 
A 1 169 LYS 169 166 166 LYS LYS A . n 
A 1 170 ASP 170 167 167 ASP ASP A . n 
A 1 171 ASN 171 168 168 ASN ASN A . n 
A 1 172 ILE 172 169 169 ILE ILE A . n 
A 1 173 ASP 173 170 170 ASP ASP A . n 
A 1 174 ILE 174 171 171 ILE ILE A . n 
A 1 175 THR 175 172 172 THR THR A . n 
A 1 176 LEU 176 173 173 LEU LEU A . n 
A 1 177 GLN 177 174 174 GLN GLN A . n 
A 1 178 TRP 178 175 175 TRP TRP A . n 
A 1 179 LEU 179 176 176 LEU LEU A . n 
A 1 180 ILE 180 177 177 ILE ILE A . n 
A 1 181 GLN 181 178 178 GLN GLN A . n 
A 1 182 HIS 182 179 179 HIS HIS A . n 
A 1 183 SER 183 180 180 SER SER A . n 
A 1 184 LYS 184 181 181 LYS LYS A . n 
A 1 185 SER 185 182 ?   ?   ?   A . n 
A 1 186 ARG 186 183 ?   ?   ?   A . n 
A 1 187 ARG 187 184 ?   ?   ?   A . n 
A 1 188 SER 188 185 ?   ?   ?   A . n 
# 
loop_
_pdbx_nonpoly_scheme.asym_id 
_pdbx_nonpoly_scheme.entity_id 
_pdbx_nonpoly_scheme.mon_id 
_pdbx_nonpoly_scheme.ndb_seq_num 
_pdbx_nonpoly_scheme.pdb_seq_num 
_pdbx_nonpoly_scheme.auth_seq_num 
_pdbx_nonpoly_scheme.pdb_mon_id 
_pdbx_nonpoly_scheme.auth_mon_id 
_pdbx_nonpoly_scheme.pdb_strand_id 
_pdbx_nonpoly_scheme.pdb_ins_code 
B 2 MG  1   202 202 MG  MG  A . 
C 3 GDP 1   201 201 GDP GDP A . 
D 4 HOH 1   301 301 HOH HOH A . 
D 4 HOH 2   302 302 HOH HOH A . 
D 4 HOH 3   303 303 HOH HOH A . 
D 4 HOH 4   304 304 HOH HOH A . 
D 4 HOH 5   305 305 HOH HOH A . 
D 4 HOH 6   306 306 HOH HOH A . 
D 4 HOH 7   307 307 HOH HOH A . 
D 4 HOH 8   308 308 HOH HOH A . 
D 4 HOH 9   309 309 HOH HOH A . 
D 4 HOH 10  310 310 HOH HOH A . 
D 4 HOH 11  311 311 HOH HOH A . 
D 4 HOH 12  312 312 HOH HOH A . 
D 4 HOH 13  313 313 HOH HOH A . 
D 4 HOH 14  314 314 HOH HOH A . 
D 4 HOH 15  315 315 HOH HOH A . 
D 4 HOH 16  316 316 HOH HOH A . 
D 4 HOH 17  317 317 HOH HOH A . 
D 4 HOH 18  318 318 HOH HOH A . 
D 4 HOH 19  319 319 HOH HOH A . 
D 4 HOH 20  320 320 HOH HOH A . 
D 4 HOH 21  321 321 HOH HOH A . 
D 4 HOH 22  322 322 HOH HOH A . 
D 4 HOH 23  323 323 HOH HOH A . 
D 4 HOH 24  324 324 HOH HOH A . 
D 4 HOH 25  325 325 HOH HOH A . 
D 4 HOH 26  326 326 HOH HOH A . 
D 4 HOH 27  327 327 HOH HOH A . 
D 4 HOH 28  328 328 HOH HOH A . 
D 4 HOH 29  329 329 HOH HOH A . 
D 4 HOH 30  330 330 HOH HOH A . 
D 4 HOH 31  331 331 HOH HOH A . 
D 4 HOH 32  332 332 HOH HOH A . 
D 4 HOH 33  333 333 HOH HOH A . 
D 4 HOH 34  334 334 HOH HOH A . 
D 4 HOH 35  335 335 HOH HOH A . 
D 4 HOH 36  336 336 HOH HOH A . 
D 4 HOH 37  337 337 HOH HOH A . 
D 4 HOH 38  338 338 HOH HOH A . 
D 4 HOH 39  339 339 HOH HOH A . 
D 4 HOH 40  340 340 HOH HOH A . 
D 4 HOH 41  341 341 HOH HOH A . 
D 4 HOH 42  342 342 HOH HOH A . 
D 4 HOH 43  343 343 HOH HOH A . 
D 4 HOH 44  344 344 HOH HOH A . 
D 4 HOH 45  345 345 HOH HOH A . 
D 4 HOH 46  346 346 HOH HOH A . 
D 4 HOH 47  347 347 HOH HOH A . 
D 4 HOH 48  348 348 HOH HOH A . 
D 4 HOH 49  349 349 HOH HOH A . 
D 4 HOH 50  350 350 HOH HOH A . 
D 4 HOH 51  351 351 HOH HOH A . 
D 4 HOH 52  352 352 HOH HOH A . 
D 4 HOH 53  353 353 HOH HOH A . 
D 4 HOH 54  354 354 HOH HOH A . 
D 4 HOH 55  355 355 HOH HOH A . 
D 4 HOH 56  356 356 HOH HOH A . 
D 4 HOH 57  357 357 HOH HOH A . 
D 4 HOH 58  358 358 HOH HOH A . 
D 4 HOH 59  359 359 HOH HOH A . 
D 4 HOH 60  360 360 HOH HOH A . 
D 4 HOH 61  361 361 HOH HOH A . 
D 4 HOH 62  362 362 HOH HOH A . 
D 4 HOH 63  363 363 HOH HOH A . 
D 4 HOH 64  364 364 HOH HOH A . 
D 4 HOH 65  365 365 HOH HOH A . 
D 4 HOH 66  366 366 HOH HOH A . 
D 4 HOH 67  367 367 HOH HOH A . 
D 4 HOH 68  368 368 HOH HOH A . 
D 4 HOH 69  369 369 HOH HOH A . 
D 4 HOH 70  370 370 HOH HOH A . 
D 4 HOH 71  371 371 HOH HOH A . 
D 4 HOH 72  372 372 HOH HOH A . 
D 4 HOH 73  373 373 HOH HOH A . 
D 4 HOH 74  374 374 HOH HOH A . 
D 4 HOH 75  375 375 HOH HOH A . 
D 4 HOH 76  376 376 HOH HOH A . 
D 4 HOH 77  377 377 HOH HOH A . 
D 4 HOH 78  378 378 HOH HOH A . 
D 4 HOH 79  379 379 HOH HOH A . 
D 4 HOH 80  380 380 HOH HOH A . 
D 4 HOH 81  381 381 HOH HOH A . 
D 4 HOH 82  382 382 HOH HOH A . 
D 4 HOH 83  383 383 HOH HOH A . 
D 4 HOH 84  384 384 HOH HOH A . 
D 4 HOH 85  385 385 HOH HOH A . 
D 4 HOH 86  386 386 HOH HOH A . 
D 4 HOH 87  387 387 HOH HOH A . 
D 4 HOH 88  388 388 HOH HOH A . 
D 4 HOH 89  389 389 HOH HOH A . 
D 4 HOH 90  390 390 HOH HOH A . 
D 4 HOH 91  391 391 HOH HOH A . 
D 4 HOH 92  392 392 HOH HOH A . 
D 4 HOH 93  393 393 HOH HOH A . 
D 4 HOH 94  394 394 HOH HOH A . 
D 4 HOH 95  395 395 HOH HOH A . 
D 4 HOH 96  396 396 HOH HOH A . 
D 4 HOH 97  397 397 HOH HOH A . 
D 4 HOH 98  398 398 HOH HOH A . 
D 4 HOH 99  399 399 HOH HOH A . 
D 4 HOH 100 400 400 HOH HOH A . 
D 4 HOH 101 401 401 HOH HOH A . 
D 4 HOH 102 402 402 HOH HOH A . 
D 4 HOH 103 403 403 HOH HOH A . 
D 4 HOH 104 404 404 HOH HOH A . 
D 4 HOH 105 405 405 HOH HOH A . 
D 4 HOH 106 406 406 HOH HOH A . 
D 4 HOH 107 407 407 HOH HOH A . 
D 4 HOH 108 408 408 HOH HOH A . 
D 4 HOH 109 409 409 HOH HOH A . 
D 4 HOH 110 410 410 HOH HOH A . 
D 4 HOH 111 411 411 HOH HOH A . 
D 4 HOH 112 412 412 HOH HOH A . 
D 4 HOH 113 413 413 HOH HOH A . 
D 4 HOH 114 414 414 HOH HOH A . 
D 4 HOH 115 415 415 HOH HOH A . 
D 4 HOH 116 416 416 HOH HOH A . 
D 4 HOH 117 417 417 HOH HOH A . 
D 4 HOH 118 418 418 HOH HOH A . 
D 4 HOH 119 419 419 HOH HOH A . 
D 4 HOH 120 420 420 HOH HOH A . 
D 4 HOH 121 421 421 HOH HOH A . 
D 4 HOH 122 422 422 HOH HOH A . 
D 4 HOH 123 423 423 HOH HOH A . 
D 4 HOH 124 424 424 HOH HOH A . 
D 4 HOH 125 425 425 HOH HOH A . 
D 4 HOH 126 426 426 HOH HOH A . 
D 4 HOH 127 427 427 HOH HOH A . 
D 4 HOH 128 428 428 HOH HOH A . 
D 4 HOH 129 429 429 HOH HOH A . 
D 4 HOH 130 430 430 HOH HOH A . 
D 4 HOH 131 431 431 HOH HOH A . 
D 4 HOH 132 432 432 HOH HOH A . 
D 4 HOH 133 433 433 HOH HOH A . 
D 4 HOH 134 434 434 HOH HOH A . 
D 4 HOH 135 435 435 HOH HOH A . 
# 
loop_
_software.name 
_software.classification 
_software.version 
_software.citation_id 
_software.pdbx_ordinal 
REFMAC       refinement       5.2.0005 ? 1 
CrystalClear 'data reduction' .        ? 2 
CrystalClear 'data scaling'   .        ? 3 
MLPHARE      phasing          .        ? 4 
# 
_cell.entry_id           1ZD9 
_cell.length_a           61.731 
_cell.length_b           72.092 
_cell.length_c           36.416 
_cell.angle_alpha        90.00 
_cell.angle_beta         90.00 
_cell.angle_gamma        90.00 
_cell.Z_PDB              4 
_cell.pdbx_unique_axis   ? 
# 
_symmetry.entry_id                         1ZD9 
_symmetry.space_group_name_H-M             'P 21 21 21' 
_symmetry.pdbx_full_space_group_name_H-M   ? 
_symmetry.cell_setting                     ? 
_symmetry.Int_Tables_number                19 
_symmetry.space_group_name_Hall            ? 
# 
_exptl.entry_id          1ZD9 
_exptl.method            'X-RAY DIFFRACTION' 
_exptl.crystals_number   1 
# 
_exptl_crystal.id                    1 
_exptl_crystal.density_meas          ? 
_exptl_crystal.density_Matthews      2.0 
_exptl_crystal.density_percent_sol   38.8 
_exptl_crystal.description           ? 
_exptl_crystal.F_000                 ? 
_exptl_crystal.preparation           ? 
# 
_exptl_crystal_grow.crystal_id      1 
_exptl_crystal_grow.method          'VAPOR DIFFUSION, SITTING DROP' 
_exptl_crystal_grow.temp            291 
_exptl_crystal_grow.temp_details    ? 
_exptl_crystal_grow.pH              8.5 
_exptl_crystal_grow.pdbx_details    'PEG 4000, Magnesium Chloride, Tris, pH 8.5, VAPOR DIFFUSION, SITTING DROP, temperature 291K' 
_exptl_crystal_grow.pdbx_pH_range   . 
# 
_diffrn.id                     1 
_diffrn.ambient_temp           100 
_diffrn.ambient_temp_details   ? 
_diffrn.crystal_id             1 
# 
_diffrn_detector.diffrn_id              1 
_diffrn_detector.detector               'IMAGE PLATE' 
_diffrn_detector.type                   'RIGAKU RAXIS IV' 
_diffrn_detector.pdbx_collection_date   2005-03-30 
_diffrn_detector.details                ? 
# 
_diffrn_radiation.diffrn_id                        1 
_diffrn_radiation.wavelength_id                    1 
_diffrn_radiation.pdbx_monochromatic_or_laue_m_l   M 
_diffrn_radiation.monochromator                    'CONFOCAL MAXFLUX OPTICS' 
_diffrn_radiation.pdbx_diffrn_protocol             'SINGLE WAVELENGTH' 
_diffrn_radiation.pdbx_scattering_type             x-ray 
# 
_diffrn_radiation_wavelength.id           1 
_diffrn_radiation_wavelength.wavelength   1.5418 
_diffrn_radiation_wavelength.wt           1.0 
# 
_diffrn_source.diffrn_id                   1 
_diffrn_source.source                      'ROTATING ANODE' 
_diffrn_source.type                        'RIGAKU FR-E' 
_diffrn_source.pdbx_synchrotron_site       ? 
_diffrn_source.pdbx_synchrotron_beamline   ? 
_diffrn_source.pdbx_wavelength             ? 
_diffrn_source.pdbx_wavelength_list        1.5418 
# 
_reflns.entry_id                     1ZD9 
_reflns.observed_criterion_sigma_F   1 
_reflns.observed_criterion_sigma_I   1 
_reflns.d_resolution_high            1.70 
_reflns.d_resolution_low             36.05 
_reflns.number_all                   18430 
_reflns.number_obs                   18430 
_reflns.percent_possible_obs         99.1 
_reflns.pdbx_Rmerge_I_obs            0.046 
_reflns.pdbx_Rsym_value              ? 
_reflns.pdbx_netI_over_sigmaI        ? 
_reflns.B_iso_Wilson_estimate        22.69 
_reflns.pdbx_redundancy              6.7 
_reflns.R_free_details               ? 
_reflns.limit_h_max                  ? 
_reflns.limit_h_min                  ? 
_reflns.limit_k_max                  ? 
_reflns.limit_k_min                  ? 
_reflns.limit_l_max                  ? 
_reflns.limit_l_min                  ? 
_reflns.observed_criterion_F_max     ? 
_reflns.observed_criterion_F_min     ? 
_reflns.pdbx_chi_squared             ? 
_reflns.pdbx_scaling_rejects         ? 
_reflns.pdbx_diffrn_id               1 
_reflns.pdbx_ordinal                 1 
# 
_reflns_shell.d_res_high             1.70 
_reflns_shell.d_res_low              1.76 
_reflns_shell.percent_possible_all   91.7 
_reflns_shell.Rmerge_I_obs           0.225 
_reflns_shell.pdbx_Rsym_value        ? 
_reflns_shell.meanI_over_sigI_obs    ? 
_reflns_shell.pdbx_redundancy        5.8 
_reflns_shell.percent_possible_obs   ? 
_reflns_shell.number_unique_all      1692 
_reflns_shell.number_measured_all    ? 
_reflns_shell.number_measured_obs    ? 
_reflns_shell.number_unique_obs      ? 
_reflns_shell.pdbx_chi_squared       ? 
_reflns_shell.pdbx_diffrn_id         ? 
_reflns_shell.pdbx_ordinal           1 
# 
_refine.entry_id                                 1ZD9 
_refine.ls_number_reflns_obs                     17464 
_refine.ls_number_reflns_all                     18402 
_refine.pdbx_ls_sigma_I                          ? 
_refine.pdbx_ls_sigma_F                          0 
_refine.pdbx_data_cutoff_high_absF               ? 
_refine.pdbx_data_cutoff_low_absF                ? 
_refine.pdbx_data_cutoff_high_rms_absF           ? 
_refine.ls_d_res_low                             36.05 
_refine.ls_d_res_high                            1.70 
_refine.ls_percent_reflns_obs                    99.08 
_refine.ls_R_factor_obs                          0.21371 
_refine.ls_R_factor_all                          0.21371 
_refine.ls_R_factor_R_work                       0.2118 
_refine.ls_R_factor_R_free                       0.24802 
_refine.ls_R_factor_R_free_error                 ? 
_refine.ls_R_factor_R_free_error_details         ? 
_refine.ls_percent_reflns_R_free                 5.1 
_refine.ls_number_reflns_R_free                  938 
_refine.ls_number_parameters                     ? 
_refine.ls_number_restraints                     ? 
_refine.occupancy_min                            ? 
_refine.occupancy_max                            ? 
_refine.correlation_coeff_Fo_to_Fc               0.947 
_refine.correlation_coeff_Fo_to_Fc_free          0.929 
_refine.B_iso_mean                               20.037 
_refine.aniso_B[1][1]                            0.24 
_refine.aniso_B[2][2]                            -0.65 
_refine.aniso_B[3][3]                            0.41 
_refine.aniso_B[1][2]                            0.00 
_refine.aniso_B[1][3]                            0.00 
_refine.aniso_B[2][3]                            0.00 
_refine.solvent_model_details                    MASK 
_refine.solvent_model_param_ksol                 ? 
_refine.solvent_model_param_bsol                 ? 
_refine.pdbx_solvent_vdw_probe_radii             1.20 
_refine.pdbx_solvent_ion_probe_radii             0.80 
_refine.pdbx_solvent_shrinkage_radii             0.80 
_refine.pdbx_ls_cross_valid_method               THROUGHOUT 
_refine.details                                  'HYDROGENS HAVE BEEN ADDED IN THE RIDING POSITIONS' 
_refine.pdbx_starting_model                      ? 
_refine.pdbx_method_to_determine_struct          SIRAD 
_refine.pdbx_isotropic_thermal_model             ? 
_refine.pdbx_stereochemistry_target_values       'MAXIMUM LIKELIHOOD' 
_refine.pdbx_stereochem_target_val_spec_case     ? 
_refine.pdbx_R_Free_selection_details            RANDOM 
_refine.pdbx_overall_ESU_R                       0.132 
_refine.pdbx_overall_ESU_R_Free                  0.125 
_refine.overall_SU_ML                            0.080 
_refine.overall_SU_B                             2.352 
_refine.ls_redundancy_reflns_obs                 ? 
_refine.B_iso_min                                ? 
_refine.B_iso_max                                ? 
_refine.overall_SU_R_Cruickshank_DPI             ? 
_refine.overall_SU_R_free                        ? 
_refine.ls_wR_factor_R_free                      ? 
_refine.ls_wR_factor_R_work                      ? 
_refine.overall_FOM_free_R_set                   ? 
_refine.overall_FOM_work_R_set                   ? 
_refine.pdbx_refine_id                           'X-RAY DIFFRACTION' 
_refine.pdbx_diffrn_id                           1 
_refine.pdbx_TLS_residual_ADP_flag               ? 
_refine.pdbx_overall_phase_error                 ? 
_refine.pdbx_overall_SU_R_free_Cruickshank_DPI   ? 
_refine.pdbx_overall_SU_R_Blow_DPI               ? 
_refine.pdbx_overall_SU_R_free_Blow_DPI          ? 
# 
_refine_hist.pdbx_refine_id                   'X-RAY DIFFRACTION' 
_refine_hist.cycle_id                         LAST 
_refine_hist.pdbx_number_atoms_protein        1320 
_refine_hist.pdbx_number_atoms_nucleic_acid   0 
_refine_hist.pdbx_number_atoms_ligand         29 
_refine_hist.number_atoms_solvent             135 
_refine_hist.number_atoms_total               1484 
_refine_hist.d_res_high                       1.70 
_refine_hist.d_res_low                        36.05 
# 
loop_
_refine_ls_restr.type 
_refine_ls_restr.dev_ideal 
_refine_ls_restr.dev_ideal_target 
_refine_ls_restr.weight 
_refine_ls_restr.number 
_refine_ls_restr.pdbx_refine_id 
_refine_ls_restr.pdbx_restraint_function 
r_bond_refined_d             0.014  0.022  ? 1370 'X-RAY DIFFRACTION' ? 
r_bond_other_d               ?      ?      ? ?    'X-RAY DIFFRACTION' ? 
r_angle_refined_deg          1.561  1.996  ? 1851 'X-RAY DIFFRACTION' ? 
r_angle_other_deg            ?      ?      ? ?    'X-RAY DIFFRACTION' ? 
r_dihedral_angle_1_deg       5.254  5.000  ? 165  'X-RAY DIFFRACTION' ? 
r_dihedral_angle_2_deg       33.695 25.574 ? 61   'X-RAY DIFFRACTION' ? 
r_dihedral_angle_3_deg       13.635 15.000 ? 264  'X-RAY DIFFRACTION' ? 
r_dihedral_angle_4_deg       25.128 15.000 ? 7    'X-RAY DIFFRACTION' ? 
r_chiral_restr               0.100  0.200  ? 207  'X-RAY DIFFRACTION' ? 
r_gen_planes_refined         0.006  0.020  ? 993  'X-RAY DIFFRACTION' ? 
r_gen_planes_other           ?      ?      ? ?    'X-RAY DIFFRACTION' ? 
r_nbd_refined                0.208  0.200  ? 669  'X-RAY DIFFRACTION' ? 
r_nbd_other                  ?      ?      ? ?    'X-RAY DIFFRACTION' ? 
r_nbtor_refined              0.309  0.200  ? 929  'X-RAY DIFFRACTION' ? 
r_nbtor_other                ?      ?      ? ?    'X-RAY DIFFRACTION' ? 
r_xyhbond_nbd_refined        0.118  0.200  ? 113  'X-RAY DIFFRACTION' ? 
r_xyhbond_nbd_other          ?      ?      ? ?    'X-RAY DIFFRACTION' ? 
r_metal_ion_refined          ?      ?      ? ?    'X-RAY DIFFRACTION' ? 
r_metal_ion_other            ?      ?      ? ?    'X-RAY DIFFRACTION' ? 
r_symmetry_vdw_refined       0.154  0.200  ? 31   'X-RAY DIFFRACTION' ? 
r_symmetry_vdw_other         ?      ?      ? ?    'X-RAY DIFFRACTION' ? 
r_symmetry_hbond_refined     0.160  0.200  ? 16   'X-RAY DIFFRACTION' ? 
r_symmetry_hbond_other       ?      ?      ? ?    'X-RAY DIFFRACTION' ? 
r_symmetry_metal_ion_refined ?      ?      ? ?    'X-RAY DIFFRACTION' ? 
r_symmetry_metal_ion_other   ?      ?      ? ?    'X-RAY DIFFRACTION' ? 
r_mcbond_it                  1.085  1.500  ? 852  'X-RAY DIFFRACTION' ? 
r_mcbond_other               ?      ?      ? ?    'X-RAY DIFFRACTION' ? 
r_mcangle_it                 1.570  2.000  ? 1332 'X-RAY DIFFRACTION' ? 
r_scbond_it                  2.771  3.000  ? 603  'X-RAY DIFFRACTION' ? 
r_scangle_it                 4.051  4.500  ? 519  'X-RAY DIFFRACTION' ? 
r_rigid_bond_restr           ?      ?      ? ?    'X-RAY DIFFRACTION' ? 
r_sphericity_free            ?      ?      ? ?    'X-RAY DIFFRACTION' ? 
r_sphericity_bonded          ?      ?      ? ?    'X-RAY DIFFRACTION' ? 
# 
_refine_ls_shell.pdbx_total_number_of_bins_used   20 
_refine_ls_shell.d_res_high                       1.698 
_refine_ls_shell.d_res_low                        1.743 
_refine_ls_shell.number_reflns_R_work             1136 
_refine_ls_shell.R_factor_R_work                  0.398 
_refine_ls_shell.percent_reflns_obs               88.60 
_refine_ls_shell.R_factor_R_free                  0.435 
_refine_ls_shell.R_factor_R_free_error            ? 
_refine_ls_shell.percent_reflns_R_free            ? 
_refine_ls_shell.number_reflns_R_free             61 
_refine_ls_shell.number_reflns_obs                ? 
_refine_ls_shell.redundancy_reflns_obs            ? 
_refine_ls_shell.number_reflns_all                ? 
_refine_ls_shell.pdbx_refine_id                   'X-RAY DIFFRACTION' 
_refine_ls_shell.R_factor_all                     ? 
# 
_struct.entry_id                  1ZD9 
_struct.title                     'Structure of human ADP-ribosylation factor-like 10B' 
_struct.pdbx_model_details        ? 
_struct.pdbx_CASP_flag            ? 
_struct.pdbx_model_type_details   ? 
# 
_struct_keywords.entry_id        1ZD9 
_struct_keywords.pdbx_keywords   'TRANSPORT PROTEIN' 
_struct_keywords.text            
'transport protein, GDP-binding, membrane trafficking, Structural Genomics, Structural Genomics Consortium, SGC' 
# 
loop_
_struct_asym.id 
_struct_asym.pdbx_blank_PDB_chainid_flag 
_struct_asym.pdbx_modified 
_struct_asym.entity_id 
_struct_asym.details 
A N N 1 ? 
B N N 2 ? 
C N N 3 ? 
D N N 4 ? 
# 
_struct_ref.id                         1 
_struct_ref.db_name                    UNP 
_struct_ref.db_code                    Q96BM9_HUMAN 
_struct_ref.pdbx_db_accession          Q96BM9 
_struct_ref.entity_id                  1 
_struct_ref.pdbx_seq_one_letter_code   
;KEEMELTLVGLQYSGKTTFVNVIASGQFNEDMIPTVGFNMRKITKGNVTIKLWDIGGQPRFRSMWERYCRGVSAIVYMVD
AADQEKIEASKNELHNLLDKPQLQGIPVLVLGNKRDLPGALDEKELIEKMNLSAIQDREICCYSISCKEKDNIDITLQWL
IQHSKSRRS
;
_struct_ref.pdbx_align_begin           18 
_struct_ref.pdbx_db_isoform            ? 
# 
_struct_ref_seq.align_id                      1 
_struct_ref_seq.ref_id                        1 
_struct_ref_seq.pdbx_PDB_id_code              1ZD9 
_struct_ref_seq.pdbx_strand_id                A 
_struct_ref_seq.seq_align_beg                 20 
_struct_ref_seq.pdbx_seq_align_beg_ins_code   ? 
_struct_ref_seq.seq_align_end                 188 
_struct_ref_seq.pdbx_seq_align_end_ins_code   ? 
_struct_ref_seq.pdbx_db_accession             Q96BM9 
_struct_ref_seq.db_align_beg                  18 
_struct_ref_seq.pdbx_db_align_beg_ins_code    ? 
_struct_ref_seq.db_align_end                  186 
_struct_ref_seq.pdbx_db_align_end_ins_code    ? 
_struct_ref_seq.pdbx_auth_seq_align_beg       17 
_struct_ref_seq.pdbx_auth_seq_align_end       185 
# 
loop_
_struct_ref_seq_dif.align_id 
_struct_ref_seq_dif.pdbx_pdb_id_code 
_struct_ref_seq_dif.mon_id 
_struct_ref_seq_dif.pdbx_pdb_strand_id 
_struct_ref_seq_dif.seq_num 
_struct_ref_seq_dif.pdbx_pdb_ins_code 
_struct_ref_seq_dif.pdbx_seq_db_name 
_struct_ref_seq_dif.pdbx_seq_db_accession_code 
_struct_ref_seq_dif.db_mon_id 
_struct_ref_seq_dif.pdbx_seq_db_seq_num 
_struct_ref_seq_dif.details 
_struct_ref_seq_dif.pdbx_auth_seq_num 
_struct_ref_seq_dif.pdbx_ordinal 
1 1ZD9 MET A 1  ? UNP Q96BM9 ? ? 'cloning artifact' -2 1  
1 1ZD9 GLY A 2  ? UNP Q96BM9 ? ? 'cloning artifact' -1 2  
1 1ZD9 SER A 3  ? UNP Q96BM9 ? ? 'cloning artifact' 0  3  
1 1ZD9 SER A 4  ? UNP Q96BM9 ? ? 'cloning artifact' 1  4  
1 1ZD9 HIS A 5  ? UNP Q96BM9 ? ? 'expression tag'   2  5  
1 1ZD9 HIS A 6  ? UNP Q96BM9 ? ? 'expression tag'   3  6  
1 1ZD9 HIS A 7  ? UNP Q96BM9 ? ? 'expression tag'   4  7  
1 1ZD9 HIS A 8  ? UNP Q96BM9 ? ? 'expression tag'   5  8  
1 1ZD9 HIS A 9  ? UNP Q96BM9 ? ? 'expression tag'   6  9  
1 1ZD9 HIS A 10 ? UNP Q96BM9 ? ? 'expression tag'   7  10 
1 1ZD9 SER A 11 ? UNP Q96BM9 ? ? 'cloning artifact' 8  11 
1 1ZD9 SER A 12 ? UNP Q96BM9 ? ? 'cloning artifact' 9  12 
1 1ZD9 GLY A 13 ? UNP Q96BM9 ? ? 'cloning artifact' 10 13 
1 1ZD9 LEU A 14 ? UNP Q96BM9 ? ? 'cloning artifact' 11 14 
1 1ZD9 VAL A 15 ? UNP Q96BM9 ? ? 'cloning artifact' 12 15 
1 1ZD9 PRO A 16 ? UNP Q96BM9 ? ? 'cloning artifact' 13 16 
1 1ZD9 ARG A 17 ? UNP Q96BM9 ? ? 'cloning artifact' 14 17 
1 1ZD9 GLY A 18 ? UNP Q96BM9 ? ? 'cloning artifact' 15 18 
1 1ZD9 SER A 19 ? UNP Q96BM9 ? ? 'cloning artifact' 16 19 
# 
_pdbx_struct_assembly.id                   1 
_pdbx_struct_assembly.details              author_defined_assembly 
_pdbx_struct_assembly.method_details       ? 
_pdbx_struct_assembly.oligomeric_details   monomeric 
_pdbx_struct_assembly.oligomeric_count     1 
# 
_pdbx_struct_assembly_gen.assembly_id       1 
_pdbx_struct_assembly_gen.oper_expression   1 
_pdbx_struct_assembly_gen.asym_id_list      A,B,C,D 
# 
_pdbx_struct_oper_list.id                   1 
_pdbx_struct_oper_list.type                 'identity operation' 
_pdbx_struct_oper_list.name                 1_555 
_pdbx_struct_oper_list.symmetry_operation   x,y,z 
_pdbx_struct_oper_list.matrix[1][1]         1.0000000000 
_pdbx_struct_oper_list.matrix[1][2]         0.0000000000 
_pdbx_struct_oper_list.matrix[1][3]         0.0000000000 
_pdbx_struct_oper_list.vector[1]            0.0000000000 
_pdbx_struct_oper_list.matrix[2][1]         0.0000000000 
_pdbx_struct_oper_list.matrix[2][2]         1.0000000000 
_pdbx_struct_oper_list.matrix[2][3]         0.0000000000 
_pdbx_struct_oper_list.vector[2]            0.0000000000 
_pdbx_struct_oper_list.matrix[3][1]         0.0000000000 
_pdbx_struct_oper_list.matrix[3][2]         0.0000000000 
_pdbx_struct_oper_list.matrix[3][3]         1.0000000000 
_pdbx_struct_oper_list.vector[3]            0.0000000000 
# 
loop_
_struct_conf.conf_type_id 
_struct_conf.id 
_struct_conf.pdbx_PDB_helix_id 
_struct_conf.beg_label_comp_id 
_struct_conf.beg_label_asym_id 
_struct_conf.beg_label_seq_id 
_struct_conf.pdbx_beg_PDB_ins_code 
_struct_conf.end_label_comp_id 
_struct_conf.end_label_asym_id 
_struct_conf.end_label_seq_id 
_struct_conf.pdbx_end_PDB_ins_code 
_struct_conf.beg_auth_comp_id 
_struct_conf.beg_auth_asym_id 
_struct_conf.beg_auth_seq_id 
_struct_conf.end_auth_comp_id 
_struct_conf.end_auth_asym_id 
_struct_conf.end_auth_seq_id 
_struct_conf.pdbx_PDB_helix_class 
_struct_conf.details 
_struct_conf.pdbx_PDB_helix_length 
HELX_P HELX_P1 1 GLY A 34  ? GLY A 45  ? GLY A 31  GLY A 42  1 ? 12 
HELX_P HELX_P2 2 GLN A 77  ? SER A 82  ? GLN A 74  SER A 79  1 ? 6  
HELX_P HELX_P3 3 MET A 83  ? ARG A 89  ? MET A 80  ARG A 86  1 ? 7  
HELX_P HELX_P4 4 ASP A 102 ? GLU A 104 ? ASP A 99  GLU A 101 5 ? 3  
HELX_P HELX_P5 5 LYS A 105 ? ASP A 118 ? LYS A 102 ASP A 115 1 ? 14 
HELX_P HELX_P6 6 LYS A 119 ? GLN A 123 ? LYS A 116 GLN A 120 5 ? 5  
HELX_P HELX_P7 7 ASP A 141 ? MET A 149 ? ASP A 138 MET A 146 1 ? 9  
HELX_P HELX_P8 8 ASN A 150 ? ILE A 154 ? ASN A 147 ILE A 151 5 ? 5  
HELX_P HELX_P9 9 ASN A 171 ? HIS A 182 ? ASN A 168 HIS A 179 1 ? 12 
# 
_struct_conf_type.id          HELX_P 
_struct_conf_type.criteria    ? 
_struct_conf_type.reference   ? 
# 
loop_
_struct_conn.id 
_struct_conn.conn_type_id 
_struct_conn.pdbx_leaving_atom_flag 
_struct_conn.pdbx_PDB_id 
_struct_conn.ptnr1_label_asym_id 
_struct_conn.ptnr1_label_comp_id 
_struct_conn.ptnr1_label_seq_id 
_struct_conn.ptnr1_label_atom_id 
_struct_conn.pdbx_ptnr1_label_alt_id 
_struct_conn.pdbx_ptnr1_PDB_ins_code 
_struct_conn.pdbx_ptnr1_standard_comp_id 
_struct_conn.ptnr1_symmetry 
_struct_conn.ptnr2_label_asym_id 
_struct_conn.ptnr2_label_comp_id 
_struct_conn.ptnr2_label_seq_id 
_struct_conn.ptnr2_label_atom_id 
_struct_conn.pdbx_ptnr2_label_alt_id 
_struct_conn.pdbx_ptnr2_PDB_ins_code 
_struct_conn.ptnr1_auth_asym_id 
_struct_conn.ptnr1_auth_comp_id 
_struct_conn.ptnr1_auth_seq_id 
_struct_conn.ptnr2_auth_asym_id 
_struct_conn.ptnr2_auth_comp_id 
_struct_conn.ptnr2_auth_seq_id 
_struct_conn.ptnr2_symmetry 
_struct_conn.pdbx_ptnr3_label_atom_id 
_struct_conn.pdbx_ptnr3_label_seq_id 
_struct_conn.pdbx_ptnr3_label_comp_id 
_struct_conn.pdbx_ptnr3_label_asym_id 
_struct_conn.pdbx_ptnr3_label_alt_id 
_struct_conn.pdbx_ptnr3_PDB_ins_code 
_struct_conn.details 
_struct_conn.pdbx_dist_value 
_struct_conn.pdbx_value_order 
_struct_conn.pdbx_role 
metalc1 metalc ? ? A THR 36 OG1 ? ? ? 1_555 B MG  . MG ? ? A THR 33  A MG  202 1_555 ? ? ? ? ? ? ? 2.221 ? ? 
metalc2 metalc ? ? C GDP .  O1B ? ? ? 1_555 B MG  . MG ? ? A GDP 201 A MG  202 1_555 ? ? ? ? ? ? ? 2.284 ? ? 
metalc3 metalc ? ? B MG  .  MG  ? ? ? 1_555 D HOH . O  ? ? A MG  202 A HOH 322 1_555 ? ? ? ? ? ? ? 2.507 ? ? 
metalc4 metalc ? ? B MG  .  MG  ? ? ? 1_555 D HOH . O  ? ? A MG  202 A HOH 337 1_555 ? ? ? ? ? ? ? 2.349 ? ? 
metalc5 metalc ? ? B MG  .  MG  ? ? ? 1_555 D HOH . O  ? ? A MG  202 A HOH 382 1_555 ? ? ? ? ? ? ? 2.241 ? ? 
metalc6 metalc ? ? B MG  .  MG  ? ? ? 1_555 D HOH . O  ? ? A MG  202 A HOH 400 1_555 ? ? ? ? ? ? ? 2.279 ? ? 
# 
_struct_conn_type.id          metalc 
_struct_conn_type.criteria    ? 
_struct_conn_type.reference   ? 
# 
loop_
_pdbx_struct_conn_angle.id 
_pdbx_struct_conn_angle.ptnr1_label_atom_id 
_pdbx_struct_conn_angle.ptnr1_label_alt_id 
_pdbx_struct_conn_angle.ptnr1_label_asym_id 
_pdbx_struct_conn_angle.ptnr1_label_comp_id 
_pdbx_struct_conn_angle.ptnr1_label_seq_id 
_pdbx_struct_conn_angle.ptnr1_auth_atom_id 
_pdbx_struct_conn_angle.ptnr1_auth_asym_id 
_pdbx_struct_conn_angle.ptnr1_auth_comp_id 
_pdbx_struct_conn_angle.ptnr1_auth_seq_id 
_pdbx_struct_conn_angle.ptnr1_PDB_ins_code 
_pdbx_struct_conn_angle.ptnr1_symmetry 
_pdbx_struct_conn_angle.ptnr2_label_atom_id 
_pdbx_struct_conn_angle.ptnr2_label_alt_id 
_pdbx_struct_conn_angle.ptnr2_label_asym_id 
_pdbx_struct_conn_angle.ptnr2_label_comp_id 
_pdbx_struct_conn_angle.ptnr2_label_seq_id 
_pdbx_struct_conn_angle.ptnr2_auth_atom_id 
_pdbx_struct_conn_angle.ptnr2_auth_asym_id 
_pdbx_struct_conn_angle.ptnr2_auth_comp_id 
_pdbx_struct_conn_angle.ptnr2_auth_seq_id 
_pdbx_struct_conn_angle.ptnr2_PDB_ins_code 
_pdbx_struct_conn_angle.ptnr2_symmetry 
_pdbx_struct_conn_angle.ptnr3_label_atom_id 
_pdbx_struct_conn_angle.ptnr3_label_alt_id 
_pdbx_struct_conn_angle.ptnr3_label_asym_id 
_pdbx_struct_conn_angle.ptnr3_label_comp_id 
_pdbx_struct_conn_angle.ptnr3_label_seq_id 
_pdbx_struct_conn_angle.ptnr3_auth_atom_id 
_pdbx_struct_conn_angle.ptnr3_auth_asym_id 
_pdbx_struct_conn_angle.ptnr3_auth_comp_id 
_pdbx_struct_conn_angle.ptnr3_auth_seq_id 
_pdbx_struct_conn_angle.ptnr3_PDB_ins_code 
_pdbx_struct_conn_angle.ptnr3_symmetry 
_pdbx_struct_conn_angle.value 
_pdbx_struct_conn_angle.value_esd 
1  OG1 ? A THR 36 ? A THR 33  ? 1_555 MG ? B MG . ? A MG 202 ? 1_555 O1B ? C GDP . ? A GDP 201 ? 1_555 90.8  ? 
2  OG1 ? A THR 36 ? A THR 33  ? 1_555 MG ? B MG . ? A MG 202 ? 1_555 O   ? D HOH . ? A HOH 322 ? 1_555 91.5  ? 
3  O1B ? C GDP .  ? A GDP 201 ? 1_555 MG ? B MG . ? A MG 202 ? 1_555 O   ? D HOH . ? A HOH 322 ? 1_555 171.6 ? 
4  OG1 ? A THR 36 ? A THR 33  ? 1_555 MG ? B MG . ? A MG 202 ? 1_555 O   ? D HOH . ? A HOH 337 ? 1_555 87.3  ? 
5  O1B ? C GDP .  ? A GDP 201 ? 1_555 MG ? B MG . ? A MG 202 ? 1_555 O   ? D HOH . ? A HOH 337 ? 1_555 94.8  ? 
6  O   ? D HOH .  ? A HOH 322 ? 1_555 MG ? B MG . ? A MG 202 ? 1_555 O   ? D HOH . ? A HOH 337 ? 1_555 77.3  ? 
7  OG1 ? A THR 36 ? A THR 33  ? 1_555 MG ? B MG . ? A MG 202 ? 1_555 O   ? D HOH . ? A HOH 382 ? 1_555 94.1  ? 
8  O1B ? C GDP .  ? A GDP 201 ? 1_555 MG ? B MG . ? A MG 202 ? 1_555 O   ? D HOH . ? A HOH 382 ? 1_555 89.2  ? 
9  O   ? D HOH .  ? A HOH 322 ? 1_555 MG ? B MG . ? A MG 202 ? 1_555 O   ? D HOH . ? A HOH 382 ? 1_555 98.7  ? 
10 O   ? D HOH .  ? A HOH 337 ? 1_555 MG ? B MG . ? A MG 202 ? 1_555 O   ? D HOH . ? A HOH 382 ? 1_555 175.8 ? 
11 OG1 ? A THR 36 ? A THR 33  ? 1_555 MG ? B MG . ? A MG 202 ? 1_555 O   ? D HOH . ? A HOH 400 ? 1_555 177.4 ? 
12 O1B ? C GDP .  ? A GDP 201 ? 1_555 MG ? B MG . ? A MG 202 ? 1_555 O   ? D HOH . ? A HOH 400 ? 1_555 86.8  ? 
13 O   ? D HOH .  ? A HOH 322 ? 1_555 MG ? B MG . ? A MG 202 ? 1_555 O   ? D HOH . ? A HOH 400 ? 1_555 90.7  ? 
14 O   ? D HOH .  ? A HOH 337 ? 1_555 MG ? B MG . ? A MG 202 ? 1_555 O   ? D HOH . ? A HOH 400 ? 1_555 91.9  ? 
15 O   ? D HOH .  ? A HOH 382 ? 1_555 MG ? B MG . ? A MG 202 ? 1_555 O   ? D HOH . ? A HOH 400 ? 1_555 86.9  ? 
# 
_struct_sheet.id               A 
_struct_sheet.type             ? 
_struct_sheet.number_strands   6 
_struct_sheet.details          ? 
# 
loop_
_struct_sheet_order.sheet_id 
_struct_sheet_order.range_id_1 
_struct_sheet_order.range_id_2 
_struct_sheet_order.offset 
_struct_sheet_order.sense 
A 1 2 ? anti-parallel 
A 2 3 ? parallel      
A 3 4 ? parallel      
A 4 5 ? parallel      
A 5 6 ? parallel      
# 
loop_
_struct_sheet_range.sheet_id 
_struct_sheet_range.id 
_struct_sheet_range.beg_label_comp_id 
_struct_sheet_range.beg_label_asym_id 
_struct_sheet_range.beg_label_seq_id 
_struct_sheet_range.pdbx_beg_PDB_ins_code 
_struct_sheet_range.end_label_comp_id 
_struct_sheet_range.end_label_asym_id 
_struct_sheet_range.end_label_seq_id 
_struct_sheet_range.pdbx_end_PDB_ins_code 
_struct_sheet_range.beg_auth_comp_id 
_struct_sheet_range.beg_auth_asym_id 
_struct_sheet_range.beg_auth_seq_id 
_struct_sheet_range.end_auth_comp_id 
_struct_sheet_range.end_auth_asym_id 
_struct_sheet_range.end_auth_seq_id 
A 1 PHE A 57  ? LYS A 64  ? PHE A 54  LYS A 61  
A 2 VAL A 67  ? ILE A 74  ? VAL A 64  ILE A 71  
A 3 GLU A 21  ? VAL A 28  ? GLU A 18  VAL A 25  
A 4 ALA A 93  ? ASP A 99  ? ALA A 90  ASP A 96  
A 5 VAL A 127 ? ASN A 132 ? VAL A 124 ASN A 129 
A 6 ILE A 159 ? SER A 163 ? ILE A 156 SER A 160 
# 
loop_
_pdbx_struct_sheet_hbond.sheet_id 
_pdbx_struct_sheet_hbond.range_id_1 
_pdbx_struct_sheet_hbond.range_id_2 
_pdbx_struct_sheet_hbond.range_1_label_atom_id 
_pdbx_struct_sheet_hbond.range_1_label_comp_id 
_pdbx_struct_sheet_hbond.range_1_label_asym_id 
_pdbx_struct_sheet_hbond.range_1_label_seq_id 
_pdbx_struct_sheet_hbond.range_1_PDB_ins_code 
_pdbx_struct_sheet_hbond.range_1_auth_atom_id 
_pdbx_struct_sheet_hbond.range_1_auth_comp_id 
_pdbx_struct_sheet_hbond.range_1_auth_asym_id 
_pdbx_struct_sheet_hbond.range_1_auth_seq_id 
_pdbx_struct_sheet_hbond.range_2_label_atom_id 
_pdbx_struct_sheet_hbond.range_2_label_comp_id 
_pdbx_struct_sheet_hbond.range_2_label_asym_id 
_pdbx_struct_sheet_hbond.range_2_label_seq_id 
_pdbx_struct_sheet_hbond.range_2_PDB_ins_code 
_pdbx_struct_sheet_hbond.range_2_auth_atom_id 
_pdbx_struct_sheet_hbond.range_2_auth_comp_id 
_pdbx_struct_sheet_hbond.range_2_auth_asym_id 
_pdbx_struct_sheet_hbond.range_2_auth_seq_id 
A 1 2 N ILE A 62  ? N ILE A 59  O ILE A 69  ? O ILE A 66  
A 2 3 O TRP A 72  ? O TRP A 69  N LEU A 27  ? N LEU A 24  
A 3 4 N THR A 26  ? N THR A 23  O VAL A 95  ? O VAL A 92  
A 4 5 N TYR A 96  ? N TYR A 93  O LEU A 128 ? O LEU A 125 
A 5 6 N VAL A 129 ? N VAL A 126 O CYS A 160 ? O CYS A 157 
# 
loop_
_struct_site.id 
_struct_site.pdbx_evidence_code 
_struct_site.pdbx_auth_asym_id 
_struct_site.pdbx_auth_comp_id 
_struct_site.pdbx_auth_seq_id 
_struct_site.pdbx_auth_ins_code 
_struct_site.pdbx_num_residues 
_struct_site.details 
AC1 Software A MG  202 ? 6  'BINDING SITE FOR RESIDUE MG A 202'  
AC2 Software A GDP 201 ? 23 'BINDING SITE FOR RESIDUE GDP A 201' 
# 
loop_
_struct_site_gen.id 
_struct_site_gen.site_id 
_struct_site_gen.pdbx_num_res 
_struct_site_gen.label_comp_id 
_struct_site_gen.label_asym_id 
_struct_site_gen.label_seq_id 
_struct_site_gen.pdbx_auth_ins_code 
_struct_site_gen.auth_comp_id 
_struct_site_gen.auth_asym_id 
_struct_site_gen.auth_seq_id 
_struct_site_gen.label_atom_id 
_struct_site_gen.label_alt_id 
_struct_site_gen.symmetry 
_struct_site_gen.details 
1  AC1 6  THR A 36  ? THR A 33  . ? 1_555 ? 
2  AC1 6  GDP C .   ? GDP A 201 . ? 1_555 ? 
3  AC1 6  HOH D .   ? HOH A 322 . ? 1_555 ? 
4  AC1 6  HOH D .   ? HOH A 337 . ? 1_555 ? 
5  AC1 6  HOH D .   ? HOH A 382 . ? 1_555 ? 
6  AC1 6  HOH D .   ? HOH A 400 . ? 1_555 ? 
7  AC2 23 TYR A 32  ? TYR A 29  . ? 1_555 ? 
8  AC2 23 SER A 33  ? SER A 30  . ? 1_555 ? 
9  AC2 23 GLY A 34  ? GLY A 31  . ? 1_555 ? 
10 AC2 23 LYS A 35  ? LYS A 32  . ? 1_555 ? 
11 AC2 23 THR A 36  ? THR A 33  . ? 1_555 ? 
12 AC2 23 THR A 37  ? THR A 34  . ? 1_555 ? 
13 AC2 23 PHE A 47  ? PHE A 44  . ? 1_555 ? 
14 AC2 23 ASN A 48  ? ASN A 45  . ? 1_555 ? 
15 AC2 23 GLU A 49  ? GLU A 46  . ? 1_555 ? 
16 AC2 23 MET A 51  ? MET A 48  . ? 1_555 ? 
17 AC2 23 ASN A 132 ? ASN A 129 . ? 1_555 ? 
18 AC2 23 LYS A 133 ? LYS A 130 . ? 1_555 ? 
19 AC2 23 ASP A 135 ? ASP A 132 . ? 1_555 ? 
20 AC2 23 LEU A 136 ? LEU A 133 . ? 1_555 ? 
21 AC2 23 SER A 165 ? SER A 162 . ? 1_555 ? 
22 AC2 23 CYS A 166 ? CYS A 163 . ? 1_555 ? 
23 AC2 23 LYS A 167 ? LYS A 164 . ? 1_555 ? 
24 AC2 23 MG  B .   ? MG  A 202 . ? 1_555 ? 
25 AC2 23 HOH D .   ? HOH A 376 . ? 1_555 ? 
26 AC2 23 HOH D .   ? HOH A 382 . ? 1_555 ? 
27 AC2 23 HOH D .   ? HOH A 396 . ? 1_555 ? 
28 AC2 23 HOH D .   ? HOH A 400 . ? 1_555 ? 
29 AC2 23 HOH D .   ? HOH A 401 . ? 1_555 ? 
# 
_pdbx_validate_rmsd_angle.id                         1 
_pdbx_validate_rmsd_angle.PDB_model_num              1 
_pdbx_validate_rmsd_angle.auth_atom_id_1             NE 
_pdbx_validate_rmsd_angle.auth_asym_id_1             A 
_pdbx_validate_rmsd_angle.auth_comp_id_1             ARG 
_pdbx_validate_rmsd_angle.auth_seq_id_1              131 
_pdbx_validate_rmsd_angle.PDB_ins_code_1             ? 
_pdbx_validate_rmsd_angle.label_alt_id_1             ? 
_pdbx_validate_rmsd_angle.auth_atom_id_2             CZ 
_pdbx_validate_rmsd_angle.auth_asym_id_2             A 
_pdbx_validate_rmsd_angle.auth_comp_id_2             ARG 
_pdbx_validate_rmsd_angle.auth_seq_id_2              131 
_pdbx_validate_rmsd_angle.PDB_ins_code_2             ? 
_pdbx_validate_rmsd_angle.label_alt_id_2             ? 
_pdbx_validate_rmsd_angle.auth_atom_id_3             NH1 
_pdbx_validate_rmsd_angle.auth_asym_id_3             A 
_pdbx_validate_rmsd_angle.auth_comp_id_3             ARG 
_pdbx_validate_rmsd_angle.auth_seq_id_3              131 
_pdbx_validate_rmsd_angle.PDB_ins_code_3             ? 
_pdbx_validate_rmsd_angle.label_alt_id_3             ? 
_pdbx_validate_rmsd_angle.angle_value                123.67 
_pdbx_validate_rmsd_angle.angle_target_value         120.30 
_pdbx_validate_rmsd_angle.angle_deviation            3.37 
_pdbx_validate_rmsd_angle.angle_standard_deviation   0.50 
_pdbx_validate_rmsd_angle.linker_flag                N 
# 
loop_
_pdbx_validate_torsion.id 
_pdbx_validate_torsion.PDB_model_num 
_pdbx_validate_torsion.auth_comp_id 
_pdbx_validate_torsion.auth_asym_id 
_pdbx_validate_torsion.auth_seq_id 
_pdbx_validate_torsion.PDB_ins_code 
_pdbx_validate_torsion.label_alt_id 
_pdbx_validate_torsion.phi 
_pdbx_validate_torsion.psi 
1 1 LYS A 130 ? ? 70.55 34.75 
2 1 LYS A 166 ? ? 79.46 -4.25 
# 
_pdbx_SG_project.id                    1 
_pdbx_SG_project.project_name          ? 
_pdbx_SG_project.full_name_of_center   'Structural Genomics Consortium' 
_pdbx_SG_project.initial_of_center     SGC 
# 
loop_
_pdbx_unobs_or_zero_occ_residues.id 
_pdbx_unobs_or_zero_occ_residues.PDB_model_num 
_pdbx_unobs_or_zero_occ_residues.polymer_flag 
_pdbx_unobs_or_zero_occ_residues.occupancy_flag 
_pdbx_unobs_or_zero_occ_residues.auth_asym_id 
_pdbx_unobs_or_zero_occ_residues.auth_comp_id 
_pdbx_unobs_or_zero_occ_residues.auth_seq_id 
_pdbx_unobs_or_zero_occ_residues.PDB_ins_code 
_pdbx_unobs_or_zero_occ_residues.label_asym_id 
_pdbx_unobs_or_zero_occ_residues.label_comp_id 
_pdbx_unobs_or_zero_occ_residues.label_seq_id 
1  1 Y 1 A MET -2  ? A MET 1   
2  1 Y 1 A GLY -1  ? A GLY 2   
3  1 Y 1 A SER 0   ? A SER 3   
4  1 Y 1 A SER 1   ? A SER 4   
5  1 Y 1 A HIS 2   ? A HIS 5   
6  1 Y 1 A HIS 3   ? A HIS 6   
7  1 Y 1 A HIS 4   ? A HIS 7   
8  1 Y 1 A HIS 5   ? A HIS 8   
9  1 Y 1 A HIS 6   ? A HIS 9   
10 1 Y 1 A HIS 7   ? A HIS 10  
11 1 Y 1 A SER 8   ? A SER 11  
12 1 Y 1 A SER 9   ? A SER 12  
13 1 Y 1 A GLY 10  ? A GLY 13  
14 1 Y 1 A LEU 11  ? A LEU 14  
15 1 Y 1 A VAL 12  ? A VAL 15  
16 1 Y 1 A PRO 13  ? A PRO 16  
17 1 Y 1 A ARG 14  ? A ARG 17  
18 1 Y 1 A GLY 15  ? A GLY 18  
19 1 Y 1 A SER 182 ? A SER 185 
20 1 Y 1 A ARG 183 ? A ARG 186 
21 1 Y 1 A ARG 184 ? A ARG 187 
22 1 Y 1 A SER 185 ? A SER 188 
# 
loop_
_chem_comp_atom.comp_id 
_chem_comp_atom.atom_id 
_chem_comp_atom.type_symbol 
_chem_comp_atom.pdbx_aromatic_flag 
_chem_comp_atom.pdbx_stereo_config 
_chem_comp_atom.pdbx_ordinal 
ALA N      N  N N 1   
ALA CA     C  N S 2   
ALA C      C  N N 3   
ALA O      O  N N 4   
ALA CB     C  N N 5   
ALA OXT    O  N N 6   
ALA H      H  N N 7   
ALA H2     H  N N 8   
ALA HA     H  N N 9   
ALA HB1    H  N N 10  
ALA HB2    H  N N 11  
ALA HB3    H  N N 12  
ALA HXT    H  N N 13  
ARG N      N  N N 14  
ARG CA     C  N S 15  
ARG C      C  N N 16  
ARG O      O  N N 17  
ARG CB     C  N N 18  
ARG CG     C  N N 19  
ARG CD     C  N N 20  
ARG NE     N  N N 21  
ARG CZ     C  N N 22  
ARG NH1    N  N N 23  
ARG NH2    N  N N 24  
ARG OXT    O  N N 25  
ARG H      H  N N 26  
ARG H2     H  N N 27  
ARG HA     H  N N 28  
ARG HB2    H  N N 29  
ARG HB3    H  N N 30  
ARG HG2    H  N N 31  
ARG HG3    H  N N 32  
ARG HD2    H  N N 33  
ARG HD3    H  N N 34  
ARG HE     H  N N 35  
ARG HH11   H  N N 36  
ARG HH12   H  N N 37  
ARG HH21   H  N N 38  
ARG HH22   H  N N 39  
ARG HXT    H  N N 40  
ASN N      N  N N 41  
ASN CA     C  N S 42  
ASN C      C  N N 43  
ASN O      O  N N 44  
ASN CB     C  N N 45  
ASN CG     C  N N 46  
ASN OD1    O  N N 47  
ASN ND2    N  N N 48  
ASN OXT    O  N N 49  
ASN H      H  N N 50  
ASN H2     H  N N 51  
ASN HA     H  N N 52  
ASN HB2    H  N N 53  
ASN HB3    H  N N 54  
ASN HD21   H  N N 55  
ASN HD22   H  N N 56  
ASN HXT    H  N N 57  
ASP N      N  N N 58  
ASP CA     C  N S 59  
ASP C      C  N N 60  
ASP O      O  N N 61  
ASP CB     C  N N 62  
ASP CG     C  N N 63  
ASP OD1    O  N N 64  
ASP OD2    O  N N 65  
ASP OXT    O  N N 66  
ASP H      H  N N 67  
ASP H2     H  N N 68  
ASP HA     H  N N 69  
ASP HB2    H  N N 70  
ASP HB3    H  N N 71  
ASP HD2    H  N N 72  
ASP HXT    H  N N 73  
CYS N      N  N N 74  
CYS CA     C  N R 75  
CYS C      C  N N 76  
CYS O      O  N N 77  
CYS CB     C  N N 78  
CYS SG     S  N N 79  
CYS OXT    O  N N 80  
CYS H      H  N N 81  
CYS H2     H  N N 82  
CYS HA     H  N N 83  
CYS HB2    H  N N 84  
CYS HB3    H  N N 85  
CYS HG     H  N N 86  
CYS HXT    H  N N 87  
GDP PB     P  N N 88  
GDP O1B    O  N N 89  
GDP O2B    O  N N 90  
GDP O3B    O  N N 91  
GDP O3A    O  N N 92  
GDP PA     P  N N 93  
GDP O1A    O  N N 94  
GDP O2A    O  N N 95  
GDP "O5'"  O  N N 96  
GDP "C5'"  C  N N 97  
GDP "C4'"  C  N R 98  
GDP "O4'"  O  N N 99  
GDP "C3'"  C  N S 100 
GDP "O3'"  O  N N 101 
GDP "C2'"  C  N R 102 
GDP "O2'"  O  N N 103 
GDP "C1'"  C  N R 104 
GDP N9     N  Y N 105 
GDP C8     C  Y N 106 
GDP N7     N  Y N 107 
GDP C5     C  Y N 108 
GDP C6     C  N N 109 
GDP O6     O  N N 110 
GDP N1     N  N N 111 
GDP C2     C  N N 112 
GDP N2     N  N N 113 
GDP N3     N  N N 114 
GDP C4     C  Y N 115 
GDP HOB2   H  N N 116 
GDP HOB3   H  N N 117 
GDP HOA2   H  N N 118 
GDP "H5'"  H  N N 119 
GDP "H5''" H  N N 120 
GDP "H4'"  H  N N 121 
GDP "H3'"  H  N N 122 
GDP "HO3'" H  N N 123 
GDP "H2'"  H  N N 124 
GDP "HO2'" H  N N 125 
GDP "H1'"  H  N N 126 
GDP H8     H  N N 127 
GDP HN1    H  N N 128 
GDP HN21   H  N N 129 
GDP HN22   H  N N 130 
GLN N      N  N N 131 
GLN CA     C  N S 132 
GLN C      C  N N 133 
GLN O      O  N N 134 
GLN CB     C  N N 135 
GLN CG     C  N N 136 
GLN CD     C  N N 137 
GLN OE1    O  N N 138 
GLN NE2    N  N N 139 
GLN OXT    O  N N 140 
GLN H      H  N N 141 
GLN H2     H  N N 142 
GLN HA     H  N N 143 
GLN HB2    H  N N 144 
GLN HB3    H  N N 145 
GLN HG2    H  N N 146 
GLN HG3    H  N N 147 
GLN HE21   H  N N 148 
GLN HE22   H  N N 149 
GLN HXT    H  N N 150 
GLU N      N  N N 151 
GLU CA     C  N S 152 
GLU C      C  N N 153 
GLU O      O  N N 154 
GLU CB     C  N N 155 
GLU CG     C  N N 156 
GLU CD     C  N N 157 
GLU OE1    O  N N 158 
GLU OE2    O  N N 159 
GLU OXT    O  N N 160 
GLU H      H  N N 161 
GLU H2     H  N N 162 
GLU HA     H  N N 163 
GLU HB2    H  N N 164 
GLU HB3    H  N N 165 
GLU HG2    H  N N 166 
GLU HG3    H  N N 167 
GLU HE2    H  N N 168 
GLU HXT    H  N N 169 
GLY N      N  N N 170 
GLY CA     C  N N 171 
GLY C      C  N N 172 
GLY O      O  N N 173 
GLY OXT    O  N N 174 
GLY H      H  N N 175 
GLY H2     H  N N 176 
GLY HA2    H  N N 177 
GLY HA3    H  N N 178 
GLY HXT    H  N N 179 
HIS N      N  N N 180 
HIS CA     C  N S 181 
HIS C      C  N N 182 
HIS O      O  N N 183 
HIS CB     C  N N 184 
HIS CG     C  Y N 185 
HIS ND1    N  Y N 186 
HIS CD2    C  Y N 187 
HIS CE1    C  Y N 188 
HIS NE2    N  Y N 189 
HIS OXT    O  N N 190 
HIS H      H  N N 191 
HIS H2     H  N N 192 
HIS HA     H  N N 193 
HIS HB2    H  N N 194 
HIS HB3    H  N N 195 
HIS HD1    H  N N 196 
HIS HD2    H  N N 197 
HIS HE1    H  N N 198 
HIS HE2    H  N N 199 
HIS HXT    H  N N 200 
HOH O      O  N N 201 
HOH H1     H  N N 202 
HOH H2     H  N N 203 
ILE N      N  N N 204 
ILE CA     C  N S 205 
ILE C      C  N N 206 
ILE O      O  N N 207 
ILE CB     C  N S 208 
ILE CG1    C  N N 209 
ILE CG2    C  N N 210 
ILE CD1    C  N N 211 
ILE OXT    O  N N 212 
ILE H      H  N N 213 
ILE H2     H  N N 214 
ILE HA     H  N N 215 
ILE HB     H  N N 216 
ILE HG12   H  N N 217 
ILE HG13   H  N N 218 
ILE HG21   H  N N 219 
ILE HG22   H  N N 220 
ILE HG23   H  N N 221 
ILE HD11   H  N N 222 
ILE HD12   H  N N 223 
ILE HD13   H  N N 224 
ILE HXT    H  N N 225 
LEU N      N  N N 226 
LEU CA     C  N S 227 
LEU C      C  N N 228 
LEU O      O  N N 229 
LEU CB     C  N N 230 
LEU CG     C  N N 231 
LEU CD1    C  N N 232 
LEU CD2    C  N N 233 
LEU OXT    O  N N 234 
LEU H      H  N N 235 
LEU H2     H  N N 236 
LEU HA     H  N N 237 
LEU HB2    H  N N 238 
LEU HB3    H  N N 239 
LEU HG     H  N N 240 
LEU HD11   H  N N 241 
LEU HD12   H  N N 242 
LEU HD13   H  N N 243 
LEU HD21   H  N N 244 
LEU HD22   H  N N 245 
LEU HD23   H  N N 246 
LEU HXT    H  N N 247 
LYS N      N  N N 248 
LYS CA     C  N S 249 
LYS C      C  N N 250 
LYS O      O  N N 251 
LYS CB     C  N N 252 
LYS CG     C  N N 253 
LYS CD     C  N N 254 
LYS CE     C  N N 255 
LYS NZ     N  N N 256 
LYS OXT    O  N N 257 
LYS H      H  N N 258 
LYS H2     H  N N 259 
LYS HA     H  N N 260 
LYS HB2    H  N N 261 
LYS HB3    H  N N 262 
LYS HG2    H  N N 263 
LYS HG3    H  N N 264 
LYS HD2    H  N N 265 
LYS HD3    H  N N 266 
LYS HE2    H  N N 267 
LYS HE3    H  N N 268 
LYS HZ1    H  N N 269 
LYS HZ2    H  N N 270 
LYS HZ3    H  N N 271 
LYS HXT    H  N N 272 
MET N      N  N N 273 
MET CA     C  N S 274 
MET C      C  N N 275 
MET O      O  N N 276 
MET CB     C  N N 277 
MET CG     C  N N 278 
MET SD     S  N N 279 
MET CE     C  N N 280 
MET OXT    O  N N 281 
MET H      H  N N 282 
MET H2     H  N N 283 
MET HA     H  N N 284 
MET HB2    H  N N 285 
MET HB3    H  N N 286 
MET HG2    H  N N 287 
MET HG3    H  N N 288 
MET HE1    H  N N 289 
MET HE2    H  N N 290 
MET HE3    H  N N 291 
MET HXT    H  N N 292 
MG  MG     MG N N 293 
PHE N      N  N N 294 
PHE CA     C  N S 295 
PHE C      C  N N 296 
PHE O      O  N N 297 
PHE CB     C  N N 298 
PHE CG     C  Y N 299 
PHE CD1    C  Y N 300 
PHE CD2    C  Y N 301 
PHE CE1    C  Y N 302 
PHE CE2    C  Y N 303 
PHE CZ     C  Y N 304 
PHE OXT    O  N N 305 
PHE H      H  N N 306 
PHE H2     H  N N 307 
PHE HA     H  N N 308 
PHE HB2    H  N N 309 
PHE HB3    H  N N 310 
PHE HD1    H  N N 311 
PHE HD2    H  N N 312 
PHE HE1    H  N N 313 
PHE HE2    H  N N 314 
PHE HZ     H  N N 315 
PHE HXT    H  N N 316 
PRO N      N  N N 317 
PRO CA     C  N S 318 
PRO C      C  N N 319 
PRO O      O  N N 320 
PRO CB     C  N N 321 
PRO CG     C  N N 322 
PRO CD     C  N N 323 
PRO OXT    O  N N 324 
PRO H      H  N N 325 
PRO HA     H  N N 326 
PRO HB2    H  N N 327 
PRO HB3    H  N N 328 
PRO HG2    H  N N 329 
PRO HG3    H  N N 330 
PRO HD2    H  N N 331 
PRO HD3    H  N N 332 
PRO HXT    H  N N 333 
SER N      N  N N 334 
SER CA     C  N S 335 
SER C      C  N N 336 
SER O      O  N N 337 
SER CB     C  N N 338 
SER OG     O  N N 339 
SER OXT    O  N N 340 
SER H      H  N N 341 
SER H2     H  N N 342 
SER HA     H  N N 343 
SER HB2    H  N N 344 
SER HB3    H  N N 345 
SER HG     H  N N 346 
SER HXT    H  N N 347 
THR N      N  N N 348 
THR CA     C  N S 349 
THR C      C  N N 350 
THR O      O  N N 351 
THR CB     C  N R 352 
THR OG1    O  N N 353 
THR CG2    C  N N 354 
THR OXT    O  N N 355 
THR H      H  N N 356 
THR H2     H  N N 357 
THR HA     H  N N 358 
THR HB     H  N N 359 
THR HG1    H  N N 360 
THR HG21   H  N N 361 
THR HG22   H  N N 362 
THR HG23   H  N N 363 
THR HXT    H  N N 364 
TRP N      N  N N 365 
TRP CA     C  N S 366 
TRP C      C  N N 367 
TRP O      O  N N 368 
TRP CB     C  N N 369 
TRP CG     C  Y N 370 
TRP CD1    C  Y N 371 
TRP CD2    C  Y N 372 
TRP NE1    N  Y N 373 
TRP CE2    C  Y N 374 
TRP CE3    C  Y N 375 
TRP CZ2    C  Y N 376 
TRP CZ3    C  Y N 377 
TRP CH2    C  Y N 378 
TRP OXT    O  N N 379 
TRP H      H  N N 380 
TRP H2     H  N N 381 
TRP HA     H  N N 382 
TRP HB2    H  N N 383 
TRP HB3    H  N N 384 
TRP HD1    H  N N 385 
TRP HE1    H  N N 386 
TRP HE3    H  N N 387 
TRP HZ2    H  N N 388 
TRP HZ3    H  N N 389 
TRP HH2    H  N N 390 
TRP HXT    H  N N 391 
TYR N      N  N N 392 
TYR CA     C  N S 393 
TYR C      C  N N 394 
TYR O      O  N N 395 
TYR CB     C  N N 396 
TYR CG     C  Y N 397 
TYR CD1    C  Y N 398 
TYR CD2    C  Y N 399 
TYR CE1    C  Y N 400 
TYR CE2    C  Y N 401 
TYR CZ     C  Y N 402 
TYR OH     O  N N 403 
TYR OXT    O  N N 404 
TYR H      H  N N 405 
TYR H2     H  N N 406 
TYR HA     H  N N 407 
TYR HB2    H  N N 408 
TYR HB3    H  N N 409 
TYR HD1    H  N N 410 
TYR HD2    H  N N 411 
TYR HE1    H  N N 412 
TYR HE2    H  N N 413 
TYR HH     H  N N 414 
TYR HXT    H  N N 415 
VAL N      N  N N 416 
VAL CA     C  N S 417 
VAL C      C  N N 418 
VAL O      O  N N 419 
VAL CB     C  N N 420 
VAL CG1    C  N N 421 
VAL CG2    C  N N 422 
VAL OXT    O  N N 423 
VAL H      H  N N 424 
VAL H2     H  N N 425 
VAL HA     H  N N 426 
VAL HB     H  N N 427 
VAL HG11   H  N N 428 
VAL HG12   H  N N 429 
VAL HG13   H  N N 430 
VAL HG21   H  N N 431 
VAL HG22   H  N N 432 
VAL HG23   H  N N 433 
VAL HXT    H  N N 434 
# 
loop_
_chem_comp_bond.comp_id 
_chem_comp_bond.atom_id_1 
_chem_comp_bond.atom_id_2 
_chem_comp_bond.value_order 
_chem_comp_bond.pdbx_aromatic_flag 
_chem_comp_bond.pdbx_stereo_config 
_chem_comp_bond.pdbx_ordinal 
ALA N     CA     sing N N 1   
ALA N     H      sing N N 2   
ALA N     H2     sing N N 3   
ALA CA    C      sing N N 4   
ALA CA    CB     sing N N 5   
ALA CA    HA     sing N N 6   
ALA C     O      doub N N 7   
ALA C     OXT    sing N N 8   
ALA CB    HB1    sing N N 9   
ALA CB    HB2    sing N N 10  
ALA CB    HB3    sing N N 11  
ALA OXT   HXT    sing N N 12  
ARG N     CA     sing N N 13  
ARG N     H      sing N N 14  
ARG N     H2     sing N N 15  
ARG CA    C      sing N N 16  
ARG CA    CB     sing N N 17  
ARG CA    HA     sing N N 18  
ARG C     O      doub N N 19  
ARG C     OXT    sing N N 20  
ARG CB    CG     sing N N 21  
ARG CB    HB2    sing N N 22  
ARG CB    HB3    sing N N 23  
ARG CG    CD     sing N N 24  
ARG CG    HG2    sing N N 25  
ARG CG    HG3    sing N N 26  
ARG CD    NE     sing N N 27  
ARG CD    HD2    sing N N 28  
ARG CD    HD3    sing N N 29  
ARG NE    CZ     sing N N 30  
ARG NE    HE     sing N N 31  
ARG CZ    NH1    sing N N 32  
ARG CZ    NH2    doub N N 33  
ARG NH1   HH11   sing N N 34  
ARG NH1   HH12   sing N N 35  
ARG NH2   HH21   sing N N 36  
ARG NH2   HH22   sing N N 37  
ARG OXT   HXT    sing N N 38  
ASN N     CA     sing N N 39  
ASN N     H      sing N N 40  
ASN N     H2     sing N N 41  
ASN CA    C      sing N N 42  
ASN CA    CB     sing N N 43  
ASN CA    HA     sing N N 44  
ASN C     O      doub N N 45  
ASN C     OXT    sing N N 46  
ASN CB    CG     sing N N 47  
ASN CB    HB2    sing N N 48  
ASN CB    HB3    sing N N 49  
ASN CG    OD1    doub N N 50  
ASN CG    ND2    sing N N 51  
ASN ND2   HD21   sing N N 52  
ASN ND2   HD22   sing N N 53  
ASN OXT   HXT    sing N N 54  
ASP N     CA     sing N N 55  
ASP N     H      sing N N 56  
ASP N     H2     sing N N 57  
ASP CA    C      sing N N 58  
ASP CA    CB     sing N N 59  
ASP CA    HA     sing N N 60  
ASP C     O      doub N N 61  
ASP C     OXT    sing N N 62  
ASP CB    CG     sing N N 63  
ASP CB    HB2    sing N N 64  
ASP CB    HB3    sing N N 65  
ASP CG    OD1    doub N N 66  
ASP CG    OD2    sing N N 67  
ASP OD2   HD2    sing N N 68  
ASP OXT   HXT    sing N N 69  
CYS N     CA     sing N N 70  
CYS N     H      sing N N 71  
CYS N     H2     sing N N 72  
CYS CA    C      sing N N 73  
CYS CA    CB     sing N N 74  
CYS CA    HA     sing N N 75  
CYS C     O      doub N N 76  
CYS C     OXT    sing N N 77  
CYS CB    SG     sing N N 78  
CYS CB    HB2    sing N N 79  
CYS CB    HB3    sing N N 80  
CYS SG    HG     sing N N 81  
CYS OXT   HXT    sing N N 82  
GDP PB    O1B    doub N N 83  
GDP PB    O2B    sing N N 84  
GDP PB    O3B    sing N N 85  
GDP PB    O3A    sing N N 86  
GDP O2B   HOB2   sing N N 87  
GDP O3B   HOB3   sing N N 88  
GDP O3A   PA     sing N N 89  
GDP PA    O1A    doub N N 90  
GDP PA    O2A    sing N N 91  
GDP PA    "O5'"  sing N N 92  
GDP O2A   HOA2   sing N N 93  
GDP "O5'" "C5'"  sing N N 94  
GDP "C5'" "C4'"  sing N N 95  
GDP "C5'" "H5'"  sing N N 96  
GDP "C5'" "H5''" sing N N 97  
GDP "C4'" "O4'"  sing N N 98  
GDP "C4'" "C3'"  sing N N 99  
GDP "C4'" "H4'"  sing N N 100 
GDP "O4'" "C1'"  sing N N 101 
GDP "C3'" "O3'"  sing N N 102 
GDP "C3'" "C2'"  sing N N 103 
GDP "C3'" "H3'"  sing N N 104 
GDP "O3'" "HO3'" sing N N 105 
GDP "C2'" "O2'"  sing N N 106 
GDP "C2'" "C1'"  sing N N 107 
GDP "C2'" "H2'"  sing N N 108 
GDP "O2'" "HO2'" sing N N 109 
GDP "C1'" N9     sing N N 110 
GDP "C1'" "H1'"  sing N N 111 
GDP N9    C8     sing Y N 112 
GDP N9    C4     sing Y N 113 
GDP C8    N7     doub Y N 114 
GDP C8    H8     sing N N 115 
GDP N7    C5     sing Y N 116 
GDP C5    C6     sing N N 117 
GDP C5    C4     doub Y N 118 
GDP C6    O6     doub N N 119 
GDP C6    N1     sing N N 120 
GDP N1    C2     sing N N 121 
GDP N1    HN1    sing N N 122 
GDP C2    N2     sing N N 123 
GDP C2    N3     doub N N 124 
GDP N2    HN21   sing N N 125 
GDP N2    HN22   sing N N 126 
GDP N3    C4     sing N N 127 
GLN N     CA     sing N N 128 
GLN N     H      sing N N 129 
GLN N     H2     sing N N 130 
GLN CA    C      sing N N 131 
GLN CA    CB     sing N N 132 
GLN CA    HA     sing N N 133 
GLN C     O      doub N N 134 
GLN C     OXT    sing N N 135 
GLN CB    CG     sing N N 136 
GLN CB    HB2    sing N N 137 
GLN CB    HB3    sing N N 138 
GLN CG    CD     sing N N 139 
GLN CG    HG2    sing N N 140 
GLN CG    HG3    sing N N 141 
GLN CD    OE1    doub N N 142 
GLN CD    NE2    sing N N 143 
GLN NE2   HE21   sing N N 144 
GLN NE2   HE22   sing N N 145 
GLN OXT   HXT    sing N N 146 
GLU N     CA     sing N N 147 
GLU N     H      sing N N 148 
GLU N     H2     sing N N 149 
GLU CA    C      sing N N 150 
GLU CA    CB     sing N N 151 
GLU CA    HA     sing N N 152 
GLU C     O      doub N N 153 
GLU C     OXT    sing N N 154 
GLU CB    CG     sing N N 155 
GLU CB    HB2    sing N N 156 
GLU CB    HB3    sing N N 157 
GLU CG    CD     sing N N 158 
GLU CG    HG2    sing N N 159 
GLU CG    HG3    sing N N 160 
GLU CD    OE1    doub N N 161 
GLU CD    OE2    sing N N 162 
GLU OE2   HE2    sing N N 163 
GLU OXT   HXT    sing N N 164 
GLY N     CA     sing N N 165 
GLY N     H      sing N N 166 
GLY N     H2     sing N N 167 
GLY CA    C      sing N N 168 
GLY CA    HA2    sing N N 169 
GLY CA    HA3    sing N N 170 
GLY C     O      doub N N 171 
GLY C     OXT    sing N N 172 
GLY OXT   HXT    sing N N 173 
HIS N     CA     sing N N 174 
HIS N     H      sing N N 175 
HIS N     H2     sing N N 176 
HIS CA    C      sing N N 177 
HIS CA    CB     sing N N 178 
HIS CA    HA     sing N N 179 
HIS C     O      doub N N 180 
HIS C     OXT    sing N N 181 
HIS CB    CG     sing N N 182 
HIS CB    HB2    sing N N 183 
HIS CB    HB3    sing N N 184 
HIS CG    ND1    sing Y N 185 
HIS CG    CD2    doub Y N 186 
HIS ND1   CE1    doub Y N 187 
HIS ND1   HD1    sing N N 188 
HIS CD2   NE2    sing Y N 189 
HIS CD2   HD2    sing N N 190 
HIS CE1   NE2    sing Y N 191 
HIS CE1   HE1    sing N N 192 
HIS NE2   HE2    sing N N 193 
HIS OXT   HXT    sing N N 194 
HOH O     H1     sing N N 195 
HOH O     H2     sing N N 196 
ILE N     CA     sing N N 197 
ILE N     H      sing N N 198 
ILE N     H2     sing N N 199 
ILE CA    C      sing N N 200 
ILE CA    CB     sing N N 201 
ILE CA    HA     sing N N 202 
ILE C     O      doub N N 203 
ILE C     OXT    sing N N 204 
ILE CB    CG1    sing N N 205 
ILE CB    CG2    sing N N 206 
ILE CB    HB     sing N N 207 
ILE CG1   CD1    sing N N 208 
ILE CG1   HG12   sing N N 209 
ILE CG1   HG13   sing N N 210 
ILE CG2   HG21   sing N N 211 
ILE CG2   HG22   sing N N 212 
ILE CG2   HG23   sing N N 213 
ILE CD1   HD11   sing N N 214 
ILE CD1   HD12   sing N N 215 
ILE CD1   HD13   sing N N 216 
ILE OXT   HXT    sing N N 217 
LEU N     CA     sing N N 218 
LEU N     H      sing N N 219 
LEU N     H2     sing N N 220 
LEU CA    C      sing N N 221 
LEU CA    CB     sing N N 222 
LEU CA    HA     sing N N 223 
LEU C     O      doub N N 224 
LEU C     OXT    sing N N 225 
LEU CB    CG     sing N N 226 
LEU CB    HB2    sing N N 227 
LEU CB    HB3    sing N N 228 
LEU CG    CD1    sing N N 229 
LEU CG    CD2    sing N N 230 
LEU CG    HG     sing N N 231 
LEU CD1   HD11   sing N N 232 
LEU CD1   HD12   sing N N 233 
LEU CD1   HD13   sing N N 234 
LEU CD2   HD21   sing N N 235 
LEU CD2   HD22   sing N N 236 
LEU CD2   HD23   sing N N 237 
LEU OXT   HXT    sing N N 238 
LYS N     CA     sing N N 239 
LYS N     H      sing N N 240 
LYS N     H2     sing N N 241 
LYS CA    C      sing N N 242 
LYS CA    CB     sing N N 243 
LYS CA    HA     sing N N 244 
LYS C     O      doub N N 245 
LYS C     OXT    sing N N 246 
LYS CB    CG     sing N N 247 
LYS CB    HB2    sing N N 248 
LYS CB    HB3    sing N N 249 
LYS CG    CD     sing N N 250 
LYS CG    HG2    sing N N 251 
LYS CG    HG3    sing N N 252 
LYS CD    CE     sing N N 253 
LYS CD    HD2    sing N N 254 
LYS CD    HD3    sing N N 255 
LYS CE    NZ     sing N N 256 
LYS CE    HE2    sing N N 257 
LYS CE    HE3    sing N N 258 
LYS NZ    HZ1    sing N N 259 
LYS NZ    HZ2    sing N N 260 
LYS NZ    HZ3    sing N N 261 
LYS OXT   HXT    sing N N 262 
MET N     CA     sing N N 263 
MET N     H      sing N N 264 
MET N     H2     sing N N 265 
MET CA    C      sing N N 266 
MET CA    CB     sing N N 267 
MET CA    HA     sing N N 268 
MET C     O      doub N N 269 
MET C     OXT    sing N N 270 
MET CB    CG     sing N N 271 
MET CB    HB2    sing N N 272 
MET CB    HB3    sing N N 273 
MET CG    SD     sing N N 274 
MET CG    HG2    sing N N 275 
MET CG    HG3    sing N N 276 
MET SD    CE     sing N N 277 
MET CE    HE1    sing N N 278 
MET CE    HE2    sing N N 279 
MET CE    HE3    sing N N 280 
MET OXT   HXT    sing N N 281 
PHE N     CA     sing N N 282 
PHE N     H      sing N N 283 
PHE N     H2     sing N N 284 
PHE CA    C      sing N N 285 
PHE CA    CB     sing N N 286 
PHE CA    HA     sing N N 287 
PHE C     O      doub N N 288 
PHE C     OXT    sing N N 289 
PHE CB    CG     sing N N 290 
PHE CB    HB2    sing N N 291 
PHE CB    HB3    sing N N 292 
PHE CG    CD1    doub Y N 293 
PHE CG    CD2    sing Y N 294 
PHE CD1   CE1    sing Y N 295 
PHE CD1   HD1    sing N N 296 
PHE CD2   CE2    doub Y N 297 
PHE CD2   HD2    sing N N 298 
PHE CE1   CZ     doub Y N 299 
PHE CE1   HE1    sing N N 300 
PHE CE2   CZ     sing Y N 301 
PHE CE2   HE2    sing N N 302 
PHE CZ    HZ     sing N N 303 
PHE OXT   HXT    sing N N 304 
PRO N     CA     sing N N 305 
PRO N     CD     sing N N 306 
PRO N     H      sing N N 307 
PRO CA    C      sing N N 308 
PRO CA    CB     sing N N 309 
PRO CA    HA     sing N N 310 
PRO C     O      doub N N 311 
PRO C     OXT    sing N N 312 
PRO CB    CG     sing N N 313 
PRO CB    HB2    sing N N 314 
PRO CB    HB3    sing N N 315 
PRO CG    CD     sing N N 316 
PRO CG    HG2    sing N N 317 
PRO CG    HG3    sing N N 318 
PRO CD    HD2    sing N N 319 
PRO CD    HD3    sing N N 320 
PRO OXT   HXT    sing N N 321 
SER N     CA     sing N N 322 
SER N     H      sing N N 323 
SER N     H2     sing N N 324 
SER CA    C      sing N N 325 
SER CA    CB     sing N N 326 
SER CA    HA     sing N N 327 
SER C     O      doub N N 328 
SER C     OXT    sing N N 329 
SER CB    OG     sing N N 330 
SER CB    HB2    sing N N 331 
SER CB    HB3    sing N N 332 
SER OG    HG     sing N N 333 
SER OXT   HXT    sing N N 334 
THR N     CA     sing N N 335 
THR N     H      sing N N 336 
THR N     H2     sing N N 337 
THR CA    C      sing N N 338 
THR CA    CB     sing N N 339 
THR CA    HA     sing N N 340 
THR C     O      doub N N 341 
THR C     OXT    sing N N 342 
THR CB    OG1    sing N N 343 
THR CB    CG2    sing N N 344 
THR CB    HB     sing N N 345 
THR OG1   HG1    sing N N 346 
THR CG2   HG21   sing N N 347 
THR CG2   HG22   sing N N 348 
THR CG2   HG23   sing N N 349 
THR OXT   HXT    sing N N 350 
TRP N     CA     sing N N 351 
TRP N     H      sing N N 352 
TRP N     H2     sing N N 353 
TRP CA    C      sing N N 354 
TRP CA    CB     sing N N 355 
TRP CA    HA     sing N N 356 
TRP C     O      doub N N 357 
TRP C     OXT    sing N N 358 
TRP CB    CG     sing N N 359 
TRP CB    HB2    sing N N 360 
TRP CB    HB3    sing N N 361 
TRP CG    CD1    doub Y N 362 
TRP CG    CD2    sing Y N 363 
TRP CD1   NE1    sing Y N 364 
TRP CD1   HD1    sing N N 365 
TRP CD2   CE2    doub Y N 366 
TRP CD2   CE3    sing Y N 367 
TRP NE1   CE2    sing Y N 368 
TRP NE1   HE1    sing N N 369 
TRP CE2   CZ2    sing Y N 370 
TRP CE3   CZ3    doub Y N 371 
TRP CE3   HE3    sing N N 372 
TRP CZ2   CH2    doub Y N 373 
TRP CZ2   HZ2    sing N N 374 
TRP CZ3   CH2    sing Y N 375 
TRP CZ3   HZ3    sing N N 376 
TRP CH2   HH2    sing N N 377 
TRP OXT   HXT    sing N N 378 
TYR N     CA     sing N N 379 
TYR N     H      sing N N 380 
TYR N     H2     sing N N 381 
TYR CA    C      sing N N 382 
TYR CA    CB     sing N N 383 
TYR CA    HA     sing N N 384 
TYR C     O      doub N N 385 
TYR C     OXT    sing N N 386 
TYR CB    CG     sing N N 387 
TYR CB    HB2    sing N N 388 
TYR CB    HB3    sing N N 389 
TYR CG    CD1    doub Y N 390 
TYR CG    CD2    sing Y N 391 
TYR CD1   CE1    sing Y N 392 
TYR CD1   HD1    sing N N 393 
TYR CD2   CE2    doub Y N 394 
TYR CD2   HD2    sing N N 395 
TYR CE1   CZ     doub Y N 396 
TYR CE1   HE1    sing N N 397 
TYR CE2   CZ     sing Y N 398 
TYR CE2   HE2    sing N N 399 
TYR CZ    OH     sing N N 400 
TYR OH    HH     sing N N 401 
TYR OXT   HXT    sing N N 402 
VAL N     CA     sing N N 403 
VAL N     H      sing N N 404 
VAL N     H2     sing N N 405 
VAL CA    C      sing N N 406 
VAL CA    CB     sing N N 407 
VAL CA    HA     sing N N 408 
VAL C     O      doub N N 409 
VAL C     OXT    sing N N 410 
VAL CB    CG1    sing N N 411 
VAL CB    CG2    sing N N 412 
VAL CB    HB     sing N N 413 
VAL CG1   HG11   sing N N 414 
VAL CG1   HG12   sing N N 415 
VAL CG1   HG13   sing N N 416 
VAL CG2   HG21   sing N N 417 
VAL CG2   HG22   sing N N 418 
VAL CG2   HG23   sing N N 419 
VAL OXT   HXT    sing N N 420 
# 
_atom_sites.entry_id                    1ZD9 
_atom_sites.fract_transf_matrix[1][1]   -0.00866137 
_atom_sites.fract_transf_matrix[1][2]   0.01136165 
_atom_sites.fract_transf_matrix[1][3]   0.00763553 
_atom_sites.fract_transf_matrix[2][1]   -0.00834084 
_atom_sites.fract_transf_matrix[2][2]   0.00105595 
_atom_sites.fract_transf_matrix[2][3]   -0.01103268 
_atom_sites.fract_transf_matrix[3][1]   -0.01630422 
_atom_sites.fract_transf_matrix[3][2]   -0.01946121 
_atom_sites.fract_transf_matrix[3][3]   0.01046353 
_atom_sites.fract_transf_vector[1]      0.620062 
_atom_sites.fract_transf_vector[2]      0.783202 
_atom_sites.fract_transf_vector[3]      -0.418536 
# 
loop_
_atom_type.symbol 
C  
MG 
N  
O  
P  
S  
# 
loop_
_atom_site.group_PDB 
_atom_site.id 
_atom_site.type_symbol 
_atom_site.label_atom_id 
_atom_site.label_alt_id 
_atom_site.label_comp_id 
_atom_site.label_asym_id 
_atom_site.label_entity_id 
_atom_site.label_seq_id 
_atom_site.pdbx_PDB_ins_code 
_atom_site.Cartn_x 
_atom_site.Cartn_y 
_atom_site.Cartn_z 
_atom_site.occupancy 
_atom_site.B_iso_or_equiv 
_atom_site.pdbx_formal_charge 
_atom_site.auth_seq_id 
_atom_site.auth_comp_id 
_atom_site.auth_asym_id 
_atom_site.auth_atom_id 
_atom_site.pdbx_PDB_model_num 
ATOM   1    N  N     . SER A 1 19  ? 3.635   -14.653 21.507  1.00 19.36 ? 16  SER A N     1 
ATOM   2    C  CA    . SER A 1 19  ? 3.519   -13.366 22.243  1.00 19.74 ? 16  SER A CA    1 
ATOM   3    C  C     . SER A 1 19  ? 2.807   -12.292 21.395  1.00 19.96 ? 16  SER A C     1 
ATOM   4    O  O     . SER A 1 19  ? 2.872   -12.330 20.167  1.00 20.48 ? 16  SER A O     1 
ATOM   5    C  CB    . SER A 1 19  ? 4.906   -12.862 22.646  1.00 20.38 ? 16  SER A CB    1 
ATOM   6    O  OG    . SER A 1 19  ? 4.807   -11.892 23.687  1.00 22.67 ? 16  SER A OG    1 
ATOM   7    N  N     . LYS A 1 20  ? 2.153   -11.341 22.051  1.00 19.16 ? 17  LYS A N     1 
ATOM   8    C  CA    . LYS A 1 20  ? 1.440   -10.298 21.305  1.00 20.10 ? 17  LYS A CA    1 
ATOM   9    C  C     . LYS A 1 20  ? 2.417   -9.404  20.536  1.00 19.01 ? 17  LYS A C     1 
ATOM   10   O  O     . LYS A 1 20  ? 3.560   -9.203  20.972  1.00 19.22 ? 17  LYS A O     1 
ATOM   11   C  CB    . LYS A 1 20  ? 0.544   -9.489  22.236  1.00 20.18 ? 17  LYS A CB    1 
ATOM   12   C  CG    . LYS A 1 20  ? -0.743  -10.223 22.601  1.00 24.33 ? 17  LYS A CG    1 
ATOM   13   C  CD    . LYS A 1 20  ? -1.647  -9.335  23.419  1.00 28.80 ? 17  LYS A CD    1 
ATOM   14   C  CE    . LYS A 1 20  ? -2.887  -10.097 23.888  1.00 32.86 ? 17  LYS A CE    1 
ATOM   15   N  NZ    . LYS A 1 20  ? -3.782  -9.252  24.750  1.00 35.25 ? 17  LYS A NZ    1 
ATOM   16   N  N     . GLU A 1 21  ? 1.986   -8.909  19.369  1.00 17.92 ? 18  GLU A N     1 
ATOM   17   C  CA    . GLU A 1 21  ? 2.760   -7.935  18.612  1.00 16.76 ? 18  GLU A CA    1 
ATOM   18   C  C     . GLU A 1 21  ? 1.800   -6.813  18.263  1.00 16.84 ? 18  GLU A C     1 
ATOM   19   O  O     . GLU A 1 21  ? 0.595   -7.056  18.089  1.00 15.93 ? 18  GLU A O     1 
ATOM   20   C  CB    . GLU A 1 21  ? 3.336   -8.541  17.329  1.00 17.12 ? 18  GLU A CB    1 
ATOM   21   C  CG    . GLU A 1 21  ? 4.347   -9.686  17.526  1.00 17.90 ? 18  GLU A CG    1 
ATOM   22   C  CD    . GLU A 1 21  ? 5.605   -9.326  18.326  1.00 19.88 ? 18  GLU A CD    1 
ATOM   23   O  OE1   . GLU A 1 21  ? 5.887   -8.133  18.586  1.00 19.41 ? 18  GLU A OE1   1 
ATOM   24   O  OE2   . GLU A 1 21  ? 6.344   -10.275 18.690  1.00 21.16 ? 18  GLU A OE2   1 
ATOM   25   N  N     . GLU A 1 22  ? 2.326   -5.593  18.205  1.00 17.20 ? 19  GLU A N     1 
ATOM   26   C  CA    . GLU A 1 22  ? 1.538   -4.453  17.713  1.00 18.43 ? 19  GLU A CA    1 
ATOM   27   C  C     . GLU A 1 22  ? 2.336   -3.710  16.665  1.00 17.64 ? 19  GLU A C     1 
ATOM   28   O  O     . GLU A 1 22  ? 3.489   -3.350  16.894  1.00 17.06 ? 19  GLU A O     1 
ATOM   29   C  CB    . GLU A 1 22  ? 1.175   -3.515  18.860  1.00 18.69 ? 19  GLU A CB    1 
ATOM   30   C  CG    . GLU A 1 22  ? 0.353   -4.184  19.964  1.00 22.48 ? 19  GLU A CG    1 
ATOM   31   C  CD    . GLU A 1 22  ? -0.317  -3.206  20.907  1.00 24.73 ? 19  GLU A CD    1 
ATOM   32   O  OE1   . GLU A 1 22  ? 0.226   -2.089  21.122  1.00 30.53 ? 19  GLU A OE1   1 
ATOM   33   O  OE2   . GLU A 1 22  ? -1.394  -3.572  21.457  1.00 33.13 ? 19  GLU A OE2   1 
ATOM   34   N  N     . MET A 1 23  ? 1.729   -3.469  15.509  1.00 16.60 ? 20  MET A N     1 
ATOM   35   C  CA    . MET A 1 23  ? 2.454   -2.780  14.459  1.00 17.52 ? 20  MET A CA    1 
ATOM   36   C  C     . MET A 1 23  ? 1.573   -1.685  13.899  1.00 16.75 ? 20  MET A C     1 
ATOM   37   O  O     . MET A 1 23  ? 0.359   -1.718  14.079  1.00 16.19 ? 20  MET A O     1 
ATOM   38   C  CB    . MET A 1 23  ? 2.863   -3.753  13.358  1.00 17.57 ? 20  MET A CB    1 
ATOM   39   C  CG    . MET A 1 23  ? 1.710   -4.319  12.563  1.00 18.19 ? 20  MET A CG    1 
ATOM   40   S  SD    . MET A 1 23  ? 2.297   -5.488  11.292  1.00 22.53 ? 20  MET A SD    1 
ATOM   41   C  CE    . MET A 1 23  ? 3.197   -4.407  10.239  1.00 19.10 ? 20  MET A CE    1 
ATOM   42   N  N     . GLU A 1 24  ? 2.203   -0.716  13.245  1.00 15.96 ? 21  GLU A N     1 
ATOM   43   C  CA    . GLU A 1 24  ? 1.459   0.378   12.588  1.00 16.27 ? 21  GLU A CA    1 
ATOM   44   C  C     . GLU A 1 24  ? 1.834   0.344   11.128  1.00 15.20 ? 21  GLU A C     1 
ATOM   45   O  O     . GLU A 1 24  ? 3.022   0.207   10.793  1.00 14.42 ? 21  GLU A O     1 
ATOM   46   C  CB    . GLU A 1 24  ? 1.797   1.754   13.203  1.00 16.67 ? 21  GLU A CB    1 
ATOM   47   C  CG    . GLU A 1 24  ? 0.734   2.845   12.875  1.00 19.60 ? 21  GLU A CG    1 
ATOM   48   C  CD    . GLU A 1 24  ? 0.916   4.202   13.630  1.00 21.05 ? 21  GLU A CD    1 
ATOM   49   O  OE1   . GLU A 1 24  ? 1.781   5.005   13.261  1.00 26.51 ? 21  GLU A OE1   1 
ATOM   50   O  OE2   . GLU A 1 24  ? 0.138   4.495   14.568  1.00 28.53 ? 21  GLU A OE2   1 
ATOM   51   N  N     . LEU A 1 25  ? 0.826   0.454   10.258  1.00 14.32 ? 22  LEU A N     1 
ATOM   52   C  CA    . LEU A 1 25  ? 1.024   0.510   8.809   1.00 14.67 ? 22  LEU A CA    1 
ATOM   53   C  C     . LEU A 1 25  ? 0.399   1.803   8.297   1.00 13.98 ? 22  LEU A C     1 
ATOM   54   O  O     . LEU A 1 25  ? -0.667  2.195   8.779   1.00 14.38 ? 22  LEU A O     1 
ATOM   55   C  CB    . LEU A 1 25  ? 0.267   -0.633  8.104   1.00 15.56 ? 22  LEU A CB    1 
ATOM   56   C  CG    . LEU A 1 25  ? 0.867   -2.040  8.111   1.00 19.68 ? 22  LEU A CG    1 
ATOM   57   C  CD1   . LEU A 1 25  ? -0.156  -2.991  7.505   1.00 19.65 ? 22  LEU A CD1   1 
ATOM   58   C  CD2   . LEU A 1 25  ? 2.168   -2.010  7.288   1.00 23.58 ? 22  LEU A CD2   1 
ATOM   59   N  N     . THR A 1 26  ? 1.043   2.437   7.317   1.00 12.71 ? 23  THR A N     1 
ATOM   60   C  CA    . THR A 1 26  ? 0.391   3.509   6.605   1.00 12.35 ? 23  THR A CA    1 
ATOM   61   C  C     . THR A 1 26  ? 0.243   3.127   5.140   1.00 11.71 ? 23  THR A C     1 
ATOM   62   O  O     . THR A 1 26  ? 1.197   2.655   4.507   1.00 12.29 ? 23  THR A O     1 
ATOM   63   C  CB    . THR A 1 26  ? 1.094   4.842   6.827   1.00 12.95 ? 23  THR A CB    1 
ATOM   64   O  OG1   . THR A 1 26  ? 0.974   5.172   8.220   1.00 11.87 ? 23  THR A OG1   1 
ATOM   65   C  CG2   . THR A 1 26  ? 0.479   6.000   5.945   1.00 14.14 ? 23  THR A CG2   1 
ATOM   66   N  N     . LEU A 1 27  ? -0.969  3.361   4.640   1.00 10.41 ? 24  LEU A N     1 
ATOM   67   C  CA    . LEU A 1 27  ? -1.422  2.936   3.322   1.00 11.57 ? 24  LEU A CA    1 
ATOM   68   C  C     . LEU A 1 27  ? -1.647  4.201   2.509   1.00 11.08 ? 24  LEU A C     1 
ATOM   69   O  O     . LEU A 1 27  ? -2.535  5.020   2.849   1.00 11.46 ? 24  LEU A O     1 
ATOM   70   C  CB    . LEU A 1 27  ? -2.740  2.158   3.451   1.00 11.75 ? 24  LEU A CB    1 
ATOM   71   C  CG    . LEU A 1 27  ? -3.443  1.658   2.209   1.00 13.68 ? 24  LEU A CG    1 
ATOM   72   C  CD1   . LEU A 1 27  ? -2.494  0.788   1.342   1.00 13.96 ? 24  LEU A CD1   1 
ATOM   73   C  CD2   . LEU A 1 27  ? -4.637  0.834   2.659   1.00 14.66 ? 24  LEU A CD2   1 
ATOM   74   N  N     . VAL A 1 28  ? -0.814  4.379   1.491   1.00 11.26 ? 25  VAL A N     1 
ATOM   75   C  CA    . VAL A 1 28  ? -0.860  5.568   0.596   1.00 10.54 ? 25  VAL A CA    1 
ATOM   76   C  C     . VAL A 1 28  ? -0.855  5.104   -0.859  1.00 11.84 ? 25  VAL A C     1 
ATOM   77   O  O     . VAL A 1 28  ? -0.712  3.906   -1.125  1.00 12.72 ? 25  VAL A O     1 
ATOM   78   C  CB    . VAL A 1 28  ? 0.274   6.568   0.917   1.00 11.80 ? 25  VAL A CB    1 
ATOM   79   C  CG1   . VAL A 1 28  ? -0.040  7.302   2.222   1.00 12.24 ? 25  VAL A CG1   1 
ATOM   80   C  CG2   . VAL A 1 28  ? 1.603   5.807   1.060   1.00 10.12 ? 25  VAL A CG2   1 
ATOM   81   N  N     . GLY A 1 29  ? -1.001  6.049   -1.794  1.00 11.62 ? 26  GLY A N     1 
ATOM   82   C  CA    . GLY A 1 29  ? -1.118  5.709   -3.216  1.00 12.13 ? 26  GLY A CA    1 
ATOM   83   C  C     . GLY A 1 29  ? -2.226  6.583   -3.783  1.00 13.18 ? 26  GLY A C     1 
ATOM   84   O  O     . GLY A 1 29  ? -3.023  7.182   -3.009  1.00 14.05 ? 26  GLY A O     1 
ATOM   85   N  N     . LEU A 1 30  ? -2.279  6.665   -5.112  1.00 12.80 ? 27  LEU A N     1 
ATOM   86   C  CA    . LEU A 1 30  ? -3.252  7.537   -5.767  1.00 13.54 ? 27  LEU A CA    1 
ATOM   87   C  C     . LEU A 1 30  ? -4.693  7.158   -5.449  1.00 14.15 ? 27  LEU A C     1 
ATOM   88   O  O     . LEU A 1 30  ? -4.998  6.014   -5.062  1.00 13.66 ? 27  LEU A O     1 
ATOM   89   C  CB    . LEU A 1 30  ? -3.034  7.549   -7.277  1.00 14.35 ? 27  LEU A CB    1 
ATOM   90   C  CG    . LEU A 1 30  ? -1.660  7.965   -7.760  1.00 14.48 ? 27  LEU A CG    1 
ATOM   91   C  CD1   . LEU A 1 30  ? -1.722  7.985   -9.298  1.00 17.39 ? 27  LEU A CD1   1 
ATOM   92   C  CD2   . LEU A 1 30  ? -1.321  9.352   -7.221  1.00 13.48 ? 27  LEU A CD2   1 
ATOM   93   N  N     . GLN A 1 31  ? -5.610  8.111   -5.623  1.00 14.26 ? 28  GLN A N     1 
ATOM   94   C  CA    . GLN A 1 31  ? -7.020  7.767   -5.456  1.00 15.24 ? 28  GLN A CA    1 
ATOM   95   C  C     . GLN A 1 31  ? -7.402  6.664   -6.474  1.00 15.05 ? 28  GLN A C     1 
ATOM   96   O  O     . GLN A 1 31  ? -6.812  6.602   -7.563  1.00 14.62 ? 28  GLN A O     1 
ATOM   97   C  CB    . GLN A 1 31  ? -7.905  9.004   -5.620  1.00 16.31 ? 28  GLN A CB    1 
ATOM   98   C  CG    . GLN A 1 31  ? -7.838  9.603   -6.977  1.00 19.77 ? 28  GLN A CG    1 
ATOM   99   C  CD    . GLN A 1 31  ? -6.829  10.737  -7.105  1.00 24.52 ? 28  GLN A CD    1 
ATOM   100  O  OE1   . GLN A 1 31  ? -5.601  10.543  -6.963  1.00 19.31 ? 28  GLN A OE1   1 
ATOM   101  N  NE2   . GLN A 1 31  ? -7.356  11.956  -7.405  1.00 23.67 ? 28  GLN A NE2   1 
ATOM   102  N  N     . TYR A 1 32  ? -8.324  5.786   -6.065  1.00 16.29 ? 29  TYR A N     1 
ATOM   103  C  CA    . TYR A 1 32  ? -8.843  4.670   -6.871  1.00 18.04 ? 29  TYR A CA    1 
ATOM   104  C  C     . TYR A 1 32  ? -7.877  3.485   -7.063  1.00 17.23 ? 29  TYR A C     1 
ATOM   105  O  O     . TYR A 1 32  ? -8.150  2.570   -7.852  1.00 17.31 ? 29  TYR A O     1 
ATOM   106  C  CB    . TYR A 1 32  ? -9.310  5.127   -8.265  1.00 20.66 ? 29  TYR A CB    1 
ATOM   107  C  CG    . TYR A 1 32  ? -10.231 6.326   -8.306  1.00 25.60 ? 29  TYR A CG    1 
ATOM   108  C  CD1   . TYR A 1 32  ? -11.482 6.298   -7.698  1.00 28.78 ? 29  TYR A CD1   1 
ATOM   109  C  CD2   . TYR A 1 32  ? -9.870  7.472   -9.010  1.00 27.26 ? 29  TYR A CD2   1 
ATOM   110  C  CE1   . TYR A 1 32  ? -12.338 7.400   -7.762  1.00 30.14 ? 29  TYR A CE1   1 
ATOM   111  C  CE2   . TYR A 1 32  ? -10.708 8.568   -9.072  1.00 28.56 ? 29  TYR A CE2   1 
ATOM   112  C  CZ    . TYR A 1 32  ? -11.937 8.525   -8.453  1.00 27.55 ? 29  TYR A CZ    1 
ATOM   113  O  OH    . TYR A 1 32  ? -12.776 9.633   -8.523  1.00 31.20 ? 29  TYR A OH    1 
ATOM   114  N  N     . SER A 1 33  ? -6.737  3.508   -6.374  1.00 15.32 ? 30  SER A N     1 
ATOM   115  C  CA    . SER A 1 33  ? -5.795  2.391   -6.463  1.00 14.20 ? 30  SER A CA    1 
ATOM   116  C  C     . SER A 1 33  ? -6.286  1.110   -5.731  1.00 13.43 ? 30  SER A C     1 
ATOM   117  O  O     . SER A 1 33  ? -5.879  -0.026  -6.068  1.00 14.26 ? 30  SER A O     1 
ATOM   118  C  CB    . SER A 1 33  ? -4.415  2.845   -5.985  1.00 13.67 ? 30  SER A CB    1 
ATOM   119  O  OG    . SER A 1 33  ? -4.467  3.306   -4.652  1.00 13.82 ? 30  SER A OG    1 
ATOM   120  N  N     . GLY A 1 34  ? -7.135  1.309   -4.721  1.00 14.08 ? 31  GLY A N     1 
ATOM   121  C  CA    . GLY A 1 34  ? -7.740  0.197   -4.000  1.00 13.07 ? 31  GLY A CA    1 
ATOM   122  C  C     . GLY A 1 34  ? -7.470  0.214   -2.505  1.00 13.11 ? 31  GLY A C     1 
ATOM   123  O  O     . GLY A 1 34  ? -7.709  -0.792  -1.828  1.00 12.97 ? 31  GLY A O     1 
ATOM   124  N  N     . LYS A 1 35  ? -7.034  1.350   -1.959  1.00 11.98 ? 32  LYS A N     1 
ATOM   125  C  CA    . LYS A 1 35  ? -6.643  1.400   -0.531  1.00 12.73 ? 32  LYS A CA    1 
ATOM   126  C  C     . LYS A 1 35  ? -7.761  0.928   0.420   1.00 13.40 ? 32  LYS A C     1 
ATOM   127  O  O     . LYS A 1 35  ? -7.587  -0.026  1.232   1.00 12.86 ? 32  LYS A O     1 
ATOM   128  C  CB    . LYS A 1 35  ? -6.110  2.798   -0.160  1.00 13.33 ? 32  LYS A CB    1 
ATOM   129  C  CG    . LYS A 1 35  ? -4.847  3.191   -0.995  1.00 12.09 ? 32  LYS A CG    1 
ATOM   130  C  CD    . LYS A 1 35  ? -4.276  4.591   -0.633  1.00 14.98 ? 32  LYS A CD    1 
ATOM   131  C  CE    . LYS A 1 35  ? -5.308  5.715   -0.823  1.00 12.90 ? 32  LYS A CE    1 
ATOM   132  N  NZ    . LYS A 1 35  ? -5.771  5.836   -2.271  1.00 15.29 ? 32  LYS A NZ    1 
ATOM   133  N  N     . THR A 1 36  ? -8.921  1.565   0.323   1.00 14.10 ? 33  THR A N     1 
ATOM   134  C  CA    . THR A 1 36  ? -9.997  1.261   1.242   1.00 14.38 ? 33  THR A CA    1 
ATOM   135  C  C     . THR A 1 36  ? -10.505 -0.168  1.014   1.00 14.93 ? 33  THR A C     1 
ATOM   136  O  O     . THR A 1 36  ? -10.810 -0.887  1.976   1.00 15.75 ? 33  THR A O     1 
ATOM   137  C  CB    . THR A 1 36  ? -11.111 2.325   1.168   1.00 14.67 ? 33  THR A CB    1 
ATOM   138  O  OG1   . THR A 1 36  ? -10.552 3.624   1.443   1.00 14.18 ? 33  THR A OG1   1 
ATOM   139  C  CG2   . THR A 1 36  ? -12.225 2.005   2.197   1.00 14.12 ? 33  THR A CG2   1 
ATOM   140  N  N     . THR A 1 37  ? -10.533 -0.592  -0.254  1.00 14.43 ? 34  THR A N     1 
ATOM   141  C  CA    . THR A 1 37  ? -10.955 -1.948  -0.587  1.00 15.58 ? 34  THR A CA    1 
ATOM   142  C  C     . THR A 1 37  ? -10.016 -2.951  0.091   1.00 15.30 ? 34  THR A C     1 
ATOM   143  O  O     . THR A 1 37  ? -10.464 -3.928  0.732   1.00 15.20 ? 34  THR A O     1 
ATOM   144  C  CB    . THR A 1 37  ? -10.953 -2.186  -2.111  1.00 15.48 ? 34  THR A CB    1 
ATOM   145  O  OG1   . THR A 1 37  ? -11.785 -1.209  -2.767  1.00 16.99 ? 34  THR A OG1   1 
ATOM   146  C  CG2   . THR A 1 37  ? -11.472 -3.602  -2.430  1.00 16.64 ? 34  THR A CG2   1 
ATOM   147  N  N     . PHE A 1 38  ? -8.713  -2.673  -0.013  1.00 14.34 ? 35  PHE A N     1 
ATOM   148  C  CA    . PHE A 1 38  ? -7.686  -3.560  0.553   1.00 14.13 ? 35  PHE A CA    1 
ATOM   149  C  C     . PHE A 1 38  ? -7.857  -3.672  2.077   1.00 14.11 ? 35  PHE A C     1 
ATOM   150  O  O     . PHE A 1 38  ? -7.817  -4.764  2.634   1.00 13.38 ? 35  PHE A O     1 
ATOM   151  C  CB    . PHE A 1 38  ? -6.305  -3.001  0.213   1.00 13.15 ? 35  PHE A CB    1 
ATOM   152  C  CG    . PHE A 1 38  ? -5.173  -3.704  0.911   1.00 13.82 ? 35  PHE A CG    1 
ATOM   153  C  CD1   . PHE A 1 38  ? -4.718  -4.938  0.448   1.00 13.31 ? 35  PHE A CD1   1 
ATOM   154  C  CD2   . PHE A 1 38  ? -4.549  -3.124  2.015   1.00 15.54 ? 35  PHE A CD2   1 
ATOM   155  C  CE1   . PHE A 1 38  ? -3.628  -5.599  1.079   1.00 14.95 ? 35  PHE A CE1   1 
ATOM   156  C  CE2   . PHE A 1 38  ? -3.452  -3.778  2.650   1.00 13.56 ? 35  PHE A CE2   1 
ATOM   157  C  CZ    . PHE A 1 38  ? -3.013  -5.004  2.183   1.00 14.01 ? 35  PHE A CZ    1 
ATOM   158  N  N     . VAL A 1 39  ? -8.076  -2.543  2.751   1.00 14.76 ? 36  VAL A N     1 
ATOM   159  C  CA    . VAL A 1 39  ? -8.251  -2.552  4.204   1.00 15.36 ? 36  VAL A CA    1 
ATOM   160  C  C     . VAL A 1 39  ? -9.404  -3.466  4.583   1.00 16.18 ? 36  VAL A C     1 
ATOM   161  O  O     . VAL A 1 39  ? -9.297  -4.255  5.516   1.00 15.29 ? 36  VAL A O     1 
ATOM   162  C  CB    . VAL A 1 39  ? -8.514  -1.147  4.742   1.00 14.81 ? 36  VAL A CB    1 
ATOM   163  C  CG1   . VAL A 1 39  ? -8.810  -1.203  6.220   1.00 17.01 ? 36  VAL A CG1   1 
ATOM   164  C  CG2   . VAL A 1 39  ? -7.309  -0.256  4.437   1.00 16.23 ? 36  VAL A CG2   1 
ATOM   165  N  N     . ASN A 1 40  ? -10.503 -3.350  3.842   1.00 16.26 ? 37  ASN A N     1 
ATOM   166  C  CA    . ASN A 1 40  ? -11.668 -4.205  4.085   1.00 16.84 ? 37  ASN A CA    1 
ATOM   167  C  C     . ASN A 1 40  ? -11.460 -5.703  3.792   1.00 17.69 ? 37  ASN A C     1 
ATOM   168  O  O     . ASN A 1 40  ? -12.032 -6.552  4.483   1.00 17.81 ? 37  ASN A O     1 
ATOM   169  C  CB    . ASN A 1 40  ? -12.881 -3.627  3.377   1.00 17.68 ? 37  ASN A CB    1 
ATOM   170  C  CG    . ASN A 1 40  ? -13.357 -2.308  4.023   1.00 21.80 ? 37  ASN A CG    1 
ATOM   171  O  OD1   . ASN A 1 40  ? -13.332 -2.152  5.251   1.00 27.58 ? 37  ASN A OD1   1 
ATOM   172  N  ND2   . ASN A 1 40  ? -13.832 -1.381  3.204   1.00 26.31 ? 37  ASN A ND2   1 
ATOM   173  N  N     . VAL A 1 41  ? -10.640 -6.015  2.799   1.00 17.44 ? 38  VAL A N     1 
ATOM   174  C  CA    . VAL A 1 41  ? -10.303 -7.398  2.480   1.00 19.02 ? 38  VAL A CA    1 
ATOM   175  C  C     . VAL A 1 41  ? -9.446  -7.966  3.594   1.00 20.04 ? 38  VAL A C     1 
ATOM   176  O  O     . VAL A 1 41  ? -9.723  -9.062  4.074   1.00 20.55 ? 38  VAL A O     1 
ATOM   177  C  CB    . VAL A 1 41  ? -9.648  -7.557  1.082   1.00 19.59 ? 38  VAL A CB    1 
ATOM   178  C  CG1   . VAL A 1 41  ? -9.102  -8.965  0.884   1.00 20.47 ? 38  VAL A CG1   1 
ATOM   179  C  CG2   . VAL A 1 41  ? -10.672 -7.276  -0.008  1.00 19.09 ? 38  VAL A CG2   1 
ATOM   180  N  N     . ILE A 1 42  ? -8.439  -7.209  4.038   1.00 20.35 ? 39  ILE A N     1 
ATOM   181  C  CA    . ILE A 1 42  ? -7.610  -7.643  5.180   1.00 21.41 ? 39  ILE A CA    1 
ATOM   182  C  C     . ILE A 1 42  ? -8.413  -7.802  6.493   1.00 21.96 ? 39  ILE A C     1 
ATOM   183  O  O     . ILE A 1 42  ? -8.176  -8.752  7.264   1.00 22.51 ? 39  ILE A O     1 
ATOM   184  C  CB    . ILE A 1 42  ? -6.358  -6.712  5.361   1.00 21.72 ? 39  ILE A CB    1 
ATOM   185  C  CG1   . ILE A 1 42  ? -5.491  -6.696  4.094   1.00 22.11 ? 39  ILE A CG1   1 
ATOM   186  C  CG2   . ILE A 1 42  ? -5.536  -7.126  6.623   1.00 23.54 ? 39  ILE A CG2   1 
ATOM   187  C  CD1   . ILE A 1 42  ? -4.747  -7.988  3.809   1.00 22.33 ? 39  ILE A CD1   1 
ATOM   188  N  N     . ALA A 1 43  ? -9.380  -6.917  6.719   1.00 22.27 ? 40  ALA A N     1 
ATOM   189  C  CA    . ALA A 1 43  ? -10.135 -6.872  7.970   1.00 23.93 ? 40  ALA A CA    1 
ATOM   190  C  C     . ALA A 1 43  ? -11.229 -7.930  8.024   1.00 24.95 ? 40  ALA A C     1 
ATOM   191  O  O     . ALA A 1 43  ? -11.561 -8.419  9.114   1.00 25.42 ? 40  ALA A O     1 
ATOM   192  C  CB    . ALA A 1 43  ? -10.740 -5.500  8.168   1.00 23.92 ? 40  ALA A CB    1 
ATOM   193  N  N     . SER A 1 44  ? -11.779 -8.286  6.862   1.00 25.66 ? 41  SER A N     1 
ATOM   194  C  CA    . SER A 1 44  ? -13.024 -9.064  6.813   1.00 26.37 ? 41  SER A CA    1 
ATOM   195  C  C     . SER A 1 44  ? -13.042 -10.192 5.776   1.00 27.56 ? 41  SER A C     1 
ATOM   196  O  O     . SER A 1 44  ? -13.892 -11.092 5.854   1.00 27.31 ? 41  SER A O     1 
ATOM   197  C  CB    . SER A 1 44  ? -14.213 -8.124  6.571   1.00 26.54 ? 41  SER A CB    1 
ATOM   198  O  OG    . SER A 1 44  ? -14.351 -7.839  5.185   1.00 25.93 ? 41  SER A OG    1 
ATOM   199  N  N     . GLY A 1 45  ? -12.133 -10.139 4.805   1.00 27.42 ? 42  GLY A N     1 
ATOM   200  C  CA    . GLY A 1 45  ? -12.086 -11.119 3.717   1.00 29.15 ? 42  GLY A CA    1 
ATOM   201  C  C     . GLY A 1 45  ? -13.067 -10.839 2.588   1.00 30.08 ? 42  GLY A C     1 
ATOM   202  O  O     . GLY A 1 45  ? -13.096 -11.561 1.582   1.00 30.64 ? 42  GLY A O     1 
ATOM   203  N  N     . GLN A 1 46  ? -13.869 -9.797  2.758   1.00 30.84 ? 43  GLN A N     1 
ATOM   204  C  CA    . GLN A 1 46  ? -14.896 -9.422  1.792   1.00 32.38 ? 43  GLN A CA    1 
ATOM   205  C  C     . GLN A 1 46  ? -14.465 -8.277  0.884   1.00 32.26 ? 43  GLN A C     1 
ATOM   206  O  O     . GLN A 1 46  ? -13.951 -7.263  1.351   1.00 32.39 ? 43  GLN A O     1 
ATOM   207  C  CB    . GLN A 1 46  ? -16.206 -9.081  2.517   1.00 33.10 ? 43  GLN A CB    1 
ATOM   208  C  CG    . GLN A 1 46  ? -16.874 -7.744  2.118   1.00 36.59 ? 43  GLN A CG    1 
ATOM   209  C  CD    . GLN A 1 46  ? -16.480 -6.560  3.023   1.00 42.03 ? 43  GLN A CD    1 
ATOM   210  O  OE1   . GLN A 1 46  ? -15.371 -6.510  3.574   1.00 43.51 ? 43  GLN A OE1   1 
ATOM   211  N  NE2   . GLN A 1 46  ? -17.393 -5.598  3.168   1.00 43.44 ? 43  GLN A NE2   1 
ATOM   212  N  N     . PHE A 1 47  ? -14.693 -8.456  -0.413  1.00 32.25 ? 44  PHE A N     1 
ATOM   213  C  CA    . PHE A 1 47  ? -14.448 -7.421  -1.415  1.00 32.23 ? 44  PHE A CA    1 
ATOM   214  C  C     . PHE A 1 47  ? -15.684 -6.534  -1.700  1.00 33.44 ? 44  PHE A C     1 
ATOM   215  O  O     . PHE A 1 47  ? -16.794 -7.055  -1.858  1.00 33.49 ? 44  PHE A O     1 
ATOM   216  C  CB    . PHE A 1 47  ? -13.969 -8.088  -2.703  1.00 31.72 ? 44  PHE A CB    1 
ATOM   217  C  CG    . PHE A 1 47  ? -13.976 -7.186  -3.894  1.00 30.01 ? 44  PHE A CG    1 
ATOM   218  C  CD1   . PHE A 1 47  ? -13.015 -6.183  -4.034  1.00 29.17 ? 44  PHE A CD1   1 
ATOM   219  C  CD2   . PHE A 1 47  ? -14.933 -7.346  -4.894  1.00 28.23 ? 44  PHE A CD2   1 
ATOM   220  C  CE1   . PHE A 1 47  ? -13.017 -5.345  -5.150  1.00 28.89 ? 44  PHE A CE1   1 
ATOM   221  C  CE2   . PHE A 1 47  ? -14.943 -6.516  -6.004  1.00 29.19 ? 44  PHE A CE2   1 
ATOM   222  C  CZ    . PHE A 1 47  ? -13.986 -5.508  -6.133  1.00 29.12 ? 44  PHE A CZ    1 
ATOM   223  N  N     . ASN A 1 48  ? -15.470 -5.212  -1.762  1.00 34.87 ? 45  ASN A N     1 
ATOM   224  C  CA    . ASN A 1 48  ? -16.502 -4.221  -2.138  1.00 36.04 ? 45  ASN A CA    1 
ATOM   225  C  C     . ASN A 1 48  ? -16.276 -3.638  -3.540  1.00 36.83 ? 45  ASN A C     1 
ATOM   226  O  O     . ASN A 1 48  ? -15.268 -2.953  -3.776  1.00 36.29 ? 45  ASN A O     1 
ATOM   227  C  CB    . ASN A 1 48  ? -16.572 -3.029  -1.154  1.00 36.35 ? 45  ASN A CB    1 
ATOM   228  C  CG    . ASN A 1 48  ? -15.739 -3.222  0.116   1.00 38.38 ? 45  ASN A CG    1 
ATOM   229  O  OD1   . ASN A 1 48  ? -14.726 -2.531  0.326   1.00 38.39 ? 45  ASN A OD1   1 
ATOM   230  N  ND2   . ASN A 1 48  ? -16.181 -4.129  0.985   1.00 39.85 ? 45  ASN A ND2   1 
ATOM   231  N  N     . GLU A 1 49  ? -17.218 -3.875  -4.460  1.00 37.83 ? 46  GLU A N     1 
ATOM   232  C  CA    . GLU A 1 49  ? -17.130 -3.296  -5.814  1.00 38.88 ? 46  GLU A CA    1 
ATOM   233  C  C     . GLU A 1 49  ? -17.354 -1.782  -5.814  1.00 39.03 ? 46  GLU A C     1 
ATOM   234  O  O     . GLU A 1 49  ? -16.833 -1.053  -6.675  1.00 38.40 ? 46  GLU A O     1 
ATOM   235  C  CB    . GLU A 1 49  ? -18.111 -3.971  -6.781  1.00 38.78 ? 46  GLU A CB    1 
ATOM   236  C  CG    . GLU A 1 49  ? -17.949 -3.488  -8.233  1.00 40.47 ? 46  GLU A CG    1 
ATOM   237  C  CD    . GLU A 1 49  ? -19.089 -3.925  -9.140  1.00 40.31 ? 46  GLU A CD    1 
ATOM   238  O  OE1   . GLU A 1 49  ? -19.545 -5.082  -8.999  1.00 43.70 ? 46  GLU A OE1   1 
ATOM   239  O  OE2   . GLU A 1 49  ? -19.513 -3.113  -9.998  1.00 42.28 ? 46  GLU A OE2   1 
ATOM   240  N  N     . ASP A 1 50  ? -18.131 -1.316  -4.842  1.00 39.58 ? 47  ASP A N     1 
ATOM   241  C  CA    . ASP A 1 50  ? -18.455 0.096   -4.724  1.00 40.46 ? 47  ASP A CA    1 
ATOM   242  C  C     . ASP A 1 50  ? -17.281 0.920   -4.207  1.00 40.62 ? 47  ASP A C     1 
ATOM   243  O  O     . ASP A 1 50  ? -16.380 0.399   -3.530  1.00 40.82 ? 47  ASP A O     1 
ATOM   244  C  CB    . ASP A 1 50  ? -19.695 0.283   -3.846  1.00 41.01 ? 47  ASP A CB    1 
ATOM   245  C  CG    . ASP A 1 50  ? -20.943 -0.320  -4.473  1.00 42.32 ? 47  ASP A CG    1 
ATOM   246  O  OD1   . ASP A 1 50  ? -20.884 -0.759  -5.646  1.00 43.74 ? 47  ASP A OD1   1 
ATOM   247  O  OD2   . ASP A 1 50  ? -21.985 -0.358  -3.796  1.00 45.67 ? 47  ASP A OD2   1 
ATOM   248  N  N     . MET A 1 51  ? -17.273 2.192   -4.581  1.00 40.35 ? 48  MET A N     1 
ATOM   249  C  CA    . MET A 1 51  ? -16.288 3.128   -4.074  1.00 40.70 ? 48  MET A CA    1 
ATOM   250  C  C     . MET A 1 51  ? -16.886 3.802   -2.836  1.00 39.76 ? 48  MET A C     1 
ATOM   251  O  O     . MET A 1 51  ? -17.914 4.481   -2.905  1.00 39.78 ? 48  MET A O     1 
ATOM   252  C  CB    . MET A 1 51  ? -15.885 4.154   -5.147  1.00 40.43 ? 48  MET A CB    1 
ATOM   253  C  CG    . MET A 1 51  ? -15.039 3.578   -6.289  1.00 40.87 ? 48  MET A CG    1 
ATOM   254  S  SD    . MET A 1 51  ? -14.730 4.659   -7.726  1.00 43.59 ? 48  MET A SD    1 
ATOM   255  C  CE    . MET A 1 51  ? -16.381 5.315   -8.020  1.00 43.11 ? 48  MET A CE    1 
ATOM   256  N  N     . ILE A 1 52  ? -16.263 3.545   -1.696  1.00 38.50 ? 49  ILE A N     1 
ATOM   257  C  CA    . ILE A 1 52  ? -16.520 4.285   -0.469  1.00 37.27 ? 49  ILE A CA    1 
ATOM   258  C  C     . ILE A 1 52  ? -15.958 5.683   -0.735  1.00 36.31 ? 49  ILE A C     1 
ATOM   259  O  O     . ILE A 1 52  ? -14.897 5.810   -1.360  1.00 35.93 ? 49  ILE A O     1 
ATOM   260  C  CB    . ILE A 1 52  ? -15.825 3.573   0.733   1.00 37.66 ? 49  ILE A CB    1 
ATOM   261  C  CG1   . ILE A 1 52  ? -16.519 2.228   1.008   1.00 37.85 ? 49  ILE A CG1   1 
ATOM   262  C  CG2   . ILE A 1 52  ? -15.787 4.452   2.000   1.00 37.72 ? 49  ILE A CG2   1 
ATOM   263  C  CD1   . ILE A 1 52  ? -15.603 1.106   1.465   1.00 37.21 ? 49  ILE A CD1   1 
ATOM   264  N  N     . PRO A 1 53  ? -16.675 6.740   -0.301  1.00 35.06 ? 50  PRO A N     1 
ATOM   265  C  CA    . PRO A 1 53  ? -16.182 8.102   -0.540  1.00 34.09 ? 50  PRO A CA    1 
ATOM   266  C  C     . PRO A 1 53  ? -14.798 8.354   0.082   1.00 32.90 ? 50  PRO A C     1 
ATOM   267  O  O     . PRO A 1 53  ? -14.468 7.771   1.128   1.00 32.61 ? 50  PRO A O     1 
ATOM   268  C  CB    . PRO A 1 53  ? -17.250 8.986   0.119   1.00 34.55 ? 50  PRO A CB    1 
ATOM   269  C  CG    . PRO A 1 53  ? -18.474 8.115   0.168   1.00 34.79 ? 50  PRO A CG    1 
ATOM   270  C  CD    . PRO A 1 53  ? -17.965 6.741   0.413   1.00 35.36 ? 50  PRO A CD    1 
ATOM   271  N  N     . THR A 1 54  ? -14.006 9.198   -0.574  1.00 31.29 ? 51  THR A N     1 
ATOM   272  C  CA    . THR A 1 54  ? -12.630 9.475   -0.158  1.00 29.90 ? 51  THR A CA    1 
ATOM   273  C  C     . THR A 1 54  ? -12.556 10.443  1.032   1.00 28.70 ? 51  THR A C     1 
ATOM   274  O  O     . THR A 1 54  ? -13.198 11.508  1.041   1.00 28.05 ? 51  THR A O     1 
ATOM   275  C  CB    . THR A 1 54  ? -11.797 10.035  -1.328  1.00 30.48 ? 51  THR A CB    1 
ATOM   276  O  OG1   . THR A 1 54  ? -11.772 9.082   -2.394  1.00 31.06 ? 51  THR A OG1   1 
ATOM   277  C  CG2   . THR A 1 54  ? -10.366 10.334  -0.900  1.00 30.67 ? 51  THR A CG2   1 
ATOM   278  N  N     . VAL A 1 55  ? -11.774 10.053  2.034   1.00 26.04 ? 52  VAL A N     1 
ATOM   279  C  CA    . VAL A 1 55  ? -11.538 10.892  3.208   1.00 23.80 ? 52  VAL A CA    1 
ATOM   280  C  C     . VAL A 1 55  ? -10.037 11.105  3.410   1.00 21.90 ? 52  VAL A C     1 
ATOM   281  O  O     . VAL A 1 55  ? -9.209  10.303  2.932   1.00 21.05 ? 52  VAL A O     1 
ATOM   282  C  CB    . VAL A 1 55  ? -12.210 10.313  4.496   1.00 24.36 ? 52  VAL A CB    1 
ATOM   283  C  CG1   . VAL A 1 55  ? -13.758 10.433  4.411   1.00 26.23 ? 52  VAL A CG1   1 
ATOM   284  C  CG2   . VAL A 1 55  ? -11.778 8.874   4.777   1.00 23.07 ? 52  VAL A CG2   1 
ATOM   285  N  N     . GLY A 1 56  ? -9.692  12.174  4.121   1.00 19.68 ? 53  GLY A N     1 
ATOM   286  C  CA    . GLY A 1 56  ? -8.296  12.517  4.379   1.00 18.39 ? 53  GLY A CA    1 
ATOM   287  C  C     . GLY A 1 56  ? -7.563  11.379  5.084   1.00 17.15 ? 53  GLY A C     1 
ATOM   288  O  O     . GLY A 1 56  ? -6.463  11.005  4.690   1.00 15.09 ? 53  GLY A O     1 
ATOM   289  N  N     . PHE A 1 57  ? -8.196  10.842  6.128   1.00 16.26 ? 54  PHE A N     1 
ATOM   290  C  CA    . PHE A 1 57  ? -7.587  9.763   6.928   1.00 15.20 ? 54  PHE A CA    1 
ATOM   291  C  C     . PHE A 1 57  ? -8.669  8.855   7.516   1.00 15.52 ? 54  PHE A C     1 
ATOM   292  O  O     . PHE A 1 57  ? -9.824  9.266   7.712   1.00 14.71 ? 54  PHE A O     1 
ATOM   293  C  CB    . PHE A 1 57  ? -6.780  10.352  8.109   1.00 15.69 ? 54  PHE A CB    1 
ATOM   294  C  CG    . PHE A 1 57  ? -7.625  11.152  9.078   1.00 15.31 ? 54  PHE A CG    1 
ATOM   295  C  CD1   . PHE A 1 57  ? -8.381  10.508  10.096  1.00 12.45 ? 54  PHE A CD1   1 
ATOM   296  C  CD2   . PHE A 1 57  ? -7.684  12.540  8.976   1.00 15.72 ? 54  PHE A CD2   1 
ATOM   297  C  CE1   . PHE A 1 57  ? -9.195  11.257  10.969  1.00 18.77 ? 54  PHE A CE1   1 
ATOM   298  C  CE2   . PHE A 1 57  ? -8.490  13.304  9.849   1.00 17.55 ? 54  PHE A CE2   1 
ATOM   299  C  CZ    . PHE A 1 57  ? -9.247  12.663  10.848  1.00 15.44 ? 54  PHE A CZ    1 
ATOM   300  N  N     . ASN A 1 58  ? -8.259  7.637   7.863   1.00 15.30 ? 55  ASN A N     1 
ATOM   301  C  CA    . ASN A 1 58  ? -9.109  6.699   8.605   1.00 16.33 ? 55  ASN A CA    1 
ATOM   302  C  C     . ASN A 1 58  ? -8.172  5.686   9.242   1.00 16.60 ? 55  ASN A C     1 
ATOM   303  O  O     . ASN A 1 58  ? -7.379  5.043   8.534   1.00 16.11 ? 55  ASN A O     1 
ATOM   304  C  CB    . ASN A 1 58  ? -10.127 5.982   7.719   1.00 16.72 ? 55  ASN A CB    1 
ATOM   305  C  CG    . ASN A 1 58  ? -11.099 5.133   8.522   1.00 18.45 ? 55  ASN A CG    1 
ATOM   306  O  OD1   . ASN A 1 58  ? -11.729 5.606   9.481   1.00 18.74 ? 55  ASN A OD1   1 
ATOM   307  N  ND2   . ASN A 1 58  ? -11.231 3.864   8.133   1.00 25.10 ? 55  ASN A ND2   1 
ATOM   308  N  N     . MET A 1 59  ? -8.248  5.592   10.562  1.00 17.03 ? 56  MET A N     1 
ATOM   309  C  CA    . MET A 1 59  ? -7.427  4.671   11.331  1.00 20.46 ? 56  MET A CA    1 
ATOM   310  C  C     . MET A 1 59  ? -8.321  3.487   11.701  1.00 18.89 ? 56  MET A C     1 
ATOM   311  O  O     . MET A 1 59  ? -9.426  3.680   12.209  1.00 18.08 ? 56  MET A O     1 
ATOM   312  C  CB    . MET A 1 59  ? -6.977  5.372   12.615  1.00 20.44 ? 56  MET A CB    1 
ATOM   313  C  CG    . MET A 1 59  ? -5.709  4.890   13.244  1.00 21.89 ? 56  MET A CG    1 
ATOM   314  S  SD    . MET A 1 59  ? -5.982  4.668   15.015  1.00 29.55 ? 56  MET A SD    1 
ATOM   315  C  CE    . MET A 1 59  ? -6.421  2.923   14.896  1.00 14.55 ? 56  MET A CE    1 
ATOM   316  N  N     . ARG A 1 60  ? -7.846  2.271   11.451  1.00 18.87 ? 57  ARG A N     1 
ATOM   317  C  CA    . ARG A 1 60  ? -8.582  1.072   11.849  1.00 19.88 ? 57  ARG A CA    1 
ATOM   318  C  C     . ARG A 1 60  ? -7.623  0.117   12.553  1.00 20.33 ? 57  ARG A C     1 
ATOM   319  O  O     . ARG A 1 60  ? -6.456  0.061   12.179  1.00 19.80 ? 57  ARG A O     1 
ATOM   320  C  CB    . ARG A 1 60  ? -9.176  0.392   10.616  1.00 20.73 ? 57  ARG A CB    1 
ATOM   321  C  CG    . ARG A 1 60  ? -10.394 1.127   10.052  1.00 24.10 ? 57  ARG A CG    1 
ATOM   322  C  CD    . ARG A 1 60  ? -11.127 0.243   9.104   1.00 27.45 ? 57  ARG A CD    1 
ATOM   323  N  NE    . ARG A 1 60  ? -11.461 -1.035  9.719   1.00 31.02 ? 57  ARG A NE    1 
ATOM   324  C  CZ    . ARG A 1 60  ? -12.138 -2.004  9.110   1.00 33.13 ? 57  ARG A CZ    1 
ATOM   325  N  NH1   . ARG A 1 60  ? -12.538 -1.860  7.852   1.00 33.60 ? 57  ARG A NH1   1 
ATOM   326  N  NH2   . ARG A 1 60  ? -12.413 -3.120  9.763   1.00 34.52 ? 57  ARG A NH2   1 
ATOM   327  N  N     . LYS A 1 61  ? -8.119  -0.620  13.552  1.00 19.97 ? 58  LYS A N     1 
ATOM   328  C  CA    . LYS A 1 61  ? -7.336  -1.691  14.182  1.00 21.19 ? 58  LYS A CA    1 
ATOM   329  C  C     . LYS A 1 61  ? -7.853  -3.031  13.710  1.00 20.98 ? 58  LYS A C     1 
ATOM   330  O  O     . LYS A 1 61  ? -9.063  -3.296  13.750  1.00 20.99 ? 58  LYS A O     1 
ATOM   331  C  CB    . LYS A 1 61  ? -7.323  -1.584  15.707  1.00 21.45 ? 58  LYS A CB    1 
ATOM   332  C  CG    . LYS A 1 61  ? -6.370  -0.475  16.189  1.00 25.36 ? 58  LYS A CG    1 
ATOM   333  C  CD    . LYS A 1 61  ? -6.561  -0.119  17.653  1.00 30.62 ? 58  LYS A CD    1 
ATOM   334  C  CE    . LYS A 1 61  ? -5.658  -0.944  18.572  1.00 33.61 ? 58  LYS A CE    1 
ATOM   335  N  NZ    . LYS A 1 61  ? -6.064  -0.797  20.003  1.00 35.90 ? 58  LYS A NZ    1 
ATOM   336  N  N     . ILE A 1 62  ? -6.925  -3.837  13.192  1.00 20.27 ? 59  ILE A N     1 
ATOM   337  C  CA    . ILE A 1 62  ? -7.223  -5.137  12.621  1.00 20.34 ? 59  ILE A CA    1 
ATOM   338  C  C     . ILE A 1 62  ? -6.366  -6.117  13.412  1.00 20.28 ? 59  ILE A C     1 
ATOM   339  O  O     . ILE A 1 62  ? -5.151  -5.949  13.497  1.00 19.85 ? 59  ILE A O     1 
ATOM   340  C  CB    . ILE A 1 62  ? -6.832  -5.206  11.131  1.00 20.13 ? 59  ILE A CB    1 
ATOM   341  C  CG1   . ILE A 1 62  ? -7.650  -4.167  10.326  1.00 20.08 ? 59  ILE A CG1   1 
ATOM   342  C  CG2   . ILE A 1 62  ? -7.047  -6.618  10.565  1.00 22.11 ? 59  ILE A CG2   1 
ATOM   343  C  CD1   . ILE A 1 62  ? -7.141  -3.906  8.898   1.00 22.98 ? 59  ILE A CD1   1 
ATOM   344  N  N     . THR A 1 63  ? -7.017  -7.099  14.015  1.00 19.90 ? 60  THR A N     1 
ATOM   345  C  CA    . THR A 1 63  ? -6.282  -8.119  14.757  1.00 20.33 ? 60  THR A CA    1 
ATOM   346  C  C     . THR A 1 63  ? -6.218  -9.414  13.960  1.00 19.60 ? 60  THR A C     1 
ATOM   347  O  O     . THR A 1 63  ? -7.251  -9.924  13.475  1.00 19.10 ? 60  THR A O     1 
ATOM   348  C  CB    . THR A 1 63  ? -6.829  -8.315  16.185  1.00 20.89 ? 60  THR A CB    1 
ATOM   349  O  OG1   . THR A 1 63  ? -6.920  -7.036  16.831  1.00 26.11 ? 60  THR A OG1   1 
ATOM   350  C  CG2   . THR A 1 63  ? -5.892  -9.204  16.983  1.00 20.74 ? 60  THR A CG2   1 
ATOM   351  N  N     . LYS A 1 64  ? -4.987  -9.896  13.774  1.00 18.55 ? 61  LYS A N     1 
ATOM   352  C  CA    . LYS A 1 64  ? -4.708  -11.194 13.143  1.00 17.75 ? 61  LYS A CA    1 
ATOM   353  C  C     . LYS A 1 64  ? -4.007  -12.050 14.188  1.00 18.00 ? 61  LYS A C     1 
ATOM   354  O  O     . LYS A 1 64  ? -2.781  -12.005 14.322  1.00 17.88 ? 61  LYS A O     1 
ATOM   355  C  CB    . LYS A 1 64  ? -3.832  -11.035 11.893  1.00 17.90 ? 61  LYS A CB    1 
ATOM   356  C  CG    . LYS A 1 64  ? -4.494  -10.198 10.796  1.00 18.20 ? 61  LYS A CG    1 
ATOM   357  C  CD    . LYS A 1 64  ? -5.659  -10.967 10.186  1.00 19.45 ? 61  LYS A CD    1 
ATOM   358  C  CE    . LYS A 1 64  ? -6.246  -10.277 8.992   1.00 17.98 ? 61  LYS A CE    1 
ATOM   359  N  NZ    . LYS A 1 64  ? -7.329  -11.109 8.446   1.00 17.67 ? 61  LYS A NZ    1 
ATOM   360  N  N     . GLY A 1 65  ? -4.804  -12.794 14.954  1.00 17.23 ? 62  GLY A N     1 
ATOM   361  C  CA    . GLY A 1 65  ? -4.272  -13.625 16.031  1.00 17.31 ? 62  GLY A CA    1 
ATOM   362  C  C     . GLY A 1 65  ? -3.597  -12.753 17.066  1.00 16.39 ? 62  GLY A C     1 
ATOM   363  O  O     . GLY A 1 65  ? -4.206  -11.799 17.613  1.00 16.91 ? 62  GLY A O     1 
ATOM   364  N  N     . ASN A 1 66  ? -2.324  -13.055 17.305  1.00 16.67 ? 63  ASN A N     1 
ATOM   365  C  CA    . ASN A 1 66  ? -1.508  -12.338 18.273  1.00 17.12 ? 63  ASN A CA    1 
ATOM   366  C  C     . ASN A 1 66  ? -1.007  -10.964 17.782  1.00 17.10 ? 63  ASN A C     1 
ATOM   367  O  O     . ASN A 1 66  ? -0.364  -10.219 18.539  1.00 16.54 ? 63  ASN A O     1 
ATOM   368  C  CB    . ASN A 1 66  ? -0.294  -13.217 18.683  1.00 17.91 ? 63  ASN A CB    1 
ATOM   369  C  CG    . ASN A 1 66  ? 0.666   -13.508 17.501  1.00 19.21 ? 63  ASN A CG    1 
ATOM   370  O  OD1   . ASN A 1 66  ? 0.244   -14.036 16.460  1.00 26.50 ? 63  ASN A OD1   1 
ATOM   371  N  ND2   . ASN A 1 66  ? 1.964   -13.193 17.672  1.00 20.76 ? 63  ASN A ND2   1 
ATOM   372  N  N     . VAL A 1 67  ? -1.291  -10.644 16.522  1.00 16.60 ? 64  VAL A N     1 
ATOM   373  C  CA    . VAL A 1 67  ? -0.753  -9.416  15.928  1.00 16.69 ? 64  VAL A CA    1 
ATOM   374  C  C     . VAL A 1 67  ? -1.873  -8.400  15.732  1.00 17.13 ? 64  VAL A C     1 
ATOM   375  O  O     . VAL A 1 67  ? -2.853  -8.713  15.066  1.00 16.35 ? 64  VAL A O     1 
ATOM   376  C  CB    . VAL A 1 67  ? -0.093  -9.689  14.593  1.00 17.16 ? 64  VAL A CB    1 
ATOM   377  C  CG1   . VAL A 1 67  ? 0.429   -8.369  14.009  1.00 18.28 ? 64  VAL A CG1   1 
ATOM   378  C  CG2   . VAL A 1 67  ? 1.064   -10.697 14.744  1.00 19.16 ? 64  VAL A CG2   1 
ATOM   379  N  N     . THR A 1 68  ? -1.716  -7.220  16.322  1.00 16.23 ? 65  THR A N     1 
ATOM   380  C  CA    . THR A 1 68  ? -2.662  -6.127  16.121  1.00 16.47 ? 65  THR A CA    1 
ATOM   381  C  C     . THR A 1 68  ? -2.042  -5.137  15.161  1.00 16.56 ? 65  THR A C     1 
ATOM   382  O  O     . THR A 1 68  ? -0.939  -4.644  15.394  1.00 16.45 ? 65  THR A O     1 
ATOM   383  C  CB    . THR A 1 68  ? -3.015  -5.435  17.444  1.00 17.26 ? 65  THR A CB    1 
ATOM   384  O  OG1   . THR A 1 68  ? -3.621  -6.403  18.323  1.00 18.54 ? 65  THR A OG1   1 
ATOM   385  C  CG2   . THR A 1 68  ? -4.013  -4.268  17.209  1.00 17.95 ? 65  THR A CG2   1 
ATOM   386  N  N     . ILE A 1 69  ? -2.776  -4.837  14.101  1.00 16.10 ? 66  ILE A N     1 
ATOM   387  C  CA    . ILE A 1 69  ? -2.313  -3.912  13.076  1.00 16.10 ? 66  ILE A CA    1 
ATOM   388  C  C     . ILE A 1 69  ? -3.120  -2.618  13.147  1.00 16.28 ? 66  ILE A C     1 
ATOM   389  O  O     . ILE A 1 69  ? -4.337  -2.641  12.970  1.00 17.09 ? 66  ILE A O     1 
ATOM   390  C  CB    . ILE A 1 69  ? -2.475  -4.525  11.664  1.00 15.80 ? 66  ILE A CB    1 
ATOM   391  C  CG1   . ILE A 1 69  ? -1.723  -5.871  11.562  1.00 16.13 ? 66  ILE A CG1   1 
ATOM   392  C  CG2   . ILE A 1 69  ? -1.951  -3.564  10.638  1.00 16.11 ? 66  ILE A CG2   1 
ATOM   393  C  CD1   . ILE A 1 69  ? -2.019  -6.667  10.290  1.00 17.27 ? 66  ILE A CD1   1 
ATOM   394  N  N     . LYS A 1 70  ? -2.448  -1.507  13.434  1.00 16.08 ? 67  LYS A N     1 
ATOM   395  C  CA    . LYS A 1 70  ? -3.067  -0.191  13.398  1.00 17.08 ? 67  LYS A CA    1 
ATOM   396  C  C     . LYS A 1 70  ? -2.829  0.333   11.989  1.00 15.78 ? 67  LYS A C     1 
ATOM   397  O  O     . LYS A 1 70  ? -1.698  0.661   11.641  1.00 16.90 ? 67  LYS A O     1 
ATOM   398  C  CB    . LYS A 1 70  ? -2.353  0.719   14.402  1.00 17.24 ? 67  LYS A CB    1 
ATOM   399  C  CG    . LYS A 1 70  ? -2.939  2.124   14.546  1.00 21.74 ? 67  LYS A CG    1 
ATOM   400  C  CD    . LYS A 1 70  ? -2.276  2.910   15.700  1.00 21.42 ? 67  LYS A CD    1 
ATOM   401  C  CE    . LYS A 1 70  ? -2.435  2.219   17.075  1.00 26.24 ? 67  LYS A CE    1 
ATOM   402  N  NZ    . LYS A 1 70  ? -1.794  3.027   18.167  1.00 27.73 ? 67  LYS A NZ    1 
ATOM   403  N  N     . LEU A 1 71  ? -3.884  0.425   11.184  1.00 15.01 ? 68  LEU A N     1 
ATOM   404  C  CA    . LEU A 1 71  ? -3.744  0.764   9.778   1.00 14.29 ? 68  LEU A CA    1 
ATOM   405  C  C     . LEU A 1 71  ? -4.269  2.173   9.455   1.00 14.06 ? 68  LEU A C     1 
ATOM   406  O  O     . LEU A 1 71  ? -5.464  2.445   9.671   1.00 14.21 ? 68  LEU A O     1 
ATOM   407  C  CB    . LEU A 1 71  ? -4.508  -0.280  8.966   1.00 15.51 ? 68  LEU A CB    1 
ATOM   408  C  CG    . LEU A 1 71  ? -4.173  -0.487  7.510   1.00 17.23 ? 68  LEU A CG    1 
ATOM   409  C  CD1   . LEU A 1 71  ? -4.599  -1.893  7.042   1.00 18.19 ? 68  LEU A CD1   1 
ATOM   410  C  CD2   . LEU A 1 71  ? -4.874  0.588   6.744   1.00 21.61 ? 68  LEU A CD2   1 
ATOM   411  N  N     . TRP A 1 72  ? -3.403  3.021   8.900   1.00 12.61 ? 69  TRP A N     1 
ATOM   412  C  CA    . TRP A 1 72  ? -3.770  4.377   8.521   1.00 12.27 ? 69  TRP A CA    1 
ATOM   413  C  C     . TRP A 1 72  ? -4.066  4.367   7.016   1.00 12.66 ? 69  TRP A C     1 
ATOM   414  O  O     . TRP A 1 72  ? -3.167  4.187   6.204   1.00 13.66 ? 69  TRP A O     1 
ATOM   415  C  CB    . TRP A 1 72  ? -2.636  5.366   8.856   1.00 12.94 ? 69  TRP A CB    1 
ATOM   416  C  CG    . TRP A 1 72  ? -2.449  5.501   10.306  1.00 12.86 ? 69  TRP A CG    1 
ATOM   417  C  CD1   . TRP A 1 72  ? -1.630  4.753   11.113  1.00 13.95 ? 69  TRP A CD1   1 
ATOM   418  C  CD2   . TRP A 1 72  ? -3.137  6.411   11.163  1.00 13.34 ? 69  TRP A CD2   1 
ATOM   419  N  NE1   . TRP A 1 72  ? -1.787  5.139   12.441  1.00 14.15 ? 69  TRP A NE1   1 
ATOM   420  C  CE2   . TRP A 1 72  ? -2.688  6.168   12.493  1.00 14.92 ? 69  TRP A CE2   1 
ATOM   421  C  CE3   . TRP A 1 72  ? -4.100  7.403   10.944  1.00 12.61 ? 69  TRP A CE3   1 
ATOM   422  C  CZ2   . TRP A 1 72  ? -3.150  6.916   13.597  1.00 14.95 ? 69  TRP A CZ2   1 
ATOM   423  C  CZ3   . TRP A 1 72  ? -4.544  8.164   12.037  1.00 13.05 ? 69  TRP A CZ3   1 
ATOM   424  C  CH2   . TRP A 1 72  ? -4.083  7.896   13.348  1.00 13.60 ? 69  TRP A CH2   1 
ATOM   425  N  N     . ASP A 1 73  ? -5.337  4.553   6.665   1.00 12.35 ? 70  ASP A N     1 
ATOM   426  C  CA    . ASP A 1 73  ? -5.773  4.587   5.271   1.00 12.63 ? 70  ASP A CA    1 
ATOM   427  C  C     . ASP A 1 73  ? -5.824  6.064   4.854   1.00 12.24 ? 70  ASP A C     1 
ATOM   428  O  O     . ASP A 1 73  ? -6.712  6.806   5.310   1.00 12.94 ? 70  ASP A O     1 
ATOM   429  C  CB    . ASP A 1 73  ? -7.130  3.875   5.149   1.00 12.13 ? 70  ASP A CB    1 
ATOM   430  C  CG    . ASP A 1 73  ? -7.792  4.030   3.783   1.00 15.00 ? 70  ASP A CG    1 
ATOM   431  O  OD1   . ASP A 1 73  ? -7.135  4.476   2.822   1.00 16.93 ? 70  ASP A OD1   1 
ATOM   432  O  OD2   . ASP A 1 73  ? -9.007  3.670   3.698   1.00 16.95 ? 70  ASP A OD2   1 
ATOM   433  N  N     . ILE A 1 74  ? -4.857  6.495   4.050   1.00 11.18 ? 71  ILE A N     1 
ATOM   434  C  CA    . ILE A 1 74  ? -4.678  7.937   3.806   1.00 12.65 ? 71  ILE A CA    1 
ATOM   435  C  C     . ILE A 1 74  ? -5.183  8.386   2.412   1.00 13.34 ? 71  ILE A C     1 
ATOM   436  O  O     . ILE A 1 74  ? -4.878  7.735   1.413   1.00 14.39 ? 71  ILE A O     1 
ATOM   437  C  CB    . ILE A 1 74  ? -3.199  8.419   4.059   1.00 12.73 ? 71  ILE A CB    1 
ATOM   438  C  CG1   . ILE A 1 74  ? -2.759  8.069   5.486   1.00 14.51 ? 71  ILE A CG1   1 
ATOM   439  C  CG2   . ILE A 1 74  ? -3.089  9.946   3.804   1.00 15.17 ? 71  ILE A CG2   1 
ATOM   440  C  CD1   . ILE A 1 74  ? -3.757  8.515   6.541   1.00 13.36 ? 71  ILE A CD1   1 
ATOM   441  N  N     . GLY A 1 75  ? -5.953  9.488   2.365   1.00 13.99 ? 72  GLY A N     1 
ATOM   442  C  CA    . GLY A 1 75  ? -6.491  9.989   1.079   1.00 14.90 ? 72  GLY A CA    1 
ATOM   443  C  C     . GLY A 1 75  ? -5.396  10.192  0.045   1.00 14.50 ? 72  GLY A C     1 
ATOM   444  O  O     . GLY A 1 75  ? -4.301  10.672  0.360   1.00 14.24 ? 72  GLY A O     1 
ATOM   445  N  N     . GLY A 1 76  ? -5.700  9.835   -1.204  1.00 15.60 ? 73  GLY A N     1 
ATOM   446  C  CA    . GLY A 1 76  ? -4.716  9.907   -2.281  1.00 16.35 ? 73  GLY A CA    1 
ATOM   447  C  C     . GLY A 1 76  ? -4.917  11.041  -3.291  1.00 17.46 ? 73  GLY A C     1 
ATOM   448  O  O     . GLY A 1 76  ? -4.063  11.269  -4.158  1.00 17.96 ? 73  GLY A O     1 
ATOM   449  N  N     . GLN A 1 77  ? -6.039  11.753  -3.174  1.00 18.12 ? 74  GLN A N     1 
ATOM   450  C  CA    . GLN A 1 77  ? -6.264  12.954  -3.978  1.00 20.20 ? 74  GLN A CA    1 
ATOM   451  C  C     . GLN A 1 77  ? -5.116  13.946  -3.774  1.00 19.35 ? 74  GLN A C     1 
ATOM   452  O  O     . GLN A 1 77  ? -4.551  14.026  -2.686  1.00 18.90 ? 74  GLN A O     1 
ATOM   453  C  CB    . GLN A 1 77  ? -7.603  13.611  -3.619  1.00 20.28 ? 74  GLN A CB    1 
ATOM   454  C  CG    . GLN A 1 77  ? -8.827  12.774  -3.998  1.00 22.31 ? 74  GLN A CG    1 
ATOM   455  C  CD    . GLN A 1 77  ? -10.125 13.303  -3.381  1.00 25.10 ? 74  GLN A CD    1 
ATOM   456  O  OE1   . GLN A 1 77  ? -10.183 13.643  -2.184  1.00 31.00 ? 74  GLN A OE1   1 
ATOM   457  N  NE2   . GLN A 1 77  ? -11.181 13.363  -4.193  1.00 30.92 ? 74  GLN A NE2   1 
ATOM   458  N  N     . PRO A 1 78  ? -4.763  14.718  -4.823  1.00 19.27 ? 75  PRO A N     1 
ATOM   459  C  CA    . PRO A 1 78  ? -3.671  15.680  -4.703  1.00 19.04 ? 75  PRO A CA    1 
ATOM   460  C  C     . PRO A 1 78  ? -3.719  16.486  -3.404  1.00 19.35 ? 75  PRO A C     1 
ATOM   461  O  O     . PRO A 1 78  ? -2.669  16.682  -2.785  1.00 19.94 ? 75  PRO A O     1 
ATOM   462  C  CB    . PRO A 1 78  ? -3.887  16.597  -5.933  1.00 19.21 ? 75  PRO A CB    1 
ATOM   463  C  CG    . PRO A 1 78  ? -4.461  15.691  -6.919  1.00 18.77 ? 75  PRO A CG    1 
ATOM   464  C  CD    . PRO A 1 78  ? -5.374  14.758  -6.168  1.00 19.91 ? 75  PRO A CD    1 
ATOM   465  N  N     . ARG A 1 79  ? -4.921  16.884  -2.968  1.00 18.97 ? 76  ARG A N     1 
ATOM   466  C  CA    . ARG A 1 79  ? -5.071  17.755  -1.782  1.00 20.37 ? 76  ARG A CA    1 
ATOM   467  C  C     . ARG A 1 79  ? -4.579  17.116  -0.473  1.00 20.46 ? 76  ARG A C     1 
ATOM   468  O  O     . ARG A 1 79  ? -4.228  17.837  0.479   1.00 21.23 ? 76  ARG A O     1 
ATOM   469  C  CB    . ARG A 1 79  ? -6.518  18.261  -1.613  1.00 19.87 ? 76  ARG A CB    1 
ATOM   470  C  CG    . ARG A 1 79  ? -7.565  17.192  -1.279  1.00 22.06 ? 76  ARG A CG    1 
ATOM   471  C  CD    . ARG A 1 79  ? -8.992  17.762  -1.061  1.00 21.34 ? 76  ARG A CD    1 
ATOM   472  N  NE    . ARG A 1 79  ? -9.965  16.683  -1.254  1.00 28.92 ? 76  ARG A NE    1 
ATOM   473  C  CZ    . ARG A 1 79  ? -11.055 16.458  -0.517  1.00 29.99 ? 76  ARG A CZ    1 
ATOM   474  N  NH1   . ARG A 1 79  ? -11.369 17.236  0.521   1.00 33.78 ? 76  ARG A NH1   1 
ATOM   475  N  NH2   . ARG A 1 79  ? -11.829 15.417  -0.810  1.00 32.88 ? 76  ARG A NH2   1 
ATOM   476  N  N     . PHE A 1 80  ? -4.538  15.785  -0.435  1.00 19.52 ? 77  PHE A N     1 
ATOM   477  C  CA    . PHE A 1 80  ? -4.025  15.067  0.753   1.00 19.95 ? 77  PHE A CA    1 
ATOM   478  C  C     . PHE A 1 80  ? -2.535  14.687  0.735   1.00 19.62 ? 77  PHE A C     1 
ATOM   479  O  O     . PHE A 1 80  ? -1.988  14.275  1.771   1.00 19.00 ? 77  PHE A O     1 
ATOM   480  C  CB    . PHE A 1 80  ? -4.886  13.826  0.989   1.00 20.28 ? 77  PHE A CB    1 
ATOM   481  C  CG    . PHE A 1 80  ? -6.342  14.144  1.184   1.00 19.85 ? 77  PHE A CG    1 
ATOM   482  C  CD1   . PHE A 1 80  ? -6.731  15.100  2.127   1.00 22.17 ? 77  PHE A CD1   1 
ATOM   483  C  CD2   . PHE A 1 80  ? -7.311  13.503  0.425   1.00 22.24 ? 77  PHE A CD2   1 
ATOM   484  C  CE1   . PHE A 1 80  ? -8.099  15.424  2.305   1.00 21.15 ? 77  PHE A CE1   1 
ATOM   485  C  CE2   . PHE A 1 80  ? -8.667  13.789  0.599   1.00 21.02 ? 77  PHE A CE2   1 
ATOM   486  C  CZ    . PHE A 1 80  ? -9.058  14.766  1.554   1.00 21.19 ? 77  PHE A CZ    1 
ATOM   487  N  N     . ARG A 1 81  ? -1.869  14.821  -0.412  1.00 18.85 ? 78  ARG A N     1 
ATOM   488  C  CA    . ARG A 1 81  ? -0.535  14.206  -0.559  1.00 19.00 ? 78  ARG A CA    1 
ATOM   489  C  C     . ARG A 1 81  ? 0.546   14.874  0.290   1.00 18.52 ? 78  ARG A C     1 
ATOM   490  O  O     . ARG A 1 81  ? 1.486   14.209  0.722   1.00 19.09 ? 78  ARG A O     1 
ATOM   491  C  CB    . ARG A 1 81  ? -0.107  14.148  -2.024  1.00 18.45 ? 78  ARG A CB    1 
ATOM   492  C  CG    . ARG A 1 81  ? -1.016  13.265  -2.823  1.00 19.31 ? 78  ARG A CG    1 
ATOM   493  C  CD    . ARG A 1 81  ? -0.616  13.137  -4.286  1.00 18.18 ? 78  ARG A CD    1 
ATOM   494  N  NE    . ARG A 1 81  ? -1.758  12.633  -5.049  1.00 20.66 ? 78  ARG A NE    1 
ATOM   495  C  CZ    . ARG A 1 81  ? -1.895  12.701  -6.371  1.00 19.66 ? 78  ARG A CZ    1 
ATOM   496  N  NH1   . ARG A 1 81  ? -0.926  13.222  -7.129  1.00 19.09 ? 78  ARG A NH1   1 
ATOM   497  N  NH2   . ARG A 1 81  ? -3.008  12.221  -6.941  1.00 18.08 ? 78  ARG A NH2   1 
ATOM   498  N  N     . SER A 1 82  ? 0.398   16.168  0.549   1.00 19.17 ? 79  SER A N     1 
ATOM   499  C  CA    . SER A 1 82  ? 1.427   16.865  1.335   1.00 19.79 ? 79  SER A CA    1 
ATOM   500  C  C     . SER A 1 82  ? 1.498   16.311  2.773   1.00 19.14 ? 79  SER A C     1 
ATOM   501  O  O     . SER A 1 82  ? 2.510   16.522  3.456   1.00 20.51 ? 79  SER A O     1 
ATOM   502  C  CB    . SER A 1 82  ? 1.231   18.392  1.330   1.00 19.93 ? 79  SER A CB    1 
ATOM   503  O  OG    . SER A 1 82  ? 0.109   18.775  2.109   1.00 22.01 ? 79  SER A OG    1 
ATOM   504  N  N     . MET A 1 83  ? 0.426   15.662  3.238   1.00 18.35 ? 80  MET A N     1 
ATOM   505  C  CA    . MET A 1 83  ? 0.377   15.058  4.586   1.00 17.97 ? 80  MET A CA    1 
ATOM   506  C  C     . MET A 1 83  ? 0.894   13.620  4.664   1.00 15.22 ? 80  MET A C     1 
ATOM   507  O  O     . MET A 1 83  ? 1.030   13.076  5.761   1.00 14.69 ? 80  MET A O     1 
ATOM   508  C  CB    . MET A 1 83  ? -1.044  15.062  5.152   1.00 18.09 ? 80  MET A CB    1 
ATOM   509  C  CG    . MET A 1 83  ? -1.583  16.444  5.569   1.00 22.90 ? 80  MET A CG    1 
ATOM   510  S  SD    . MET A 1 83  ? -0.758  17.065  7.054   1.00 28.96 ? 80  MET A SD    1 
ATOM   511  C  CE    . MET A 1 83  ? -1.007  15.765  8.281   1.00 30.20 ? 80  MET A CE    1 
ATOM   512  N  N     . TRP A 1 84  ? 1.109   12.975  3.518   1.00 14.45 ? 81  TRP A N     1 
ATOM   513  C  CA    . TRP A 1 84  ? 1.511   11.577  3.507   1.00 13.77 ? 81  TRP A CA    1 
ATOM   514  C  C     . TRP A 1 84  ? 2.681   11.355  4.432   1.00 13.87 ? 81  TRP A C     1 
ATOM   515  O  O     . TRP A 1 84  ? 2.682   10.383  5.196   1.00 14.34 ? 81  TRP A O     1 
ATOM   516  C  CB    . TRP A 1 84  ? 1.906   11.153  2.091   1.00 13.23 ? 81  TRP A CB    1 
ATOM   517  C  CG    . TRP A 1 84  ? 0.770   10.843  1.194   1.00 13.33 ? 81  TRP A CG    1 
ATOM   518  C  CD1   . TRP A 1 84  ? -0.576  11.023  1.434   1.00 14.31 ? 81  TRP A CD1   1 
ATOM   519  C  CD2   . TRP A 1 84  ? 0.879   10.315  -0.127  1.00 13.01 ? 81  TRP A CD2   1 
ATOM   520  N  NE1   . TRP A 1 84  ? -1.307  10.595  0.337   1.00 12.92 ? 81  TRP A NE1   1 
ATOM   521  C  CE2   . TRP A 1 84  ? -0.436  10.162  -0.633  1.00 12.58 ? 81  TRP A CE2   1 
ATOM   522  C  CE3   . TRP A 1 84  ? 1.964   9.916   -0.925  1.00 13.10 ? 81  TRP A CE3   1 
ATOM   523  C  CZ2   . TRP A 1 84  ? -0.691  9.642   -1.934  1.00 13.23 ? 81  TRP A CZ2   1 
ATOM   524  C  CZ3   . TRP A 1 84  ? 1.711   9.407   -2.214  1.00 12.03 ? 81  TRP A CZ3   1 
ATOM   525  C  CH2   . TRP A 1 84  ? 0.402   9.267   -2.692  1.00 14.61 ? 81  TRP A CH2   1 
ATOM   526  N  N     . GLU A 1 85  ? 3.676   12.253  4.370   1.00 13.79 ? 82  GLU A N     1 
ATOM   527  C  CA    . GLU A 1 85  ? 4.890   12.082  5.177   1.00 15.12 ? 82  GLU A CA    1 
ATOM   528  C  C     . GLU A 1 85  ? 4.559   11.976  6.651   1.00 13.48 ? 82  GLU A C     1 
ATOM   529  O  O     . GLU A 1 85  ? 5.011   11.069  7.334   1.00 12.90 ? 82  GLU A O     1 
ATOM   530  C  CB    . GLU A 1 85  ? 5.898   13.234  4.988   1.00 15.46 ? 82  GLU A CB    1 
ATOM   531  C  CG    . GLU A 1 85  ? 7.239   12.873  5.601   1.00 20.30 ? 82  GLU A CG    1 
ATOM   532  C  CD    . GLU A 1 85  ? 8.117   14.054  6.002   1.00 25.94 ? 82  GLU A CD    1 
ATOM   533  O  OE1   . GLU A 1 85  ? 7.906   15.185  5.503   1.00 28.83 ? 82  GLU A OE1   1 
ATOM   534  O  OE2   . GLU A 1 85  ? 9.038   13.835  6.827   1.00 28.34 ? 82  GLU A OE2   1 
ATOM   535  N  N     . ARG A 1 86  ? 3.772   12.925  7.151   1.00 14.50 ? 83  ARG A N     1 
ATOM   536  C  CA    . ARG A 1 86  ? 3.388   12.908  8.564   1.00 14.80 ? 83  ARG A CA    1 
ATOM   537  C  C     . ARG A 1 86  ? 2.721   11.609  8.983   1.00 14.27 ? 83  ARG A C     1 
ATOM   538  O  O     . ARG A 1 86  ? 2.996   11.109  10.070  1.00 14.14 ? 83  ARG A O     1 
ATOM   539  C  CB    . ARG A 1 86  ? 2.461   14.059  8.885   1.00 15.54 ? 83  ARG A CB    1 
ATOM   540  C  CG    . ARG A 1 86  ? 3.180   15.367  8.861   1.00 21.61 ? 83  ARG A CG    1 
ATOM   541  C  CD    . ARG A 1 86  ? 2.157   16.436  9.109   1.00 29.42 ? 83  ARG A CD    1 
ATOM   542  N  NE    . ARG A 1 86  ? 2.394   17.610  8.295   1.00 33.74 ? 83  ARG A NE    1 
ATOM   543  C  CZ    . ARG A 1 86  ? 2.798   18.769  8.791   1.00 35.59 ? 83  ARG A CZ    1 
ATOM   544  N  NH1   . ARG A 1 86  ? 2.999   18.885  10.103  1.00 36.10 ? 83  ARG A NH1   1 
ATOM   545  N  NH2   . ARG A 1 86  ? 2.988   19.802  7.980   1.00 35.63 ? 83  ARG A NH2   1 
ATOM   546  N  N     . TYR A 1 87  ? 1.860   11.051  8.123   1.00 13.59 ? 84  TYR A N     1 
ATOM   547  C  CA    . TYR A 1 87  ? 1.198   9.801   8.483   1.00 13.86 ? 84  TYR A CA    1 
ATOM   548  C  C     . TYR A 1 87  ? 2.144   8.593   8.411   1.00 13.05 ? 84  TYR A C     1 
ATOM   549  O  O     . TYR A 1 87  ? 1.901   7.585   9.070   1.00 12.95 ? 84  TYR A O     1 
ATOM   550  C  CB    . TYR A 1 87  ? -0.037  9.546   7.610   1.00 13.96 ? 84  TYR A CB    1 
ATOM   551  C  CG    . TYR A 1 87  ? -1.167  10.485  7.975   1.00 15.35 ? 84  TYR A CG    1 
ATOM   552  C  CD1   . TYR A 1 87  ? -1.887  10.318  9.168   1.00 13.72 ? 84  TYR A CD1   1 
ATOM   553  C  CD2   . TYR A 1 87  ? -1.501  11.558  7.152   1.00 18.47 ? 84  TYR A CD2   1 
ATOM   554  C  CE1   . TYR A 1 87  ? -2.902  11.191  9.533   1.00 19.52 ? 84  TYR A CE1   1 
ATOM   555  C  CE2   . TYR A 1 87  ? -2.555  12.452  7.512   1.00 19.40 ? 84  TYR A CE2   1 
ATOM   556  C  CZ    . TYR A 1 87  ? -3.246  12.243  8.708   1.00 20.05 ? 84  TYR A CZ    1 
ATOM   557  O  OH    . TYR A 1 87  ? -4.281  13.079  9.140   1.00 22.75 ? 84  TYR A OH    1 
ATOM   558  N  N     . CYS A 1 88  ? 3.185   8.706   7.583   1.00 13.09 ? 85  CYS A N     1 
ATOM   559  C  CA    . CYS A 1 88  ? 4.189   7.624   7.443   1.00 12.90 ? 85  CYS A CA    1 
ATOM   560  C  C     . CYS A 1 88  ? 5.247   7.621   8.531   1.00 14.13 ? 85  CYS A C     1 
ATOM   561  O  O     . CYS A 1 88  ? 5.946   6.609   8.744   1.00 13.92 ? 85  CYS A O     1 
ATOM   562  C  CB    . CYS A 1 88  ? 4.872   7.671   6.072   1.00 13.27 ? 85  CYS A CB    1 
ATOM   563  S  SG    . CYS A 1 88  ? 3.760   7.254   4.717   1.00 12.45 ? 85  CYS A SG    1 
ATOM   564  N  N     . ARG A 1 89  ? 5.373   8.735   9.239   1.00 14.51 ? 86  ARG A N     1 
ATOM   565  C  CA    . ARG A 1 89  ? 6.422   8.830   10.259  1.00 16.62 ? 86  ARG A CA    1 
ATOM   566  C  C     . ARG A 1 89  ? 6.265   7.767   11.336  1.00 15.68 ? 86  ARG A C     1 
ATOM   567  O  O     . ARG A 1 89  ? 5.194   7.603   11.909  1.00 15.22 ? 86  ARG A O     1 
ATOM   568  C  CB    . ARG A 1 89  ? 6.472   10.225  10.867  1.00 17.53 ? 86  ARG A CB    1 
ATOM   569  C  CG    . ARG A 1 89  ? 7.106   11.190  9.905   1.00 22.32 ? 86  ARG A CG    1 
ATOM   570  C  CD    . ARG A 1 89  ? 7.323   12.564  10.466  1.00 27.75 ? 86  ARG A CD    1 
ATOM   571  N  NE    . ARG A 1 89  ? 6.294   12.930  11.428  1.00 30.62 ? 86  ARG A NE    1 
ATOM   572  C  CZ    . ARG A 1 89  ? 6.033   14.186  11.780  1.00 31.99 ? 86  ARG A CZ    1 
ATOM   573  N  NH1   . ARG A 1 89  ? 6.707   15.181  11.211  1.00 32.53 ? 86  ARG A NH1   1 
ATOM   574  N  NH2   . ARG A 1 89  ? 5.093   14.438  12.680  1.00 30.25 ? 86  ARG A NH2   1 
ATOM   575  N  N     . GLY A 1 90  ? 7.357   7.062   11.618  1.00 15.99 ? 87  GLY A N     1 
ATOM   576  C  CA    . GLY A 1 90  ? 7.386   6.117   12.762  1.00 16.31 ? 87  GLY A CA    1 
ATOM   577  C  C     . GLY A 1 90  ? 6.743   4.755   12.567  1.00 16.20 ? 87  GLY A C     1 
ATOM   578  O  O     . GLY A 1 90  ? 6.744   3.921   13.486  1.00 17.11 ? 87  GLY A O     1 
ATOM   579  N  N     . VAL A 1 91  ? 6.214   4.496   11.370  1.00 15.60 ? 88  VAL A N     1 
ATOM   580  C  CA    . VAL A 1 91  ? 5.478   3.263   11.143  1.00 14.93 ? 88  VAL A CA    1 
ATOM   581  C  C     . VAL A 1 91  ? 6.392   2.057   10.886  1.00 14.17 ? 88  VAL A C     1 
ATOM   582  O  O     . VAL A 1 91  ? 7.588   2.226   10.557  1.00 14.71 ? 88  VAL A O     1 
ATOM   583  C  CB    . VAL A 1 91  ? 4.435   3.395   9.994   1.00 14.79 ? 88  VAL A CB    1 
ATOM   584  C  CG1   . VAL A 1 91  ? 3.509   4.621   10.239  1.00 13.90 ? 88  VAL A CG1   1 
ATOM   585  C  CG2   . VAL A 1 91  ? 5.126   3.494   8.657   1.00 14.91 ? 88  VAL A CG2   1 
ATOM   586  N  N     . SER A 1 92  ? 5.809   0.864   11.055  1.00 14.19 ? 89  SER A N     1 
ATOM   587  C  CA    . SER A 1 92  ? 6.472   -0.425  10.808  1.00 13.57 ? 89  SER A CA    1 
ATOM   588  C  C     . SER A 1 92  ? 6.731   -0.648  9.326   1.00 13.32 ? 89  SER A C     1 
ATOM   589  O  O     . SER A 1 92  ? 7.764   -1.184  8.934   1.00 14.17 ? 89  SER A O     1 
ATOM   590  C  CB    . SER A 1 92  ? 5.628   -1.606  11.345  1.00 14.34 ? 89  SER A CB    1 
ATOM   591  O  OG    . SER A 1 92  ? 5.239   -1.410  12.704  1.00 16.27 ? 89  SER A OG    1 
ATOM   592  N  N     . ALA A 1 93  ? 5.789   -0.205  8.498   1.00 12.82 ? 90  ALA A N     1 
ATOM   593  C  CA    . ALA A 1 93  ? 5.948   -0.351  7.039   1.00 12.12 ? 90  ALA A CA    1 
ATOM   594  C  C     . ALA A 1 93  ? 4.969   0.596   6.355   1.00 11.46 ? 90  ALA A C     1 
ATOM   595  O  O     . ALA A 1 93  ? 3.906   0.933   6.930   1.00 11.95 ? 90  ALA A O     1 
ATOM   596  C  CB    . ALA A 1 93  ? 5.678   -1.794  6.611   1.00 13.22 ? 90  ALA A CB    1 
ATOM   597  N  N     . ILE A 1 94  ? 5.355   1.016   5.157   1.00 11.34 ? 91  ILE A N     1 
ATOM   598  C  CA    . ILE A 1 94  ? 4.488   1.830   4.288   1.00 11.49 ? 91  ILE A CA    1 
ATOM   599  C  C     . ILE A 1 94  ? 4.007   0.887   3.210   1.00 11.07 ? 91  ILE A C     1 
ATOM   600  O  O     . ILE A 1 94  ? 4.832   0.177   2.595   1.00 12.22 ? 91  ILE A O     1 
ATOM   601  C  CB    . ILE A 1 94  ? 5.298   2.961   3.653   1.00 12.17 ? 91  ILE A CB    1 
ATOM   602  C  CG1   . ILE A 1 94  ? 5.739   3.940   4.770   1.00 12.31 ? 91  ILE A CG1   1 
ATOM   603  C  CG2   . ILE A 1 94  ? 4.512   3.624   2.518   1.00 12.26 ? 91  ILE A CG2   1 
ATOM   604  C  CD1   . ILE A 1 94  ? 6.864   4.846   4.342   1.00 13.50 ? 91  ILE A CD1   1 
ATOM   605  N  N     . VAL A 1 95  ? 2.686   0.857   3.001   1.00 10.25 ? 92  VAL A N     1 
ATOM   606  C  CA    . VAL A 1 95  ? 2.126   0.085   1.901   1.00 10.28 ? 92  VAL A CA    1 
ATOM   607  C  C     . VAL A 1 95  ? 1.725   1.077   0.808   1.00 9.50  ? 92  VAL A C     1 
ATOM   608  O  O     . VAL A 1 95  ? 0.957   2.030   1.061   1.00 10.83 ? 92  VAL A O     1 
ATOM   609  C  CB    . VAL A 1 95  ? 0.919   -0.743  2.351   1.00 9.68  ? 92  VAL A CB    1 
ATOM   610  C  CG1   . VAL A 1 95  ? 0.300   -1.453  1.153   1.00 13.19 ? 92  VAL A CG1   1 
ATOM   611  C  CG2   . VAL A 1 95  ? 1.367   -1.747  3.457   1.00 11.72 ? 92  VAL A CG2   1 
ATOM   612  N  N     . TYR A 1 96  ? 2.269   0.875   -0.379  1.00 9.00  ? 93  TYR A N     1 
ATOM   613  C  CA    . TYR A 1 96  ? 2.028   1.817   -1.471  1.00 9.31  ? 93  TYR A CA    1 
ATOM   614  C  C     . TYR A 1 96  ? 1.151   1.129   -2.503  1.00 9.19  ? 93  TYR A C     1 
ATOM   615  O  O     . TYR A 1 96  ? 1.620   0.245   -3.222  1.00 10.97 ? 93  TYR A O     1 
ATOM   616  C  CB    . TYR A 1 96  ? 3.329   2.314   -2.099  1.00 9.98  ? 93  TYR A CB    1 
ATOM   617  C  CG    . TYR A 1 96  ? 3.090   3.523   -2.956  1.00 9.80  ? 93  TYR A CG    1 
ATOM   618  C  CD1   . TYR A 1 96  ? 2.991   4.809   -2.368  1.00 10.91 ? 93  TYR A CD1   1 
ATOM   619  C  CD2   . TYR A 1 96  ? 2.958   3.408   -4.342  1.00 10.95 ? 93  TYR A CD2   1 
ATOM   620  C  CE1   . TYR A 1 96  ? 2.772   5.936   -3.161  1.00 12.56 ? 93  TYR A CE1   1 
ATOM   621  C  CE2   . TYR A 1 96  ? 2.722   4.520   -5.141  1.00 11.46 ? 93  TYR A CE2   1 
ATOM   622  C  CZ    . TYR A 1 96  ? 2.624   5.784   -4.540  1.00 12.79 ? 93  TYR A CZ    1 
ATOM   623  O  OH    . TYR A 1 96  ? 2.404   6.904   -5.319  1.00 13.15 ? 93  TYR A OH    1 
ATOM   624  N  N     . MET A 1 97  ? -0.102  1.557   -2.583  1.00 10.15 ? 94  MET A N     1 
ATOM   625  C  CA    . MET A 1 97  ? -1.109  0.914   -3.443  1.00 10.27 ? 94  MET A CA    1 
ATOM   626  C  C     . MET A 1 97  ? -1.089  1.515   -4.866  1.00 10.16 ? 94  MET A C     1 
ATOM   627  O  O     . MET A 1 97  ? -1.120  2.728   -5.032  1.00 10.72 ? 94  MET A O     1 
ATOM   628  C  CB    . MET A 1 97  ? -2.513  1.095   -2.862  1.00 11.23 ? 94  MET A CB    1 
ATOM   629  C  CG    . MET A 1 97  ? -3.545  0.183   -3.578  1.00 11.18 ? 94  MET A CG    1 
ATOM   630  S  SD    . MET A 1 97  ? -3.314  -1.577  -3.239  1.00 13.33 ? 94  MET A SD    1 
ATOM   631  C  CE    . MET A 1 97  ? -3.682  -1.740  -1.495  1.00 11.97 ? 94  MET A CE    1 
ATOM   632  N  N     . VAL A 1 98  ? -1.099  0.634   -5.865  1.00 10.56 ? 95  VAL A N     1 
ATOM   633  C  CA    . VAL A 1 98  ? -1.050  1.039   -7.274  1.00 10.33 ? 95  VAL A CA    1 
ATOM   634  C  C     . VAL A 1 98  ? -2.132  0.300   -8.059  1.00 11.65 ? 95  VAL A C     1 
ATOM   635  O  O     . VAL A 1 98  ? -2.297  -0.924  -7.864  1.00 11.13 ? 95  VAL A O     1 
ATOM   636  C  CB    . VAL A 1 98  ? 0.315   0.701   -7.938  1.00 11.17 ? 95  VAL A CB    1 
ATOM   637  C  CG1   . VAL A 1 98  ? 0.342   1.210   -9.400  1.00 10.13 ? 95  VAL A CG1   1 
ATOM   638  C  CG2   . VAL A 1 98  ? 1.541   1.273   -7.118  1.00 12.22 ? 95  VAL A CG2   1 
ATOM   639  N  N     . ASP A 1 99  ? -2.841  1.021   -8.935  1.00 11.39 ? 96  ASP A N     1 
ATOM   640  C  CA    . ASP A 1 99  ? -3.819  0.367   -9.833  1.00 12.79 ? 96  ASP A CA    1 
ATOM   641  C  C     . ASP A 1 99  ? -2.971  -0.117  -10.994 1.00 12.22 ? 96  ASP A C     1 
ATOM   642  O  O     . ASP A 1 99  ? -2.605  0.674   -11.839 1.00 12.18 ? 96  ASP A O     1 
ATOM   643  C  CB    . ASP A 1 99  ? -4.907  1.346   -10.334 1.00 12.91 ? 96  ASP A CB    1 
ATOM   644  C  CG    . ASP A 1 99  ? -5.950  0.659   -11.215 1.00 14.40 ? 96  ASP A CG    1 
ATOM   645  O  OD1   . ASP A 1 99  ? -5.646  -0.439  -11.742 1.00 14.55 ? 96  ASP A OD1   1 
ATOM   646  O  OD2   . ASP A 1 99  ? -7.098  1.192   -11.342 1.00 13.37 ? 96  ASP A OD2   1 
ATOM   647  N  N     . ALA A 1 100 ? -2.623  -1.401  -11.011 1.00 12.54 ? 97  ALA A N     1 
ATOM   648  C  CA    . ALA A 1 100 ? -1.663  -1.915  -11.959 1.00 13.31 ? 97  ALA A CA    1 
ATOM   649  C  C     . ALA A 1 100 ? -2.304  -1.989  -13.343 1.00 14.26 ? 97  ALA A C     1 
ATOM   650  O  O     . ALA A 1 100 ? -1.599  -2.262  -14.295 1.00 14.33 ? 97  ALA A O     1 
ATOM   651  C  CB    . ALA A 1 100 ? -1.145  -3.321  -11.519 1.00 12.48 ? 97  ALA A CB    1 
ATOM   652  N  N     . ALA A 1 101 ? -3.625  -1.774  -13.402 1.00 14.92 ? 98  ALA A N     1 
ATOM   653  C  CA    . ALA A 1 101 ? -4.382  -1.813  -14.668 1.00 16.17 ? 98  ALA A CA    1 
ATOM   654  C  C     . ALA A 1 101 ? -4.572  -0.433  -15.291 1.00 17.12 ? 98  ALA A C     1 
ATOM   655  O  O     . ALA A 1 101 ? -4.991  -0.330  -16.448 1.00 17.37 ? 98  ALA A O     1 
ATOM   656  C  CB    . ALA A 1 101 ? -5.740  -2.485  -14.459 1.00 15.48 ? 98  ALA A CB    1 
ATOM   657  N  N     . ASP A 1 102 ? -4.277  0.629   -14.536 1.00 16.47 ? 99  ASP A N     1 
ATOM   658  C  CA    . ASP A 1 102 ? -4.491  1.995   -15.023 1.00 16.95 ? 99  ASP A CA    1 
ATOM   659  C  C     . ASP A 1 102 ? -3.177  2.580   -15.537 1.00 17.35 ? 99  ASP A C     1 
ATOM   660  O  O     . ASP A 1 102 ? -2.437  3.297   -14.817 1.00 16.78 ? 99  ASP A O     1 
ATOM   661  C  CB    . ASP A 1 102 ? -5.141  2.862   -13.935 1.00 17.25 ? 99  ASP A CB    1 
ATOM   662  C  CG    . ASP A 1 102 ? -5.544  4.251   -14.434 1.00 18.19 ? 99  ASP A CG    1 
ATOM   663  O  OD1   . ASP A 1 102 ? -5.066  4.683   -15.511 1.00 18.95 ? 99  ASP A OD1   1 
ATOM   664  O  OD2   . ASP A 1 102 ? -6.325  4.899   -13.706 1.00 21.75 ? 99  ASP A OD2   1 
ATOM   665  N  N     . GLN A 1 103 ? -2.878  2.279   -16.801 1.00 17.51 ? 100 GLN A N     1 
ATOM   666  C  CA    . GLN A 1 103 ? -1.544  2.584   -17.341 1.00 19.18 ? 100 GLN A CA    1 
ATOM   667  C  C     . GLN A 1 103 ? -1.256  4.082   -17.317 1.00 20.02 ? 100 GLN A C     1 
ATOM   668  O  O     . GLN A 1 103 ? -0.114  4.490   -17.157 1.00 21.00 ? 100 GLN A O     1 
ATOM   669  C  CB    . GLN A 1 103 ? -1.339  2.011   -18.754 1.00 19.75 ? 100 GLN A CB    1 
ATOM   670  C  CG    . GLN A 1 103 ? -1.720  0.525   -18.925 1.00 21.41 ? 100 GLN A CG    1 
ATOM   671  C  CD    . GLN A 1 103 ? -1.029  -0.392  -17.927 1.00 23.89 ? 100 GLN A CD    1 
ATOM   672  O  OE1   . GLN A 1 103 ? 0.126   -0.172  -17.558 1.00 25.94 ? 100 GLN A OE1   1 
ATOM   673  N  NE2   . GLN A 1 103 ? -1.738  -1.438  -17.493 1.00 23.28 ? 100 GLN A NE2   1 
ATOM   674  N  N     . GLU A 1 104 ? -2.297  4.894   -17.467 1.00 20.87 ? 101 GLU A N     1 
ATOM   675  C  CA    . GLU A 1 104 ? -2.115  6.339   -17.615 1.00 22.85 ? 101 GLU A CA    1 
ATOM   676  C  C     . GLU A 1 104 ? -1.604  6.962   -16.325 1.00 21.26 ? 101 GLU A C     1 
ATOM   677  O  O     . GLU A 1 104 ? -0.874  7.938   -16.373 1.00 22.05 ? 101 GLU A O     1 
ATOM   678  C  CB    . GLU A 1 104 ? -3.413  7.028   -18.034 1.00 23.15 ? 101 GLU A CB    1 
ATOM   679  C  CG    . GLU A 1 104 ? -3.887  6.707   -19.449 1.00 27.33 ? 101 GLU A CG    1 
ATOM   680  C  CD    . GLU A 1 104 ? -5.275  7.279   -19.728 1.00 28.33 ? 101 GLU A CD    1 
ATOM   681  O  OE1   . GLU A 1 104 ? -5.958  7.701   -18.753 1.00 34.04 ? 101 GLU A OE1   1 
ATOM   682  O  OE2   . GLU A 1 104 ? -5.685  7.324   -20.917 1.00 34.09 ? 101 GLU A OE2   1 
ATOM   683  N  N     . LYS A 1 105 ? -1.981  6.384   -15.182 1.00 19.56 ? 102 LYS A N     1 
ATOM   684  C  CA    . LYS A 1 105 ? -1.613  6.942   -13.862 1.00 18.33 ? 102 LYS A CA    1 
ATOM   685  C  C     . LYS A 1 105 ? -0.298  6.373   -13.294 1.00 17.67 ? 102 LYS A C     1 
ATOM   686  O  O     . LYS A 1 105 ? 0.160   6.825   -12.236 1.00 16.92 ? 102 LYS A O     1 
ATOM   687  C  CB    . LYS A 1 105 ? -2.754  6.730   -12.843 1.00 19.50 ? 102 LYS A CB    1 
ATOM   688  C  CG    . LYS A 1 105 ? -4.071  7.467   -13.176 1.00 18.73 ? 102 LYS A CG    1 
ATOM   689  C  CD    . LYS A 1 105 ? -5.151  7.243   -12.114 1.00 20.73 ? 102 LYS A CD    1 
ATOM   690  C  CE    . LYS A 1 105 ? -6.538  7.830   -12.520 1.00 23.95 ? 102 LYS A CE    1 
ATOM   691  N  NZ    . LYS A 1 105 ? -7.073  7.354   -13.857 1.00 25.28 ? 102 LYS A NZ    1 
ATOM   692  N  N     . ILE A 1 106 ? 0.305   5.400   -13.967 1.00 17.02 ? 103 ILE A N     1 
ATOM   693  C  CA    . ILE A 1 106 ? 1.556   4.797   -13.434 1.00 16.64 ? 103 ILE A CA    1 
ATOM   694  C  C     . ILE A 1 106 ? 2.693   5.821   -13.224 1.00 16.44 ? 103 ILE A C     1 
ATOM   695  O  O     . ILE A 1 106 ? 3.380   5.795   -12.187 1.00 14.37 ? 103 ILE A O     1 
ATOM   696  C  CB    . ILE A 1 106 ? 2.060   3.612   -14.288 1.00 17.40 ? 103 ILE A CB    1 
ATOM   697  C  CG1   . ILE A 1 106 ? 1.011   2.488   -14.323 1.00 18.50 ? 103 ILE A CG1   1 
ATOM   698  C  CG2   . ILE A 1 106 ? 3.446   3.153   -13.777 1.00 16.32 ? 103 ILE A CG2   1 
ATOM   699  C  CD1   . ILE A 1 106 ? 0.808   1.665   -13.024 1.00 17.84 ? 103 ILE A CD1   1 
ATOM   700  N  N     . GLU A 1 107 ? 2.881   6.730   -14.184 1.00 16.45 ? 104 GLU A N     1 
ATOM   701  C  CA    . GLU A 1 107 ? 3.939   7.741   -14.047 1.00 16.96 ? 104 GLU A CA    1 
ATOM   702  C  C     . GLU A 1 107 ? 3.695   8.637   -12.819 1.00 15.92 ? 104 GLU A C     1 
ATOM   703  O  O     . GLU A 1 107 ? 4.626   8.883   -12.036 1.00 15.47 ? 104 GLU A O     1 
ATOM   704  C  CB    . GLU A 1 107 ? 4.064   8.575   -15.329 1.00 18.55 ? 104 GLU A CB    1 
ATOM   705  C  CG    . GLU A 1 107 ? 5.095   9.691   -15.234 1.00 22.32 ? 104 GLU A CG    1 
ATOM   706  C  CD    . GLU A 1 107 ? 6.549   9.208   -15.181 1.00 27.05 ? 104 GLU A CD    1 
ATOM   707  O  OE1   . GLU A 1 107 ? 6.834   8.029   -15.511 1.00 29.00 ? 104 GLU A OE1   1 
ATOM   708  O  OE2   . GLU A 1 107 ? 7.424   10.028  -14.808 1.00 30.93 ? 104 GLU A OE2   1 
ATOM   709  N  N     . ALA A 1 108 ? 2.467   9.133   -12.641 1.00 15.06 ? 105 ALA A N     1 
ATOM   710  C  CA    . ALA A 1 108 ? 2.159   9.951   -11.452 1.00 15.04 ? 105 ALA A CA    1 
ATOM   711  C  C     . ALA A 1 108 ? 2.346   9.126   -10.151 1.00 14.66 ? 105 ALA A C     1 
ATOM   712  O  O     . ALA A 1 108 ? 2.915   9.602   -9.146  1.00 15.15 ? 105 ALA A O     1 
ATOM   713  C  CB    . ALA A 1 108 ? 0.768   10.506  -11.545 1.00 15.10 ? 105 ALA A CB    1 
ATOM   714  N  N     . SER A 1 109 ? 1.867   7.891   -10.179 1.00 14.54 ? 106 SER A N     1 
ATOM   715  C  CA    . SER A 1 109 ? 2.032   6.998   -9.031  1.00 13.84 ? 106 SER A CA    1 
ATOM   716  C  C     . SER A 1 109 ? 3.503   6.863   -8.676  1.00 13.69 ? 106 SER A C     1 
ATOM   717  O  O     . SER A 1 109 ? 3.895   7.021   -7.510  1.00 13.58 ? 106 SER A O     1 
ATOM   718  C  CB    . SER A 1 109 ? 1.457   5.625   -9.344  1.00 14.34 ? 106 SER A CB    1 
ATOM   719  O  OG    . SER A 1 109 ? 1.484   4.812   -8.170  1.00 13.43 ? 106 SER A OG    1 
ATOM   720  N  N     . LYS A 1 110 ? 4.325   6.595   -9.688  1.00 13.87 ? 107 LYS A N     1 
ATOM   721  C  CA    . LYS A 1 110 ? 5.785   6.536   -9.545  1.00 14.29 ? 107 LYS A CA    1 
ATOM   722  C  C     . LYS A 1 110 ? 6.339   7.814   -8.896  1.00 14.43 ? 107 LYS A C     1 
ATOM   723  O  O     . LYS A 1 110 ? 7.063   7.776   -7.882  1.00 13.73 ? 107 LYS A O     1 
ATOM   724  C  CB    . LYS A 1 110 ? 6.389   6.389   -10.962 1.00 14.32 ? 107 LYS A CB    1 
ATOM   725  C  CG    . LYS A 1 110 ? 7.914   6.256   -10.969 1.00 15.37 ? 107 LYS A CG    1 
ATOM   726  C  CD    . LYS A 1 110 ? 8.531   6.241   -12.360 1.00 17.98 ? 107 LYS A CD    1 
ATOM   727  C  CE    . LYS A 1 110 ? 9.504   7.371   -12.548 1.00 26.20 ? 107 LYS A CE    1 
ATOM   728  N  NZ    . LYS A 1 110 ? 10.450  7.148   -13.704 1.00 30.38 ? 107 LYS A NZ    1 
ATOM   729  N  N     . ASN A 1 111 ? 5.998   8.960   -9.486  1.00 13.46 ? 108 ASN A N     1 
ATOM   730  C  CA    . ASN A 1 111 ? 6.556   10.237  -9.037  1.00 14.23 ? 108 ASN A CA    1 
ATOM   731  C  C     . ASN A 1 111 ? 6.224   10.484  -7.566  1.00 14.20 ? 108 ASN A C     1 
ATOM   732  O  O     . ASN A 1 111 ? 7.095   10.888  -6.806  1.00 13.87 ? 108 ASN A O     1 
ATOM   733  C  CB    . ASN A 1 111 ? 6.033   11.400  -9.889  1.00 15.71 ? 108 ASN A CB    1 
ATOM   734  C  CG    . ASN A 1 111 ? 6.572   11.390  -11.317 1.00 17.18 ? 108 ASN A CG    1 
ATOM   735  O  OD1   . ASN A 1 111 ? 7.619   10.810  -11.609 1.00 23.50 ? 108 ASN A OD1   1 
ATOM   736  N  ND2   . ASN A 1 111 ? 5.843   12.046  -12.219 1.00 22.19 ? 108 ASN A ND2   1 
ATOM   737  N  N     . GLU A 1 112 ? 4.978   10.205  -7.170  1.00 12.99 ? 109 GLU A N     1 
ATOM   738  C  CA    . GLU A 1 112 ? 4.560   10.437  -5.760  1.00 13.44 ? 109 GLU A CA    1 
ATOM   739  C  C     . GLU A 1 112 ? 5.313   9.496   -4.812  1.00 12.60 ? 109 GLU A C     1 
ATOM   740  O  O     . GLU A 1 112 ? 5.689   9.884   -3.690  1.00 12.50 ? 109 GLU A O     1 
ATOM   741  C  CB    . GLU A 1 112 ? 3.051   10.328  -5.585  1.00 13.78 ? 109 GLU A CB    1 
ATOM   742  C  CG    . GLU A 1 112 ? 2.281   11.372  -6.447  1.00 15.75 ? 109 GLU A CG    1 
ATOM   743  C  CD    . GLU A 1 112 ? 2.373   12.824  -5.937  1.00 18.87 ? 109 GLU A CD    1 
ATOM   744  O  OE1   . GLU A 1 112 ? 3.045   13.100  -4.928  1.00 19.19 ? 109 GLU A OE1   1 
ATOM   745  O  OE2   . GLU A 1 112 ? 1.699   13.710  -6.541  1.00 20.50 ? 109 GLU A OE2   1 
ATOM   746  N  N     . LEU A 1 113 ? 5.563   8.268   -5.264  1.00 12.20 ? 110 LEU A N     1 
ATOM   747  C  CA    . LEU A 1 113 ? 6.326   7.323   -4.418  1.00 12.64 ? 110 LEU A CA    1 
ATOM   748  C  C     . LEU A 1 113 ? 7.740   7.839   -4.178  1.00 12.74 ? 110 LEU A C     1 
ATOM   749  O  O     . LEU A 1 113 ? 8.205   7.939   -3.032  1.00 12.23 ? 110 LEU A O     1 
ATOM   750  C  CB    . LEU A 1 113 ? 6.413   5.940   -5.065  1.00 12.34 ? 110 LEU A CB    1 
ATOM   751  C  CG    . LEU A 1 113 ? 7.218   4.901   -4.297  1.00 10.83 ? 110 LEU A CG    1 
ATOM   752  C  CD1   . LEU A 1 113 ? 6.711   4.728   -2.816  1.00 12.47 ? 110 LEU A CD1   1 
ATOM   753  C  CD2   . LEU A 1 113 ? 7.141   3.588   -5.130  1.00 13.92 ? 110 LEU A CD2   1 
ATOM   754  N  N     . HIS A 1 114 ? 8.445   8.154   -5.264  1.00 12.49 ? 111 HIS A N     1 
ATOM   755  C  CA    . HIS A 1 114 ? 9.849   8.569   -5.109  1.00 13.01 ? 111 HIS A CA    1 
ATOM   756  C  C     . HIS A 1 114 ? 9.929   9.873   -4.303  1.00 13.21 ? 111 HIS A C     1 
ATOM   757  O  O     . HIS A 1 114 ? 10.797  10.035  -3.443  1.00 13.75 ? 111 HIS A O     1 
ATOM   758  C  CB    . HIS A 1 114 ? 10.496  8.689   -6.480  1.00 14.21 ? 111 HIS A CB    1 
ATOM   759  C  CG    . HIS A 1 114 ? 10.791  7.359   -7.100  1.00 16.11 ? 111 HIS A CG    1 
ATOM   760  N  ND1   . HIS A 1 114 ? 12.032  6.764   -7.019  1.00 17.33 ? 111 HIS A ND1   1 
ATOM   761  C  CD2   . HIS A 1 114 ? 10.004  6.502   -7.795  1.00 14.46 ? 111 HIS A CD2   1 
ATOM   762  C  CE1   . HIS A 1 114 ? 12.001  5.603   -7.661  1.00 19.11 ? 111 HIS A CE1   1 
ATOM   763  N  NE2   . HIS A 1 114 ? 10.782  5.424   -8.145  1.00 14.98 ? 111 HIS A NE2   1 
ATOM   764  N  N     . ASN A 1 115 ? 8.987   10.778  -4.572  1.00 13.70 ? 112 ASN A N     1 
ATOM   765  C  CA    . ASN A 1 115 ? 8.885   12.025  -3.809  1.00 14.19 ? 112 ASN A CA    1 
ATOM   766  C  C     . ASN A 1 115 ? 8.736   11.763  -2.310  1.00 13.28 ? 112 ASN A C     1 
ATOM   767  O  O     . ASN A 1 115 ? 9.461   12.345  -1.480  1.00 13.75 ? 112 ASN A O     1 
ATOM   768  C  CB    . ASN A 1 115 ? 7.729   12.879  -4.297  1.00 14.00 ? 112 ASN A CB    1 
ATOM   769  C  CG    . ASN A 1 115 ? 7.682   14.226  -3.602  1.00 17.56 ? 112 ASN A CG    1 
ATOM   770  O  OD1   . ASN A 1 115 ? 8.618   15.039  -3.732  1.00 19.09 ? 112 ASN A OD1   1 
ATOM   771  N  ND2   . ASN A 1 115 ? 6.610   14.467  -2.837  1.00 22.97 ? 112 ASN A ND2   1 
ATOM   772  N  N     . LEU A 1 116 ? 7.799   10.884  -1.956  1.00 12.52 ? 113 LEU A N     1 
ATOM   773  C  CA    . LEU A 1 116 ? 7.587   10.499  -0.553  1.00 12.43 ? 113 LEU A CA    1 
ATOM   774  C  C     . LEU A 1 116 ? 8.872   9.964   0.120   1.00 12.98 ? 113 LEU A C     1 
ATOM   775  O  O     . LEU A 1 116 ? 9.217   10.352  1.269   1.00 13.47 ? 113 LEU A O     1 
ATOM   776  C  CB    . LEU A 1 116 ? 6.475   9.439   -0.492  1.00 11.12 ? 113 LEU A CB    1 
ATOM   777  C  CG    . LEU A 1 116 ? 6.070   8.998   0.908   1.00 11.80 ? 113 LEU A CG    1 
ATOM   778  C  CD1   . LEU A 1 116 ? 5.551   10.184  1.701   1.00 12.69 ? 113 LEU A CD1   1 
ATOM   779  C  CD2   . LEU A 1 116 ? 5.042   7.858   0.801   1.00 11.89 ? 113 LEU A CD2   1 
ATOM   780  N  N     . LEU A 1 117 ? 9.581   9.080   -0.590  1.00 11.34 ? 114 LEU A N     1 
ATOM   781  C  CA    . LEU A 1 117 ? 10.771  8.422   -0.031  1.00 12.79 ? 114 LEU A CA    1 
ATOM   782  C  C     . LEU A 1 117 ? 12.019  9.342   -0.009  1.00 13.63 ? 114 LEU A C     1 
ATOM   783  O  O     . LEU A 1 117 ? 13.082  8.944   0.517   1.00 14.77 ? 114 LEU A O     1 
ATOM   784  C  CB    . LEU A 1 117 ? 11.021  7.072   -0.732  1.00 13.26 ? 114 LEU A CB    1 
ATOM   785  C  CG    . LEU A 1 117 ? 9.860   6.068   -0.781  1.00 11.41 ? 114 LEU A CG    1 
ATOM   786  C  CD1   . LEU A 1 117 ? 10.343  4.748   -1.439  1.00 15.06 ? 114 LEU A CD1   1 
ATOM   787  C  CD2   . LEU A 1 117 ? 9.306   5.810   0.634   1.00 15.41 ? 114 LEU A CD2   1 
ATOM   788  N  N     . ASP A 1 118 ? 11.902  10.557  -0.562  1.00 13.85 ? 115 ASP A N     1 
ATOM   789  C  CA    . ASP A 1 118 ? 12.974  11.599  -0.409  1.00 16.24 ? 115 ASP A CA    1 
ATOM   790  C  C     . ASP A 1 118 ? 12.979  12.172  1.019   1.00 17.87 ? 115 ASP A C     1 
ATOM   791  O  O     . ASP A 1 118 ? 13.933  12.839  1.415   1.00 18.76 ? 115 ASP A O     1 
ATOM   792  C  CB    . ASP A 1 118 ? 12.770  12.791  -1.370  1.00 16.18 ? 115 ASP A CB    1 
ATOM   793  C  CG    . ASP A 1 118 ? 13.250  12.530  -2.788  1.00 18.03 ? 115 ASP A CG    1 
ATOM   794  O  OD1   . ASP A 1 118 ? 14.016  11.585  -3.001  1.00 18.25 ? 115 ASP A OD1   1 
ATOM   795  O  OD2   . ASP A 1 118 ? 12.898  13.352  -3.686  1.00 21.94 ? 115 ASP A OD2   1 
ATOM   796  N  N     . LYS A 1 119 ? 11.909  11.942  1.778   1.00 18.09 ? 116 LYS A N     1 
ATOM   797  C  CA    . LYS A 1 119 ? 11.713  12.667  3.053   1.00 19.23 ? 116 LYS A CA    1 
ATOM   798  C  C     . LYS A 1 119 ? 12.520  11.991  4.177   1.00 19.31 ? 116 LYS A C     1 
ATOM   799  O  O     . LYS A 1 119 ? 12.344  10.804  4.448   1.00 19.10 ? 116 LYS A O     1 
ATOM   800  C  CB    . LYS A 1 119 ? 10.217  12.804  3.398   1.00 20.42 ? 116 LYS A CB    1 
ATOM   801  C  CG    . LYS A 1 119 ? 9.312   13.305  2.223   1.00 20.58 ? 116 LYS A CG    1 
ATOM   802  C  CD    . LYS A 1 119 ? 9.347   14.819  1.951   1.00 24.63 ? 116 LYS A CD    1 
ATOM   803  C  CE    . LYS A 1 119 ? 8.718   15.172  0.547   1.00 22.48 ? 116 LYS A CE    1 
ATOM   804  N  NZ    . LYS A 1 119 ? 9.676   15.071  -0.661  1.00 18.72 ? 116 LYS A NZ    1 
ATOM   805  N  N     . PRO A 1 120 ? 13.445  12.739  4.818   1.00 19.93 ? 117 PRO A N     1 
ATOM   806  C  CA    . PRO A 1 120 ? 14.460  12.070  5.652   1.00 20.20 ? 117 PRO A CA    1 
ATOM   807  C  C     . PRO A 1 120 ? 13.875  11.358  6.864   1.00 19.63 ? 117 PRO A C     1 
ATOM   808  O  O     . PRO A 1 120 ? 14.410  10.325  7.286   1.00 20.13 ? 117 PRO A O     1 
ATOM   809  C  CB    . PRO A 1 120 ? 15.378  13.234  6.090   1.00 19.91 ? 117 PRO A CB    1 
ATOM   810  C  CG    . PRO A 1 120 ? 14.498  14.431  6.051   1.00 20.18 ? 117 PRO A CG    1 
ATOM   811  C  CD    . PRO A 1 120 ? 13.644  14.201  4.800   1.00 20.73 ? 117 PRO A CD    1 
ATOM   812  N  N     . GLN A 1 121 ? 12.773  11.887  7.393   1.00 19.34 ? 118 GLN A N     1 
ATOM   813  C  CA    . GLN A 1 121 ? 12.114  11.242  8.544   1.00 19.87 ? 118 GLN A CA    1 
ATOM   814  C  C     . GLN A 1 121 ? 11.574  9.839   8.208   1.00 19.00 ? 118 GLN A C     1 
ATOM   815  O  O     . GLN A 1 121 ? 11.340  9.038   9.104   1.00 19.73 ? 118 GLN A O     1 
ATOM   816  C  CB    . GLN A 1 121 ? 11.055  12.148  9.143   1.00 20.27 ? 118 GLN A CB    1 
ATOM   817  C  CG    . GLN A 1 121 ? 11.653  13.404  9.799   1.00 24.71 ? 118 GLN A CG    1 
ATOM   818  C  CD    . GLN A 1 121 ? 10.863  13.864  11.025  1.00 30.52 ? 118 GLN A CD    1 
ATOM   819  O  OE1   . GLN A 1 121 ? 10.358  13.046  11.805  1.00 32.54 ? 118 GLN A OE1   1 
ATOM   820  N  NE2   . GLN A 1 121 ? 10.755  15.180  11.195  1.00 32.68 ? 118 GLN A NE2   1 
ATOM   821  N  N     . LEU A 1 122 ? 11.441  9.542   6.915   1.00 16.93 ? 119 LEU A N     1 
ATOM   822  C  CA    . LEU A 1 122 ? 11.022  8.218   6.464   1.00 17.34 ? 119 LEU A CA    1 
ATOM   823  C  C     . LEU A 1 122 ? 12.188  7.262   6.169   1.00 17.92 ? 119 LEU A C     1 
ATOM   824  O  O     . LEU A 1 122 ? 11.980  6.131   5.704   1.00 16.85 ? 119 LEU A O     1 
ATOM   825  C  CB    . LEU A 1 122 ? 10.091  8.349   5.253   1.00 16.70 ? 119 LEU A CB    1 
ATOM   826  C  CG    . LEU A 1 122 ? 8.878   9.254   5.507   1.00 16.61 ? 119 LEU A CG    1 
ATOM   827  C  CD1   . LEU A 1 122 ? 7.926   9.152   4.315   1.00 15.62 ? 119 LEU A CD1   1 
ATOM   828  C  CD2   . LEU A 1 122 ? 8.162   8.936   6.865   1.00 15.28 ? 119 LEU A CD2   1 
ATOM   829  N  N     . GLN A 1 123 ? 13.412  7.688   6.510   1.00 18.44 ? 120 GLN A N     1 
ATOM   830  C  CA    . GLN A 1 123 ? 14.617  6.887   6.204   1.00 20.48 ? 120 GLN A CA    1 
ATOM   831  C  C     . GLN A 1 123 ? 14.494  5.455   6.764   1.00 18.06 ? 120 GLN A C     1 
ATOM   832  O  O     . GLN A 1 123 ? 14.133  5.267   7.925   1.00 19.54 ? 120 GLN A O     1 
ATOM   833  C  CB    . GLN A 1 123 ? 15.889  7.604   6.748   1.00 19.98 ? 120 GLN A CB    1 
ATOM   834  C  CG    . GLN A 1 123 ? 17.161  6.718   6.891   1.00 25.66 ? 120 GLN A CG    1 
ATOM   835  C  CD    . GLN A 1 123 ? 18.284  7.346   7.767   1.00 25.50 ? 120 GLN A CD    1 
ATOM   836  O  OE1   . GLN A 1 123 ? 18.109  7.584   8.979   1.00 31.07 ? 120 GLN A OE1   1 
ATOM   837  N  NE2   . GLN A 1 123 ? 19.448  7.565   7.161   1.00 31.03 ? 120 GLN A NE2   1 
ATOM   838  N  N     . GLY A 1 124 ? 14.750  4.442   5.930   1.00 17.85 ? 121 GLY A N     1 
ATOM   839  C  CA    . GLY A 1 124 ? 14.831  3.054   6.411   1.00 17.24 ? 121 GLY A CA    1 
ATOM   840  C  C     . GLY A 1 124 ? 13.534  2.252   6.603   1.00 17.25 ? 121 GLY A C     1 
ATOM   841  O  O     . GLY A 1 124 ? 13.577  1.043   6.898   1.00 16.76 ? 121 GLY A O     1 
ATOM   842  N  N     . ILE A 1 125 ? 12.384  2.928   6.498   1.00 15.32 ? 122 ILE A N     1 
ATOM   843  C  CA    . ILE A 1 125 ? 11.104  2.273   6.730   1.00 14.57 ? 122 ILE A CA    1 
ATOM   844  C  C     . ILE A 1 125 ? 10.820  1.369   5.504   1.00 14.41 ? 122 ILE A C     1 
ATOM   845  O  O     . ILE A 1 125 ? 10.881  1.866   4.384   1.00 13.98 ? 122 ILE A O     1 
ATOM   846  C  CB    . ILE A 1 125 ? 9.952   3.296   6.919   1.00 15.00 ? 122 ILE A CB    1 
ATOM   847  C  CG1   . ILE A 1 125 ? 10.190  4.208   8.137   1.00 14.24 ? 122 ILE A CG1   1 
ATOM   848  C  CG2   . ILE A 1 125 ? 8.600   2.576   7.079   1.00 13.32 ? 122 ILE A CG2   1 
ATOM   849  C  CD1   . ILE A 1 125 ? 9.071   5.256   8.334   1.00 15.37 ? 122 ILE A CD1   1 
ATOM   850  N  N     . PRO A 1 126 ? 10.569  0.054   5.731   1.00 14.41 ? 123 PRO A N     1 
ATOM   851  C  CA    . PRO A 1 126 ? 10.275  -0.920  4.677   1.00 13.63 ? 123 PRO A CA    1 
ATOM   852  C  C     . PRO A 1 126 ? 9.046   -0.484  3.889   1.00 13.13 ? 123 PRO A C     1 
ATOM   853  O  O     . PRO A 1 126 ? 8.088   0.064   4.476   1.00 11.85 ? 123 PRO A O     1 
ATOM   854  C  CB    . PRO A 1 126 ? 9.940   -2.213  5.440   1.00 15.15 ? 123 PRO A CB    1 
ATOM   855  C  CG    . PRO A 1 126 ? 10.468  -2.022  6.821   1.00 16.48 ? 123 PRO A CG    1 
ATOM   856  C  CD    . PRO A 1 126 ? 10.494  -0.541  7.077   1.00 15.13 ? 123 PRO A CD    1 
ATOM   857  N  N     . VAL A 1 127 ? 9.091   -0.712  2.583   1.00 11.75 ? 124 VAL A N     1 
ATOM   858  C  CA    . VAL A 1 127 ? 7.992   -0.344  1.699   1.00 10.75 ? 124 VAL A CA    1 
ATOM   859  C  C     . VAL A 1 127 ? 7.502   -1.552  0.929   1.00 11.40 ? 124 VAL A C     1 
ATOM   860  O  O     . VAL A 1 127 ? 8.316   -2.290  0.374   1.00 11.53 ? 124 VAL A O     1 
ATOM   861  C  CB    . VAL A 1 127 ? 8.407   0.755   0.718   1.00 10.27 ? 124 VAL A CB    1 
ATOM   862  C  CG1   . VAL A 1 127 ? 7.297   0.981   -0.314  1.00 11.34 ? 124 VAL A CG1   1 
ATOM   863  C  CG2   . VAL A 1 127 ? 8.712   2.074   1.468   1.00 10.57 ? 124 VAL A CG2   1 
ATOM   864  N  N     . LEU A 1 128 ? 6.184   -1.742  0.903   1.00 10.00 ? 125 LEU A N     1 
ATOM   865  C  CA    . LEU A 1 128 ? 5.588   -2.834  0.121   1.00 10.11 ? 125 LEU A CA    1 
ATOM   866  C  C     . LEU A 1 128 ? 4.739   -2.188  -0.949  1.00 10.03 ? 125 LEU A C     1 
ATOM   867  O  O     . LEU A 1 128 ? 3.763   -1.521  -0.611  1.00 11.03 ? 125 LEU A O     1 
ATOM   868  C  CB    . LEU A 1 128 ? 4.723   -3.747  0.990   1.00 10.47 ? 125 LEU A CB    1 
ATOM   869  C  CG    . LEU A 1 128 ? 4.025   -4.908  0.267   1.00 10.56 ? 125 LEU A CG    1 
ATOM   870  C  CD1   . LEU A 1 128 ? 5.016   -5.853  -0.489  1.00 10.96 ? 125 LEU A CD1   1 
ATOM   871  C  CD2   . LEU A 1 128 ? 3.083   -5.706  1.238   1.00 10.28 ? 125 LEU A CD2   1 
ATOM   872  N  N     . VAL A 1 129 ? 5.152   -2.343  -2.206  1.00 10.41 ? 126 VAL A N     1 
ATOM   873  C  CA    . VAL A 1 129 ? 4.396   -1.765  -3.336  1.00 10.49 ? 126 VAL A CA    1 
ATOM   874  C  C     . VAL A 1 129 ? 3.441   -2.841  -3.846  1.00 10.70 ? 126 VAL A C     1 
ATOM   875  O  O     . VAL A 1 129 ? 3.884   -3.922  -4.241  1.00 10.25 ? 126 VAL A O     1 
ATOM   876  C  CB    . VAL A 1 129 ? 5.320   -1.284  -4.493  1.00 11.20 ? 126 VAL A CB    1 
ATOM   877  C  CG1   . VAL A 1 129 ? 4.466   -0.754  -5.662  1.00 10.76 ? 126 VAL A CG1   1 
ATOM   878  C  CG2   . VAL A 1 129 ? 6.282   -0.217  -3.994  1.00 11.82 ? 126 VAL A CG2   1 
ATOM   879  N  N     . LEU A 1 130 ? 2.154   -2.516  -3.915  1.00 10.00 ? 127 LEU A N     1 
ATOM   880  C  CA    . LEU A 1 130 ? 1.139   -3.519  -4.333  1.00 10.79 ? 127 LEU A CA    1 
ATOM   881  C  C     . LEU A 1 130 ? 0.517   -3.119  -5.659  1.00 11.27 ? 127 LEU A C     1 
ATOM   882  O  O     . LEU A 1 130 ? -0.114  -2.045  -5.753  1.00 10.07 ? 127 LEU A O     1 
ATOM   883  C  CB    . LEU A 1 130 ? 0.071   -3.667  -3.252  1.00 11.36 ? 127 LEU A CB    1 
ATOM   884  C  CG    . LEU A 1 130 ? 0.605   -4.217  -1.918  1.00 11.71 ? 127 LEU A CG    1 
ATOM   885  C  CD1   . LEU A 1 130 ? -0.504  -4.207  -0.874  1.00 14.00 ? 127 LEU A CD1   1 
ATOM   886  C  CD2   . LEU A 1 130 ? 1.231   -5.582  -2.078  1.00 13.23 ? 127 LEU A CD2   1 
ATOM   887  N  N     . GLY A 1 131 ? 0.734   -3.962  -6.671  1.00 11.30 ? 128 GLY A N     1 
ATOM   888  C  CA    . GLY A 1 131 ? 0.216   -3.740  -8.032  1.00 11.14 ? 128 GLY A CA    1 
ATOM   889  C  C     . GLY A 1 131 ? -1.165  -4.385  -7.993  1.00 10.86 ? 128 GLY A C     1 
ATOM   890  O  O     . GLY A 1 131 ? -1.321  -5.564  -8.324  1.00 11.12 ? 128 GLY A O     1 
ATOM   891  N  N     . ASN A 1 132 ? -2.153  -3.623  -7.518  1.00 10.84 ? 129 ASN A N     1 
ATOM   892  C  CA    . ASN A 1 132 ? -3.532  -4.120  -7.348  1.00 11.54 ? 129 ASN A CA    1 
ATOM   893  C  C     . ASN A 1 132 ? -4.316  -4.266  -8.688  1.00 12.09 ? 129 ASN A C     1 
ATOM   894  O  O     . ASN A 1 132 ? -3.917  -3.695  -9.697  1.00 12.97 ? 129 ASN A O     1 
ATOM   895  C  CB    . ASN A 1 132 ? -4.304  -3.170  -6.382  1.00 11.75 ? 129 ASN A CB    1 
ATOM   896  C  CG    . ASN A 1 132 ? -5.631  -3.759  -5.879  1.00 11.28 ? 129 ASN A CG    1 
ATOM   897  O  OD1   . ASN A 1 132 ? -5.783  -4.999  -5.707  1.00 14.91 ? 129 ASN A OD1   1 
ATOM   898  N  ND2   . ASN A 1 132 ? -6.574  -2.880  -5.565  1.00 11.37 ? 129 ASN A ND2   1 
ATOM   899  N  N     . LYS A 1 133 ? -5.451  -4.983  -8.644  1.00 13.27 ? 130 LYS A N     1 
ATOM   900  C  CA    . LYS A 1 133 ? -6.348  -5.162  -9.812  1.00 13.81 ? 130 LYS A CA    1 
ATOM   901  C  C     . LYS A 1 133 ? -5.717  -6.063  -10.871 1.00 14.83 ? 130 LYS A C     1 
ATOM   902  O  O     . LYS A 1 133 ? -5.937  -5.879  -12.084 1.00 14.18 ? 130 LYS A O     1 
ATOM   903  C  CB    . LYS A 1 133 ? -6.813  -3.817  -10.434 1.00 14.15 ? 130 LYS A CB    1 
ATOM   904  C  CG    . LYS A 1 133 ? -7.275  -2.787  -9.404  1.00 14.08 ? 130 LYS A CG    1 
ATOM   905  C  CD    . LYS A 1 133 ? -8.053  -1.658  -10.016 1.00 12.46 ? 130 LYS A CD    1 
ATOM   906  C  CE    . LYS A 1 133 ? -8.386  -0.641  -8.910  1.00 14.31 ? 130 LYS A CE    1 
ATOM   907  N  NZ    . LYS A 1 133 ? -9.114  0.515   -9.520  1.00 14.63 ? 130 LYS A NZ    1 
ATOM   908  N  N     . ARG A 1 134 ? -4.955  -7.056  -10.400 1.00 15.10 ? 131 ARG A N     1 
ATOM   909  C  CA    . ARG A 1 134 ? -4.350  -8.081  -11.260 1.00 17.22 ? 131 ARG A CA    1 
ATOM   910  C  C     . ARG A 1 134 ? -5.417  -8.763  -12.143 1.00 17.60 ? 131 ARG A C     1 
ATOM   911  O  O     . ARG A 1 134 ? -5.133  -9.183  -13.266 1.00 18.71 ? 131 ARG A O     1 
ATOM   912  C  CB    . ARG A 1 134 ? -3.609  -9.139  -10.430 1.00 16.47 ? 131 ARG A CB    1 
ATOM   913  C  CG    . ARG A 1 134 ? -2.870  -10.211 -11.287 1.00 19.45 ? 131 ARG A CG    1 
ATOM   914  C  CD    . ARG A 1 134 ? -2.146  -11.246 -10.388 1.00 20.31 ? 131 ARG A CD    1 
ATOM   915  N  NE    . ARG A 1 134 ? -1.361  -12.241 -11.141 1.00 27.95 ? 131 ARG A NE    1 
ATOM   916  C  CZ    . ARG A 1 134 ? -0.254  -12.019 -11.874 1.00 30.33 ? 131 ARG A CZ    1 
ATOM   917  N  NH1   . ARG A 1 134 ? 0.282   -10.803 -12.063 1.00 23.66 ? 131 ARG A NH1   1 
ATOM   918  N  NH2   . ARG A 1 134 ? 0.319   -13.057 -12.480 1.00 33.56 ? 131 ARG A NH2   1 
ATOM   919  N  N     . ASP A 1 135 ? -6.642  -8.811  -11.643 1.00 18.05 ? 132 ASP A N     1 
ATOM   920  C  CA    . ASP A 1 135 ? -7.753  -9.468  -12.371 1.00 18.84 ? 132 ASP A CA    1 
ATOM   921  C  C     . ASP A 1 135 ? -8.171  -8.744  -13.649 1.00 19.54 ? 132 ASP A C     1 
ATOM   922  O  O     . ASP A 1 135 ? -8.823  -9.346  -14.531 1.00 19.90 ? 132 ASP A O     1 
ATOM   923  C  CB    . ASP A 1 135 ? -8.977  -9.614  -11.479 1.00 18.63 ? 132 ASP A CB    1 
ATOM   924  C  CG    . ASP A 1 135 ? -9.461  -8.296  -10.951 1.00 20.21 ? 132 ASP A CG    1 
ATOM   925  O  OD1   . ASP A 1 135 ? -8.825  -7.812  -9.990  1.00 18.17 ? 132 ASP A OD1   1 
ATOM   926  O  OD2   . ASP A 1 135 ? -10.441 -7.720  -11.501 1.00 18.72 ? 132 ASP A OD2   1 
ATOM   927  N  N     . LEU A 1 136 ? -7.825  -7.459  -13.752 1.00 19.02 ? 133 LEU A N     1 
ATOM   928  C  CA    . LEU A 1 136 ? -8.220  -6.664  -14.905 1.00 18.94 ? 133 LEU A CA    1 
ATOM   929  C  C     . LEU A 1 136 ? -7.281  -6.867  -16.098 1.00 19.31 ? 133 LEU A C     1 
ATOM   930  O  O     . LEU A 1 136 ? -6.068  -7.080  -15.922 1.00 17.75 ? 133 LEU A O     1 
ATOM   931  C  CB    . LEU A 1 136 ? -8.330  -5.183  -14.540 1.00 19.30 ? 133 LEU A CB    1 
ATOM   932  C  CG    . LEU A 1 136 ? -9.403  -4.793  -13.497 1.00 18.55 ? 133 LEU A CG    1 
ATOM   933  C  CD1   . LEU A 1 136 ? -9.375  -3.273  -13.301 1.00 17.75 ? 133 LEU A CD1   1 
ATOM   934  C  CD2   . LEU A 1 136 ? -10.836 -5.289  -13.895 1.00 18.96 ? 133 LEU A CD2   1 
ATOM   935  N  N     . PRO A 1 137 ? -7.831  -6.813  -17.327 1.00 19.13 ? 134 PRO A N     1 
ATOM   936  C  CA    . PRO A 1 137 ? -6.971  -7.003  -18.505 1.00 19.45 ? 134 PRO A CA    1 
ATOM   937  C  C     . PRO A 1 137 ? -5.860  -5.966  -18.574 1.00 18.30 ? 134 PRO A C     1 
ATOM   938  O  O     . PRO A 1 137 ? -6.102  -4.785  -18.323 1.00 17.67 ? 134 PRO A O     1 
ATOM   939  C  CB    . PRO A 1 137 ? -7.940  -6.788  -19.684 1.00 19.77 ? 134 PRO A CB    1 
ATOM   940  C  CG    . PRO A 1 137 ? -9.273  -7.170  -19.117 1.00 20.20 ? 134 PRO A CG    1 
ATOM   941  C  CD    . PRO A 1 137 ? -9.243  -6.621  -17.704 1.00 20.17 ? 134 PRO A CD    1 
ATOM   942  N  N     . GLY A 1 138 ? -4.655  -6.404  -18.931 1.00 17.46 ? 135 GLY A N     1 
ATOM   943  C  CA    . GLY A 1 138 ? -3.549  -5.485  -19.074 1.00 16.60 ? 135 GLY A CA    1 
ATOM   944  C  C     . GLY A 1 138 ? -2.846  -5.147  -17.753 1.00 15.33 ? 135 GLY A C     1 
ATOM   945  O  O     . GLY A 1 138 ? -1.860  -4.467  -17.789 1.00 15.44 ? 135 GLY A O     1 
ATOM   946  N  N     . ALA A 1 139 ? -3.348  -5.641  -16.618 1.00 15.27 ? 136 ALA A N     1 
ATOM   947  C  CA    . ALA A 1 139 ? -2.690  -5.396  -15.299 1.00 14.66 ? 136 ALA A CA    1 
ATOM   948  C  C     . ALA A 1 139 ? -1.202  -5.762  -15.348 1.00 14.73 ? 136 ALA A C     1 
ATOM   949  O  O     . ALA A 1 139 ? -0.847  -6.866  -15.783 1.00 15.58 ? 136 ALA A O     1 
ATOM   950  C  CB    . ALA A 1 139 ? -3.392  -6.195  -14.187 1.00 15.02 ? 136 ALA A CB    1 
ATOM   951  N  N     . LEU A 1 140 ? -0.330  -4.833  -14.930 1.00 13.79 ? 137 LEU A N     1 
ATOM   952  C  CA    . LEU A 1 140 ? 1.117   -5.084  -14.867 1.00 13.69 ? 137 LEU A CA    1 
ATOM   953  C  C     . LEU A 1 140 ? 1.501   -6.128  -13.816 1.00 13.90 ? 137 LEU A C     1 
ATOM   954  O  O     . LEU A 1 140 ? 0.950   -6.115  -12.709 1.00 14.56 ? 137 LEU A O     1 
ATOM   955  C  CB    . LEU A 1 140 ? 1.847   -3.764  -14.544 1.00 12.63 ? 137 LEU A CB    1 
ATOM   956  C  CG    . LEU A 1 140 ? 1.668   -2.644  -15.573 1.00 13.57 ? 137 LEU A CG    1 
ATOM   957  C  CD1   . LEU A 1 140 ? 2.546   -1.444  -15.244 1.00 14.00 ? 137 LEU A CD1   1 
ATOM   958  C  CD2   . LEU A 1 140 ? 1.891   -3.111  -17.040 1.00 14.39 ? 137 LEU A CD2   1 
ATOM   959  N  N     . ASP A 1 141 ? 2.466   -7.000  -14.130 1.00 14.12 ? 138 ASP A N     1 
ATOM   960  C  CA    . ASP A 1 141 ? 2.958   -7.928  -13.102 1.00 14.64 ? 138 ASP A CA    1 
ATOM   961  C  C     . ASP A 1 141 ? 4.077   -7.261  -12.300 1.00 13.97 ? 138 ASP A C     1 
ATOM   962  O  O     . ASP A 1 141 ? 4.373   -6.079  -12.528 1.00 13.27 ? 138 ASP A O     1 
ATOM   963  C  CB    . ASP A 1 141 ? 3.379   -9.281  -13.696 1.00 15.93 ? 138 ASP A CB    1 
ATOM   964  C  CG    . ASP A 1 141 ? 4.550   -9.195  -14.666 1.00 18.04 ? 138 ASP A CG    1 
ATOM   965  O  OD1   . ASP A 1 141 ? 5.265   -8.173  -14.763 1.00 15.53 ? 138 ASP A OD1   1 
ATOM   966  O  OD2   . ASP A 1 141 ? 4.752   -10.213 -15.381 1.00 23.39 ? 138 ASP A OD2   1 
ATOM   967  N  N     . GLU A 1 142 ? 4.696   -8.011  -11.384 1.00 13.15 ? 139 GLU A N     1 
ATOM   968  C  CA    . GLU A 1 142 ? 5.795   -7.470  -10.563 1.00 13.43 ? 139 GLU A CA    1 
ATOM   969  C  C     . GLU A 1 142 ? 6.919   -6.859  -11.385 1.00 12.90 ? 139 GLU A C     1 
ATOM   970  O  O     . GLU A 1 142 ? 7.272   -5.700  -11.180 1.00 12.38 ? 139 GLU A O     1 
ATOM   971  C  CB    . GLU A 1 142 ? 6.321   -8.522  -9.574  1.00 11.78 ? 139 GLU A CB    1 
ATOM   972  C  CG    . GLU A 1 142 ? 5.290   -8.890  -8.521  1.00 14.56 ? 139 GLU A CG    1 
ATOM   973  C  CD    . GLU A 1 142 ? 4.429   -10.088 -8.915  1.00 16.21 ? 139 GLU A CD    1 
ATOM   974  O  OE1   . GLU A 1 142 ? 4.514   -10.561 -10.086 1.00 16.43 ? 139 GLU A OE1   1 
ATOM   975  O  OE2   . GLU A 1 142 ? 3.691   -10.595 -8.037  1.00 15.11 ? 139 GLU A OE2   1 
ATOM   976  N  N     . LYS A 1 143 ? 7.472   -7.615  -12.334 1.00 12.62 ? 140 LYS A N     1 
ATOM   977  C  CA    . LYS A 1 143 ? 8.562   -7.092  -13.147 1.00 13.29 ? 140 LYS A CA    1 
ATOM   978  C  C     . LYS A 1 143 ? 8.186   -5.839  -13.891 1.00 13.80 ? 140 LYS A C     1 
ATOM   979  O  O     . LYS A 1 143 ? 8.948   -4.868  -13.923 1.00 13.64 ? 140 LYS A O     1 
ATOM   980  C  CB    . LYS A 1 143 ? 9.049   -8.154  -14.123 1.00 13.58 ? 140 LYS A CB    1 
ATOM   981  C  CG    . LYS A 1 143 ? 9.901   -9.209  -13.422 1.00 11.73 ? 140 LYS A CG    1 
ATOM   982  C  CD    . LYS A 1 143 ? 10.548  -10.140 -14.428 1.00 12.43 ? 140 LYS A CD    1 
ATOM   983  C  CE    . LYS A 1 143 ? 9.566   -11.141 -15.039 1.00 14.30 ? 140 LYS A CE    1 
ATOM   984  N  NZ    . LYS A 1 143 ? 10.394  -11.847 -16.074 1.00 13.91 ? 140 LYS A NZ    1 
ATOM   985  N  N     . GLU A 1 144 ? 7.010   -5.862  -14.508 1.00 13.19 ? 141 GLU A N     1 
ATOM   986  C  CA    . GLU A 1 144 ? 6.542   -4.709  -15.254 1.00 13.97 ? 141 GLU A CA    1 
ATOM   987  C  C     . GLU A 1 144 ? 6.370   -3.476  -14.359 1.00 13.92 ? 141 GLU A C     1 
ATOM   988  O  O     . GLU A 1 144 ? 6.801   -2.384  -14.741 1.00 13.91 ? 141 GLU A O     1 
ATOM   989  C  CB    . GLU A 1 144 ? 5.259   -5.055  -15.981 1.00 14.25 ? 141 GLU A CB    1 
ATOM   990  C  CG    . GLU A 1 144 ? 5.526   -6.006  -17.123 1.00 16.24 ? 141 GLU A CG    1 
ATOM   991  C  CD    . GLU A 1 144 ? 4.258   -6.570  -17.718 1.00 21.53 ? 141 GLU A CD    1 
ATOM   992  O  OE1   . GLU A 1 144 ? 3.250   -6.714  -16.979 1.00 19.54 ? 141 GLU A OE1   1 
ATOM   993  O  OE2   . GLU A 1 144 ? 4.303   -6.879  -18.933 1.00 20.24 ? 141 GLU A OE2   1 
ATOM   994  N  N     . LEU A 1 145 ? 5.796   -3.664  -13.172 1.00 13.16 ? 142 LEU A N     1 
ATOM   995  C  CA    . LEU A 1 145 ? 5.592   -2.546  -12.242 1.00 13.15 ? 142 LEU A CA    1 
ATOM   996  C  C     . LEU A 1 145 ? 6.947   -2.049  -11.701 1.00 12.74 ? 142 LEU A C     1 
ATOM   997  O  O     . LEU A 1 145 ? 7.204   -0.837  -11.630 1.00 13.96 ? 142 LEU A O     1 
ATOM   998  C  CB    . LEU A 1 145 ? 4.638   -2.933  -11.112 1.00 15.04 ? 142 LEU A CB    1 
ATOM   999  C  CG    . LEU A 1 145 ? 4.061   -1.736  -10.365 1.00 16.48 ? 142 LEU A CG    1 
ATOM   1000 C  CD1   . LEU A 1 145 ? 3.200   -0.854  -11.295 1.00 18.08 ? 142 LEU A CD1   1 
ATOM   1001 C  CD2   . LEU A 1 145 ? 3.265   -2.215  -9.158  1.00 21.04 ? 142 LEU A CD2   1 
ATOM   1002 N  N     . ILE A 1 146 ? 7.817   -2.981  -11.328 1.00 12.17 ? 143 ILE A N     1 
ATOM   1003 C  CA    . ILE A 1 146 ? 9.161   -2.622  -10.862 1.00 13.53 ? 143 ILE A CA    1 
ATOM   1004 C  C     . ILE A 1 146 ? 9.919   -1.773  -11.903 1.00 14.54 ? 143 ILE A C     1 
ATOM   1005 O  O     . ILE A 1 146 ? 10.566  -0.764  -11.582 1.00 13.81 ? 143 ILE A O     1 
ATOM   1006 C  CB    . ILE A 1 146 ? 9.977   -3.882  -10.494 1.00 13.47 ? 143 ILE A CB    1 
ATOM   1007 C  CG1   . ILE A 1 146 ? 9.490   -4.481  -9.179  1.00 15.58 ? 143 ILE A CG1   1 
ATOM   1008 C  CG2   . ILE A 1 146 ? 11.468  -3.543  -10.389 1.00 13.34 ? 143 ILE A CG2   1 
ATOM   1009 C  CD1   . ILE A 1 146 ? 9.855   -5.971  -8.952  1.00 13.83 ? 143 ILE A CD1   1 
ATOM   1010 N  N     . GLU A 1 147 ? 9.804   -2.168  -13.176 1.00 13.70 ? 144 GLU A N     1 
ATOM   1011 C  CA    . GLU A 1 147 ? 10.487  -1.434  -14.224 1.00 16.02 ? 144 GLU A CA    1 
ATOM   1012 C  C     . GLU A 1 147 ? 9.839   -0.050  -14.447 1.00 15.56 ? 144 GLU A C     1 
ATOM   1013 O  O     . GLU A 1 147 ? 10.517  0.972   -14.470 1.00 17.23 ? 144 GLU A O     1 
ATOM   1014 C  CB    . GLU A 1 147 ? 10.482  -2.235  -15.523 1.00 14.84 ? 144 GLU A CB    1 
ATOM   1015 C  CG    . GLU A 1 147 ? 11.083  -1.437  -16.663 1.00 19.07 ? 144 GLU A CG    1 
ATOM   1016 C  CD    . GLU A 1 147 ? 11.547  -2.306  -17.835 1.00 21.26 ? 144 GLU A CD    1 
ATOM   1017 O  OE1   . GLU A 1 147 ? 11.110  -3.467  -17.956 1.00 23.19 ? 144 GLU A OE1   1 
ATOM   1018 O  OE2   . GLU A 1 147 ? 12.334  -1.783  -18.648 1.00 20.28 ? 144 GLU A OE2   1 
ATOM   1019 N  N     . LYS A 1 148 ? 8.520   -0.031  -14.608 1.00 17.01 ? 145 LYS A N     1 
ATOM   1020 C  CA    . LYS A 1 148 ? 7.820   1.225   -14.917 1.00 17.69 ? 145 LYS A CA    1 
ATOM   1021 C  C     . LYS A 1 148 ? 7.893   2.222   -13.753 1.00 17.32 ? 145 LYS A C     1 
ATOM   1022 O  O     . LYS A 1 148 ? 7.879   3.427   -13.971 1.00 17.62 ? 145 LYS A O     1 
ATOM   1023 C  CB    . LYS A 1 148 ? 6.361   0.986   -15.313 1.00 19.10 ? 145 LYS A CB    1 
ATOM   1024 C  CG    . LYS A 1 148 ? 6.129   0.041   -16.498 1.00 23.64 ? 145 LYS A CG    1 
ATOM   1025 C  CD    . LYS A 1 148 ? 7.081   0.261   -17.655 1.00 30.51 ? 145 LYS A CD    1 
ATOM   1026 C  CE    . LYS A 1 148 ? 7.044   -0.929  -18.637 1.00 32.88 ? 145 LYS A CE    1 
ATOM   1027 N  NZ    . LYS A 1 148 ? 7.559   -2.227  -18.049 1.00 33.22 ? 145 LYS A NZ    1 
ATOM   1028 N  N     . MET A 1 149 ? 8.019   1.710   -12.533 1.00 16.13 ? 146 MET A N     1 
ATOM   1029 C  CA    . MET A 1 149 ? 8.044   2.589   -11.360 1.00 16.45 ? 146 MET A CA    1 
ATOM   1030 C  C     . MET A 1 149 ? 9.464   2.839   -10.887 1.00 15.55 ? 146 MET A C     1 
ATOM   1031 O  O     . MET A 1 149 ? 9.680   3.511   -9.862  1.00 15.48 ? 146 MET A O     1 
ATOM   1032 C  CB    . MET A 1 149 ? 7.189   2.017   -10.227 1.00 15.70 ? 146 MET A CB    1 
ATOM   1033 C  CG    . MET A 1 149 ? 5.707   1.952   -10.589 1.00 16.81 ? 146 MET A CG    1 
ATOM   1034 S  SD    . MET A 1 149 ? 4.702   1.546   -9.193  1.00 17.15 ? 146 MET A SD    1 
ATOM   1035 C  CE    . MET A 1 149 ? 4.792   3.080   -8.242  1.00 16.80 ? 146 MET A CE    1 
ATOM   1036 N  N     . ASN A 1 150 ? 10.439  2.313   -11.635 1.00 14.78 ? 147 ASN A N     1 
ATOM   1037 C  CA    . ASN A 1 150 ? 11.837  2.431   -11.256 1.00 15.24 ? 147 ASN A CA    1 
ATOM   1038 C  C     . ASN A 1 150 ? 12.101  2.041   -9.785  1.00 14.01 ? 147 ASN A C     1 
ATOM   1039 O  O     . ASN A 1 150 ? 12.810  2.748   -9.044  1.00 15.00 ? 147 ASN A O     1 
ATOM   1040 C  CB    . ASN A 1 150 ? 12.342  3.874   -11.538 1.00 15.69 ? 147 ASN A CB    1 
ATOM   1041 C  CG    . ASN A 1 150 ? 13.856  3.979   -11.506 1.00 18.31 ? 147 ASN A CG    1 
ATOM   1042 O  OD1   . ASN A 1 150 ? 14.568  2.994   -11.705 1.00 22.87 ? 147 ASN A OD1   1 
ATOM   1043 N  ND2   . ASN A 1 150 ? 14.349  5.166   -11.215 1.00 22.59 ? 147 ASN A ND2   1 
ATOM   1044 N  N     . LEU A 1 151 ? 11.495  0.945   -9.349  1.00 13.92 ? 148 LEU A N     1 
ATOM   1045 C  CA    . LEU A 1 151 ? 11.667  0.518   -7.955  1.00 13.13 ? 148 LEU A CA    1 
ATOM   1046 C  C     . LEU A 1 151 ? 13.094  0.071   -7.632  1.00 14.99 ? 148 LEU A C     1 
ATOM   1047 O  O     . LEU A 1 151 ? 13.522  0.130   -6.462  1.00 14.01 ? 148 LEU A O     1 
ATOM   1048 C  CB    . LEU A 1 151 ? 10.651  -0.548  -7.574  1.00 13.38 ? 148 LEU A CB    1 
ATOM   1049 C  CG    . LEU A 1 151 ? 9.182   -0.123  -7.716  1.00 12.73 ? 148 LEU A CG    1 
ATOM   1050 C  CD1   . LEU A 1 151 ? 8.217   -1.228  -7.253  1.00 13.22 ? 148 LEU A CD1   1 
ATOM   1051 C  CD2   . LEU A 1 151 ? 8.838   1.196   -6.981  1.00 10.91 ? 148 LEU A CD2   1 
ATOM   1052 N  N     . SER A 1 152 ? 13.823  -0.383  -8.648  1.00 14.16 ? 149 SER A N     1 
ATOM   1053 C  CA    . SER A 1 152 ? 15.235  -0.774  -8.417  1.00 16.04 ? 149 SER A CA    1 
ATOM   1054 C  C     . SER A 1 152 ? 16.095  0.395   -7.874  1.00 16.67 ? 149 SER A C     1 
ATOM   1055 O  O     . SER A 1 152 ? 17.143  0.170   -7.253  1.00 17.59 ? 149 SER A O     1 
ATOM   1056 C  CB    . SER A 1 152 ? 15.877  -1.399  -9.679  1.00 15.34 ? 149 SER A CB    1 
ATOM   1057 O  OG    . SER A 1 152 ? 15.210  -2.624  -10.011 1.00 16.06 ? 149 SER A OG    1 
ATOM   1058 N  N     . ALA A 1 153 ? 15.656  1.627   -8.116  1.00 17.45 ? 150 ALA A N     1 
ATOM   1059 C  CA    . ALA A 1 153 ? 16.404  2.815   -7.708  1.00 19.48 ? 150 ALA A CA    1 
ATOM   1060 C  C     . ALA A 1 153 ? 16.303  3.108   -6.206  1.00 21.47 ? 150 ALA A C     1 
ATOM   1061 O  O     . ALA A 1 153 ? 17.065  3.936   -5.696  1.00 22.11 ? 150 ALA A O     1 
ATOM   1062 C  CB    . ALA A 1 153 ? 15.917  4.039   -8.510  1.00 19.67 ? 150 ALA A CB    1 
ATOM   1063 N  N     . ILE A 1 154 ? 15.356  2.452   -5.529  1.00 22.20 ? 151 ILE A N     1 
ATOM   1064 C  CA    . ILE A 1 154 ? 15.094  2.660   -4.097  1.00 24.51 ? 151 ILE A CA    1 
ATOM   1065 C  C     . ILE A 1 154 ? 16.064  1.796   -3.295  1.00 26.22 ? 151 ILE A C     1 
ATOM   1066 O  O     . ILE A 1 154 ? 15.898  0.572   -3.196  1.00 26.14 ? 151 ILE A O     1 
ATOM   1067 C  CB    . ILE A 1 154 ? 13.625  2.321   -3.727  1.00 24.07 ? 151 ILE A CB    1 
ATOM   1068 C  CG1   . ILE A 1 154 ? 12.630  3.171   -4.541  1.00 23.40 ? 151 ILE A CG1   1 
ATOM   1069 C  CG2   . ILE A 1 154 ? 13.386  2.429   -2.199  1.00 23.54 ? 151 ILE A CG2   1 
ATOM   1070 C  CD1   . ILE A 1 154 ? 12.919  4.646   -4.541  1.00 25.36 ? 151 ILE A CD1   1 
ATOM   1071 N  N     . GLN A 1 155 ? 17.069  2.441   -2.704  1.00 28.88 ? 152 GLN A N     1 
ATOM   1072 C  CA    . GLN A 1 155 ? 18.225  1.706   -2.183  1.00 31.59 ? 152 GLN A CA    1 
ATOM   1073 C  C     . GLN A 1 155 ? 18.488  1.845   -0.669  1.00 31.18 ? 152 GLN A C     1 
ATOM   1074 O  O     . GLN A 1 155 ? 19.346  1.152   -0.129  1.00 32.23 ? 152 GLN A O     1 
ATOM   1075 C  CB    . GLN A 1 155 ? 19.488  2.117   -2.961  1.00 32.30 ? 152 GLN A CB    1 
ATOM   1076 C  CG    . GLN A 1 155 ? 20.093  3.460   -2.472  1.00 34.64 ? 152 GLN A CG    1 
ATOM   1077 C  CD    . GLN A 1 155 ? 21.175  4.028   -3.395  1.00 35.10 ? 152 GLN A CD    1 
ATOM   1078 O  OE1   . GLN A 1 155 ? 21.355  3.574   -4.525  1.00 40.48 ? 152 GLN A OE1   1 
ATOM   1079 N  NE2   . GLN A 1 155 ? 21.891  5.047   -2.910  1.00 39.63 ? 152 GLN A NE2   1 
ATOM   1080 N  N     . ASP A 1 156 ? 17.766  2.727   0.005   1.00 30.84 ? 153 ASP A N     1 
ATOM   1081 C  CA    . ASP A 1 156 ? 18.059  3.019   1.412   1.00 30.11 ? 153 ASP A CA    1 
ATOM   1082 C  C     . ASP A 1 156 ? 17.303  2.092   2.384   1.00 27.47 ? 153 ASP A C     1 
ATOM   1083 O  O     . ASP A 1 156 ? 17.460  2.179   3.601   1.00 27.78 ? 153 ASP A O     1 
ATOM   1084 C  CB    . ASP A 1 156 ? 17.665  4.462   1.708   1.00 31.12 ? 153 ASP A CB    1 
ATOM   1085 C  CG    . ASP A 1 156 ? 16.170  4.607   1.951   1.00 34.42 ? 153 ASP A CG    1 
ATOM   1086 O  OD1   . ASP A 1 156 ? 15.399  4.566   0.936   1.00 37.53 ? 153 ASP A OD1   1 
ATOM   1087 O  OD2   . ASP A 1 156 ? 15.791  4.724   3.161   1.00 33.04 ? 153 ASP A OD2   1 
ATOM   1088 N  N     . ARG A 1 157 ? 16.462  1.227   1.841   1.00 23.98 ? 154 ARG A N     1 
ATOM   1089 C  CA    . ARG A 1 157 ? 15.480  0.525   2.637   1.00 20.53 ? 154 ARG A CA    1 
ATOM   1090 C  C     . ARG A 1 157 ? 15.122  -0.771  1.937   1.00 20.06 ? 154 ARG A C     1 
ATOM   1091 O  O     . ARG A 1 157 ? 15.444  -0.974  0.757   1.00 18.49 ? 154 ARG A O     1 
ATOM   1092 C  CB    . ARG A 1 157 ? 14.216  1.382   2.753   1.00 21.20 ? 154 ARG A CB    1 
ATOM   1093 C  CG    . ARG A 1 157 ? 13.400  1.445   1.435   1.00 21.04 ? 154 ARG A CG    1 
ATOM   1094 C  CD    . ARG A 1 157 ? 12.307  2.510   1.458   1.00 17.98 ? 154 ARG A CD    1 
ATOM   1095 N  NE    . ARG A 1 157 ? 12.863  3.853   1.526   1.00 16.88 ? 154 ARG A NE    1 
ATOM   1096 C  CZ    . ARG A 1 157 ? 12.594  4.756   2.467   1.00 17.56 ? 154 ARG A CZ    1 
ATOM   1097 N  NH1   . ARG A 1 157 ? 11.764  4.480   3.477   1.00 16.44 ? 154 ARG A NH1   1 
ATOM   1098 N  NH2   . ARG A 1 157 ? 13.188  5.946   2.386   1.00 17.56 ? 154 ARG A NH2   1 
ATOM   1099 N  N     . GLU A 1 158 ? 14.446  -1.630  2.679   1.00 17.69 ? 155 GLU A N     1 
ATOM   1100 C  CA    . GLU A 1 158 ? 13.855  -2.814  2.126   1.00 17.77 ? 155 GLU A CA    1 
ATOM   1101 C  C     . GLU A 1 158 ? 12.629  -2.432  1.313   1.00 17.09 ? 155 GLU A C     1 
ATOM   1102 O  O     . GLU A 1 158 ? 11.713  -1.794  1.839   1.00 16.67 ? 155 GLU A O     1 
ATOM   1103 C  CB    . GLU A 1 158 ? 13.413  -3.728  3.251   1.00 17.89 ? 155 GLU A CB    1 
ATOM   1104 C  CG    . GLU A 1 158 ? 12.616  -4.943  2.779   1.00 19.54 ? 155 GLU A CG    1 
ATOM   1105 C  CD    . GLU A 1 158 ? 12.160  -5.819  3.925   1.00 22.38 ? 155 GLU A CD    1 
ATOM   1106 O  OE1   . GLU A 1 158 ? 12.247  -5.387  5.103   1.00 25.48 ? 155 GLU A OE1   1 
ATOM   1107 O  OE2   . GLU A 1 158 ? 11.687  -6.927  3.652   1.00 22.78 ? 155 GLU A OE2   1 
ATOM   1108 N  N     . ILE A 1 159 ? 12.601  -2.885  0.055   1.00 16.18 ? 156 ILE A N     1 
ATOM   1109 C  CA    . ILE A 1 159 ? 11.426  -2.686  -0.790  1.00 15.65 ? 156 ILE A CA    1 
ATOM   1110 C  C     . ILE A 1 159 ? 11.019  -3.980  -1.491  1.00 14.85 ? 156 ILE A C     1 
ATOM   1111 O  O     . ILE A 1 159 ? 11.864  -4.711  -2.010  1.00 13.46 ? 156 ILE A O     1 
ATOM   1112 C  CB    . ILE A 1 159 ? 11.617  -1.489  -1.774  1.00 15.51 ? 156 ILE A CB    1 
ATOM   1113 C  CG1   . ILE A 1 159 ? 10.321  -1.229  -2.575  1.00 17.83 ? 156 ILE A CG1   1 
ATOM   1114 C  CG2   . ILE A 1 159 ? 12.856  -1.693  -2.651  1.00 16.08 ? 156 ILE A CG2   1 
ATOM   1115 C  CD1   . ILE A 1 159 ? 10.362  0.123   -3.314  1.00 17.21 ? 156 ILE A CD1   1 
ATOM   1116 N  N     . CYS A 1 160 ? 9.712   -4.249  -1.462  1.00 14.01 ? 157 CYS A N     1 
ATOM   1117 C  CA    . CYS A 1 160 ? 9.128   -5.476  -2.040  1.00 13.75 ? 157 CYS A CA    1 
ATOM   1118 C  C     . CYS A 1 160 ? 7.920   -5.120  -2.875  1.00 13.12 ? 157 CYS A C     1 
ATOM   1119 O  O     . CYS A 1 160 ? 7.268   -4.137  -2.587  1.00 13.86 ? 157 CYS A O     1 
ATOM   1120 C  CB    . CYS A 1 160 ? 8.666   -6.412  -0.911  1.00 14.88 ? 157 CYS A CB    1 
ATOM   1121 S  SG    . CYS A 1 160 ? 8.014   -8.003  -1.461  1.00 16.65 ? 157 CYS A SG    1 
ATOM   1122 N  N     . CYS A 1 161 ? 7.631   -5.915  -3.919  1.00 12.78 ? 158 CYS A N     1 
ATOM   1123 C  CA    . CYS A 1 161 ? 6.490   -5.609  -4.806  1.00 12.26 ? 158 CYS A CA    1 
ATOM   1124 C  C     . CYS A 1 161 ? 5.715   -6.891  -5.060  1.00 11.94 ? 158 CYS A C     1 
ATOM   1125 O  O     . CYS A 1 161 ? 6.321   -7.920  -5.401  1.00 12.59 ? 158 CYS A O     1 
ATOM   1126 C  CB    . CYS A 1 161 ? 6.986   -5.084  -6.140  1.00 13.52 ? 158 CYS A CB    1 
ATOM   1127 S  SG    . CYS A 1 161 ? 5.629   -4.725  -7.314  1.00 13.77 ? 158 CYS A SG    1 
ATOM   1128 N  N     . TYR A 1 162 ? 4.389   -6.837  -4.925  1.00 11.90 ? 159 TYR A N     1 
ATOM   1129 C  CA    . TYR A 1 162 ? 3.568   -8.005  -5.258  1.00 12.31 ? 159 TYR A CA    1 
ATOM   1130 C  C     . TYR A 1 162 ? 2.432   -7.545  -6.138  1.00 12.66 ? 159 TYR A C     1 
ATOM   1131 O  O     . TYR A 1 162 ? 1.863   -6.471  -5.911  1.00 13.49 ? 159 TYR A O     1 
ATOM   1132 C  CB    . TYR A 1 162 ? 2.929   -8.607  -4.027  1.00 12.76 ? 159 TYR A CB    1 
ATOM   1133 C  CG    . TYR A 1 162 ? 3.875   -9.254  -3.048  1.00 12.13 ? 159 TYR A CG    1 
ATOM   1134 C  CD1   . TYR A 1 162 ? 5.002   -9.956  -3.473  1.00 12.75 ? 159 TYR A CD1   1 
ATOM   1135 C  CD2   . TYR A 1 162 ? 3.588   -9.210  -1.683  1.00 13.33 ? 159 TYR A CD2   1 
ATOM   1136 C  CE1   . TYR A 1 162 ? 5.865   -10.580 -2.532  1.00 15.94 ? 159 TYR A CE1   1 
ATOM   1137 C  CE2   . TYR A 1 162 ? 4.431   -9.837  -0.747  1.00 15.49 ? 159 TYR A CE2   1 
ATOM   1138 C  CZ    . TYR A 1 162 ? 5.554   -10.521 -1.180  1.00 14.67 ? 159 TYR A CZ    1 
ATOM   1139 O  OH    . TYR A 1 162 ? 6.377   -11.124 -0.210  1.00 15.02 ? 159 TYR A OH    1 
ATOM   1140 N  N     . SER A 1 163 ? 2.082   -8.392  -7.102  1.00 12.65 ? 160 SER A N     1 
ATOM   1141 C  CA    . SER A 1 163 ? 0.853   -8.219  -7.877  1.00 13.42 ? 160 SER A CA    1 
ATOM   1142 C  C     . SER A 1 163 ? -0.271  -8.889  -7.093  1.00 13.44 ? 160 SER A C     1 
ATOM   1143 O  O     . SER A 1 163 ? -0.162  -10.057 -6.750  1.00 14.78 ? 160 SER A O     1 
ATOM   1144 C  CB    . SER A 1 163 ? 1.065   -8.849  -9.257  1.00 13.75 ? 160 SER A CB    1 
ATOM   1145 O  OG    . SER A 1 163 ? -0.129  -9.008  -9.989  1.00 15.08 ? 160 SER A OG    1 
ATOM   1146 N  N     . ILE A 1 164 ? -1.333  -8.154  -6.797  1.00 13.83 ? 161 ILE A N     1 
ATOM   1147 C  CA    . ILE A 1 164 ? -2.465  -8.686  -6.038  1.00 14.09 ? 161 ILE A CA    1 
ATOM   1148 C  C     . ILE A 1 164 ? -3.804  -8.356  -6.736  1.00 14.44 ? 161 ILE A C     1 
ATOM   1149 O  O     . ILE A 1 164 ? -3.897  -7.487  -7.627  1.00 13.02 ? 161 ILE A O     1 
ATOM   1150 C  CB    . ILE A 1 164 ? -2.517  -8.148  -4.568  1.00 14.28 ? 161 ILE A CB    1 
ATOM   1151 C  CG1   . ILE A 1 164 ? -2.899  -6.645  -4.546  1.00 14.22 ? 161 ILE A CG1   1 
ATOM   1152 C  CG2   . ILE A 1 164 ? -1.167  -8.404  -3.828  1.00 15.21 ? 161 ILE A CG2   1 
ATOM   1153 C  CD1   . ILE A 1 164 ? -3.318  -6.159  -3.202  1.00 15.31 ? 161 ILE A CD1   1 
ATOM   1154 N  N     . SER A 1 165 ? -4.830  -9.068  -6.300  1.00 15.14 ? 162 SER A N     1 
ATOM   1155 C  CA    . SER A 1 165 ? -6.190  -8.695  -6.596  1.00 15.68 ? 162 SER A CA    1 
ATOM   1156 C  C     . SER A 1 165 ? -7.030  -8.702  -5.327  1.00 15.88 ? 162 SER A C     1 
ATOM   1157 O  O     . SER A 1 165 ? -7.215  -9.762  -4.690  1.00 14.68 ? 162 SER A O     1 
ATOM   1158 C  CB    . SER A 1 165 ? -6.803  -9.639  -7.643  1.00 15.82 ? 162 SER A CB    1 
ATOM   1159 O  OG    . SER A 1 165 ? -8.170  -9.300  -7.811  1.00 16.34 ? 162 SER A OG    1 
ATOM   1160 N  N     . CYS A 1 166 ? -7.551  -7.538  -4.935  1.00 15.66 ? 163 CYS A N     1 
ATOM   1161 C  CA    . CYS A 1 166 ? -8.500  -7.535  -3.831  1.00 16.87 ? 163 CYS A CA    1 
ATOM   1162 C  C     . CYS A 1 166 ? -9.794  -8.262  -4.216  1.00 18.05 ? 163 CYS A C     1 
ATOM   1163 O  O     . CYS A 1 166 ? -10.415 -8.885  -3.368  1.00 18.47 ? 163 CYS A O     1 
ATOM   1164 C  CB    . CYS A 1 166 ? -8.828  -6.125  -3.362  1.00 16.46 ? 163 CYS A CB    1 
ATOM   1165 S  SG    . CYS A 1 166 ? -7.394  -5.298  -2.668  1.00 15.63 ? 163 CYS A SG    1 
ATOM   1166 N  N     . LYS A 1 167 ? -10.159 -8.172  -5.487  1.00 19.58 ? 164 LYS A N     1 
ATOM   1167 C  CA    . LYS A 1 167 ? -11.389 -8.825  -5.981  1.00 21.77 ? 164 LYS A CA    1 
ATOM   1168 C  C     . LYS A 1 167 ? -11.333 -10.362 -5.996  1.00 22.97 ? 164 LYS A C     1 
ATOM   1169 O  O     . LYS A 1 167 ? -12.281 -11.023 -5.530  1.00 23.37 ? 164 LYS A O     1 
ATOM   1170 C  CB    . LYS A 1 167 ? -11.803 -8.247  -7.337  1.00 22.28 ? 164 LYS A CB    1 
ATOM   1171 C  CG    . LYS A 1 167 ? -13.001 -8.964  -7.974  1.00 23.53 ? 164 LYS A CG    1 
ATOM   1172 C  CD    . LYS A 1 167 ? -13.339 -8.390  -9.327  1.00 26.50 ? 164 LYS A CD    1 
ATOM   1173 C  CE    . LYS A 1 167 ? -14.627 -9.021  -9.877  1.00 28.35 ? 164 LYS A CE    1 
ATOM   1174 N  NZ    . LYS A 1 167 ? -15.086 -8.202  -11.024 1.00 30.25 ? 164 LYS A NZ    1 
ATOM   1175 N  N     . GLU A 1 168 ? -10.237 -10.931 -6.495  1.00 23.81 ? 165 GLU A N     1 
ATOM   1176 C  CA    . GLU A 1 168 ? -10.123 -12.395 -6.623  1.00 25.07 ? 165 GLU A CA    1 
ATOM   1177 C  C     . GLU A 1 168 ? -9.208  -13.030 -5.578  1.00 25.46 ? 165 GLU A C     1 
ATOM   1178 O  O     . GLU A 1 168 ? -9.040  -14.252 -5.567  1.00 25.86 ? 165 GLU A O     1 
ATOM   1179 C  CB    . GLU A 1 168 ? -9.693  -12.820 -8.042  1.00 26.04 ? 165 GLU A CB    1 
ATOM   1180 C  CG    . GLU A 1 168 ? -10.443 -12.141 -9.228  1.00 27.98 ? 165 GLU A CG    1 
ATOM   1181 C  CD    . GLU A 1 168 ? -11.969 -12.348 -9.270  1.00 35.28 ? 165 GLU A CD    1 
ATOM   1182 O  OE1   . GLU A 1 168 ? -12.527 -13.191 -8.516  1.00 34.78 ? 165 GLU A OE1   1 
ATOM   1183 O  OE2   . GLU A 1 168 ? -12.617 -11.668 -10.110 1.00 39.61 ? 165 GLU A OE2   1 
ATOM   1184 N  N     . LYS A 1 169 ? -8.630  -12.196 -4.707  1.00 25.75 ? 166 LYS A N     1 
ATOM   1185 C  CA    . LYS A 1 169 ? -7.775  -12.630 -3.571  1.00 25.63 ? 166 LYS A CA    1 
ATOM   1186 C  C     . LYS A 1 169 ? -6.332  -12.999 -3.889  1.00 25.21 ? 166 LYS A C     1 
ATOM   1187 O  O     . LYS A 1 169 ? -5.550  -13.284 -2.956  1.00 25.48 ? 166 LYS A O     1 
ATOM   1188 C  CB    . LYS A 1 169 ? -8.423  -13.772 -2.788  1.00 26.47 ? 166 LYS A CB    1 
ATOM   1189 C  CG    . LYS A 1 169 ? -9.443  -13.319 -1.770  1.00 27.94 ? 166 LYS A CG    1 
ATOM   1190 C  CD    . LYS A 1 169 ? -10.531 -12.484 -2.368  1.00 30.39 ? 166 LYS A CD    1 
ATOM   1191 C  CE    . LYS A 1 169 ? -11.071 -11.522 -1.349  1.00 30.20 ? 166 LYS A CE    1 
ATOM   1192 N  NZ    . LYS A 1 169 ? -12.133 -10.704 -1.977  1.00 34.04 ? 166 LYS A NZ    1 
ATOM   1193 N  N     . ASP A 1 170 ? -5.958  -12.993 -5.165  1.00 24.40 ? 167 ASP A N     1 
ATOM   1194 C  CA    . ASP A 1 170 ? -4.604  -13.389 -5.548  1.00 23.55 ? 167 ASP A CA    1 
ATOM   1195 C  C     . ASP A 1 170 ? -3.597  -12.616 -4.717  1.00 22.24 ? 167 ASP A C     1 
ATOM   1196 O  O     . ASP A 1 170 ? -3.663  -11.393 -4.670  1.00 20.28 ? 167 ASP A O     1 
ATOM   1197 C  CB    . ASP A 1 170 ? -4.333  -13.143 -7.032  1.00 24.99 ? 167 ASP A CB    1 
ATOM   1198 C  CG    . ASP A 1 170 ? -5.439  -13.642 -7.910  1.00 27.90 ? 167 ASP A CG    1 
ATOM   1199 O  OD1   . ASP A 1 170 ? -6.243  -14.479 -7.446  1.00 34.55 ? 167 ASP A OD1   1 
ATOM   1200 O  OD2   . ASP A 1 170 ? -5.521  -13.187 -9.060  1.00 35.35 ? 167 ASP A OD2   1 
ATOM   1201 N  N     . ASN A 1 171 ? -2.713  -13.365 -4.055  1.00 20.96 ? 168 ASN A N     1 
ATOM   1202 C  CA    . ASN A 1 171 ? -1.589  -12.867 -3.254  1.00 20.64 ? 168 ASN A CA    1 
ATOM   1203 C  C     . ASN A 1 171 ? -1.950  -12.035 -2.021  1.00 19.44 ? 168 ASN A C     1 
ATOM   1204 O  O     . ASN A 1 171 ? -1.081  -11.343 -1.454  1.00 20.01 ? 168 ASN A O     1 
ATOM   1205 C  CB    . ASN A 1 171 ? -0.576  -12.107 -4.116  1.00 20.05 ? 168 ASN A CB    1 
ATOM   1206 C  CG    . ASN A 1 171 ? 0.241   -13.008 -5.031  1.00 23.93 ? 168 ASN A CG    1 
ATOM   1207 O  OD1   . ASN A 1 171 ? 0.726   -12.552 -6.073  1.00 28.02 ? 168 ASN A OD1   1 
ATOM   1208 N  ND2   . ASN A 1 171 ? 0.422   -14.269 -4.644  1.00 23.31 ? 168 ASN A ND2   1 
ATOM   1209 N  N     . ILE A 1 172 ? -3.204  -12.101 -1.571  1.00 18.93 ? 169 ILE A N     1 
ATOM   1210 C  CA    . ILE A 1 172 ? -3.540  -11.457 -0.302  1.00 17.89 ? 169 ILE A CA    1 
ATOM   1211 C  C     . ILE A 1 172 ? -2.836  -12.184 0.856   1.00 18.09 ? 169 ILE A C     1 
ATOM   1212 O  O     . ILE A 1 172 ? -2.306  -11.541 1.783   1.00 17.56 ? 169 ILE A O     1 
ATOM   1213 C  CB    . ILE A 1 172 ? -5.084  -11.282 -0.090  1.00 17.71 ? 169 ILE A CB    1 
ATOM   1214 C  CG1   . ILE A 1 172 ? -5.686  -10.379 -1.181  1.00 18.26 ? 169 ILE A CG1   1 
ATOM   1215 C  CG2   . ILE A 1 172 ? -5.361  -10.713 1.316   1.00 17.78 ? 169 ILE A CG2   1 
ATOM   1216 C  CD1   . ILE A 1 172 ? -5.206  -8.880  -1.162  1.00 19.39 ? 169 ILE A CD1   1 
ATOM   1217 N  N     . ASP A 1 173 ? -2.795  -13.516 0.773   1.00 18.49 ? 170 ASP A N     1 
ATOM   1218 C  CA    . ASP A 1 173 ? -2.079  -14.336 1.774   1.00 19.33 ? 170 ASP A CA    1 
ATOM   1219 C  C     . ASP A 1 173 ? -0.621  -13.889 1.953   1.00 17.91 ? 170 ASP A C     1 
ATOM   1220 O  O     . ASP A 1 173 ? -0.216  -13.537 3.069   1.00 17.11 ? 170 ASP A O     1 
ATOM   1221 C  CB    . ASP A 1 173 ? -2.226  -15.858 1.501   1.00 19.97 ? 170 ASP A CB    1 
ATOM   1222 C  CG    . ASP A 1 173 ? -1.817  -16.284 0.081   1.00 23.58 ? 170 ASP A CG    1 
ATOM   1223 O  OD1   . ASP A 1 173 ? -1.425  -15.454 -0.767  1.00 22.63 ? 170 ASP A OD1   1 
ATOM   1224 O  OD2   . ASP A 1 173 ? -1.904  -17.507 -0.209  1.00 28.61 ? 170 ASP A OD2   1 
ATOM   1225 N  N     . ILE A 1 174 ? 0.140   -13.841 0.861   1.00 17.48 ? 171 ILE A N     1 
ATOM   1226 C  CA    . ILE A 1 174 ? 1.561   -13.449 0.941   1.00 17.81 ? 171 ILE A CA    1 
ATOM   1227 C  C     . ILE A 1 174 ? 1.773   -11.992 1.395   1.00 16.30 ? 171 ILE A C     1 
ATOM   1228 O  O     . ILE A 1 174 ? 2.749   -11.684 2.088   1.00 15.92 ? 171 ILE A O     1 
ATOM   1229 C  CB    . ILE A 1 174 ? 2.351   -13.776 -0.346  1.00 17.89 ? 171 ILE A CB    1 
ATOM   1230 C  CG1   . ILE A 1 174 ? 1.805   -13.031 -1.562  1.00 20.09 ? 171 ILE A CG1   1 
ATOM   1231 C  CG2   . ILE A 1 174 ? 2.351   -15.300 -0.602  1.00 20.13 ? 171 ILE A CG2   1 
ATOM   1232 C  CD1   . ILE A 1 174 ? 2.885   -12.849 -2.623  1.00 24.69 ? 171 ILE A CD1   1 
ATOM   1233 N  N     . THR A 1 175 ? 0.856   -11.100 0.998   1.00 15.21 ? 172 THR A N     1 
ATOM   1234 C  CA    . THR A 1 175 ? 0.878   -9.709  1.469   1.00 15.23 ? 172 THR A CA    1 
ATOM   1235 C  C     . THR A 1 175 ? 0.784   -9.670  2.994   1.00 14.86 ? 172 THR A C     1 
ATOM   1236 O  O     . THR A 1 175 ? 1.614   -9.059  3.662   1.00 14.25 ? 172 THR A O     1 
ATOM   1237 C  CB    . THR A 1 175 ? -0.257  -8.885  0.803   1.00 14.13 ? 172 THR A CB    1 
ATOM   1238 O  OG1   . THR A 1 175 ? -0.021  -8.859  -0.607  1.00 14.94 ? 172 THR A OG1   1 
ATOM   1239 C  CG2   . THR A 1 175 ? -0.330  -7.429  1.337   1.00 14.93 ? 172 THR A CG2   1 
ATOM   1240 N  N     . LEU A 1 176 ? -0.228  -10.351 3.544   1.00 15.93 ? 173 LEU A N     1 
ATOM   1241 C  CA    . LEU A 1 176 ? -0.384  -10.388 4.982   1.00 16.93 ? 173 LEU A CA    1 
ATOM   1242 C  C     . LEU A 1 176 ? 0.859   -10.998 5.652   1.00 16.08 ? 173 LEU A C     1 
ATOM   1243 O  O     . LEU A 1 176 ? 1.339   -10.456 6.632   1.00 15.61 ? 173 LEU A O     1 
ATOM   1244 C  CB    . LEU A 1 176 ? -1.678  -11.118 5.386   1.00 17.78 ? 173 LEU A CB    1 
ATOM   1245 C  CG    . LEU A 1 176 ? -1.961  -11.108 6.900   1.00 20.15 ? 173 LEU A CG    1 
ATOM   1246 C  CD1   . LEU A 1 176 ? -1.805  -9.716  7.542   1.00 22.92 ? 173 LEU A CD1   1 
ATOM   1247 C  CD2   . LEU A 1 176 ? -3.334  -11.677 7.210   1.00 20.49 ? 173 LEU A CD2   1 
ATOM   1248 N  N     . GLN A 1 177 ? 1.383   -12.085 5.088   1.00 16.53 ? 174 GLN A N     1 
ATOM   1249 C  CA    . GLN A 1 177 ? 2.619   -12.697 5.583   1.00 18.19 ? 174 GLN A CA    1 
ATOM   1250 C  C     . GLN A 1 177 ? 3.769   -11.683 5.652   1.00 16.19 ? 174 GLN A C     1 
ATOM   1251 O  O     . GLN A 1 177 ? 4.433   -11.543 6.679   1.00 16.60 ? 174 GLN A O     1 
ATOM   1252 C  CB    . GLN A 1 177 ? 3.026   -13.849 4.669   1.00 17.93 ? 174 GLN A CB    1 
ATOM   1253 C  CG    . GLN A 1 177 ? 4.305   -14.550 5.104   1.00 23.03 ? 174 GLN A CG    1 
ATOM   1254 C  CD    . GLN A 1 177 ? 4.771   -15.639 4.125   1.00 23.61 ? 174 GLN A CD    1 
ATOM   1255 O  OE1   . GLN A 1 177 ? 4.210   -15.819 3.030   1.00 31.07 ? 174 GLN A OE1   1 
ATOM   1256 N  NE2   . GLN A 1 177 ? 5.815   -16.380 4.530   1.00 30.92 ? 174 GLN A NE2   1 
ATOM   1257 N  N     . TRP A 1 178 ? 4.005   -10.978 4.547   1.00 15.29 ? 175 TRP A N     1 
ATOM   1258 C  CA    . TRP A 1 178 ? 5.025   -9.925  4.519   1.00 14.90 ? 175 TRP A CA    1 
ATOM   1259 C  C     . TRP A 1 178 ? 4.816   -8.918  5.658   1.00 15.28 ? 175 TRP A C     1 
ATOM   1260 O  O     . TRP A 1 178 ? 5.741   -8.602  6.392   1.00 15.49 ? 175 TRP A O     1 
ATOM   1261 C  CB    . TRP A 1 178 ? 5.013   -9.230  3.167   1.00 14.69 ? 175 TRP A CB    1 
ATOM   1262 C  CG    . TRP A 1 178 ? 6.208   -8.346  2.920   1.00 14.83 ? 175 TRP A CG    1 
ATOM   1263 C  CD1   . TRP A 1 178 ? 7.352   -8.694  2.260   1.00 17.58 ? 175 TRP A CD1   1 
ATOM   1264 C  CD2   . TRP A 1 178 ? 6.384   -6.979  3.333   1.00 14.33 ? 175 TRP A CD2   1 
ATOM   1265 N  NE1   . TRP A 1 178 ? 8.222   -7.626  2.212   1.00 14.08 ? 175 TRP A NE1   1 
ATOM   1266 C  CE2   . TRP A 1 178 ? 7.657   -6.564  2.865   1.00 14.57 ? 175 TRP A CE2   1 
ATOM   1267 C  CE3   . TRP A 1 178 ? 5.582   -6.056  4.034   1.00 14.04 ? 175 TRP A CE3   1 
ATOM   1268 C  CZ2   . TRP A 1 178 ? 8.150   -5.261  3.071   1.00 14.30 ? 175 TRP A CZ2   1 
ATOM   1269 C  CZ3   . TRP A 1 178 ? 6.074   -4.754  4.240   1.00 13.48 ? 175 TRP A CZ3   1 
ATOM   1270 C  CH2   . TRP A 1 178 ? 7.346   -4.380  3.771   1.00 16.35 ? 175 TRP A CH2   1 
ATOM   1271 N  N     . LEU A 1 179 ? 3.583   -8.476  5.840   1.00 15.12 ? 176 LEU A N     1 
ATOM   1272 C  CA    . LEU A 1 179 ? 3.267   -7.510  6.876   1.00 16.30 ? 176 LEU A CA    1 
ATOM   1273 C  C     . LEU A 1 179 ? 3.577   -8.023  8.291   1.00 16.73 ? 176 LEU A C     1 
ATOM   1274 O  O     . LEU A 1 179 ? 4.236   -7.349  9.054   1.00 17.58 ? 176 LEU A O     1 
ATOM   1275 C  CB    . LEU A 1 179 ? 1.822   -7.070  6.783   1.00 16.28 ? 176 LEU A CB    1 
ATOM   1276 C  CG    . LEU A 1 179 ? 1.488   -6.271  5.526   1.00 17.86 ? 176 LEU A CG    1 
ATOM   1277 C  CD1   . LEU A 1 179 ? -0.036  -6.088  5.345   1.00 18.04 ? 176 LEU A CD1   1 
ATOM   1278 C  CD2   . LEU A 1 179 ? 2.241   -4.947  5.538   1.00 20.20 ? 176 LEU A CD2   1 
ATOM   1279 N  N     . ILE A 1 180 ? 3.068   -9.199  8.609   1.00 18.15 ? 177 ILE A N     1 
ATOM   1280 C  CA    . ILE A 1 180 ? 3.327   -9.855  9.904   1.00 19.52 ? 177 ILE A CA    1 
ATOM   1281 C  C     . ILE A 1 180 ? 4.843   -10.023 10.166  1.00 19.77 ? 177 ILE A C     1 
ATOM   1282 O  O     . ILE A 1 180 ? 5.316   -9.815  11.292  1.00 19.39 ? 177 ILE A O     1 
ATOM   1283 C  CB    . ILE A 1 180 ? 2.557   -11.186 9.993   1.00 19.81 ? 177 ILE A CB    1 
ATOM   1284 C  CG1   . ILE A 1 180 ? 1.038   -10.927 10.018  1.00 22.36 ? 177 ILE A CG1   1 
ATOM   1285 C  CG2   . ILE A 1 180 ? 3.055   -12.052 11.178  1.00 20.70 ? 177 ILE A CG2   1 
ATOM   1286 C  CD1   . ILE A 1 180 ? 0.205   -12.177 9.764   1.00 26.84 ? 177 ILE A CD1   1 
ATOM   1287 N  N     . GLN A 1 181 ? 5.613   -10.345 9.121   1.00 19.40 ? 178 GLN A N     1 
ATOM   1288 C  CA    . GLN A 1 181 ? 7.064   -10.491 9.265   1.00 20.78 ? 178 GLN A CA    1 
ATOM   1289 C  C     . GLN A 1 181 ? 7.714   -9.173  9.665   1.00 21.13 ? 178 GLN A C     1 
ATOM   1290 O  O     . GLN A 1 181 ? 8.821   -9.165  10.181  1.00 20.68 ? 178 GLN A O     1 
ATOM   1291 C  CB    . GLN A 1 181 ? 7.677   -11.055 7.988   1.00 21.75 ? 178 GLN A CB    1 
ATOM   1292 C  CG    . GLN A 1 181 ? 7.360   -12.530 7.802   1.00 25.07 ? 178 GLN A CG    1 
ATOM   1293 C  CD    . GLN A 1 181 ? 7.783   -13.055 6.446   1.00 29.68 ? 178 GLN A CD    1 
ATOM   1294 O  OE1   . GLN A 1 181 ? 8.279   -12.304 5.606   1.00 32.22 ? 178 GLN A OE1   1 
ATOM   1295 N  NE2   . GLN A 1 181 ? 7.589   -14.356 6.224   1.00 31.90 ? 178 GLN A NE2   1 
ATOM   1296 N  N     . HIS A 1 182 ? 6.991   -8.062  9.461   1.00 21.14 ? 179 HIS A N     1 
ATOM   1297 C  CA    . HIS A 1 182 ? 7.460   -6.731  9.839   1.00 22.45 ? 179 HIS A CA    1 
ATOM   1298 C  C     . HIS A 1 182 ? 6.720   -6.155  11.047  1.00 23.24 ? 179 HIS A C     1 
ATOM   1299 O  O     . HIS A 1 182 ? 6.709   -4.935  11.246  1.00 22.93 ? 179 HIS A O     1 
ATOM   1300 C  CB    . HIS A 1 182 ? 7.358   -5.775  8.634   1.00 21.69 ? 179 HIS A CB    1 
ATOM   1301 C  CG    . HIS A 1 182 ? 8.334   -6.091  7.549   1.00 22.46 ? 179 HIS A CG    1 
ATOM   1302 N  ND1   . HIS A 1 182 ? 8.074   -7.014  6.562   1.00 21.33 ? 179 HIS A ND1   1 
ATOM   1303 C  CD2   . HIS A 1 182 ? 9.586   -5.630  7.314   1.00 21.88 ? 179 HIS A CD2   1 
ATOM   1304 C  CE1   . HIS A 1 182 ? 9.116   -7.101  5.756   1.00 24.16 ? 179 HIS A CE1   1 
ATOM   1305 N  NE2   . HIS A 1 182 ? 10.043  -6.266  6.185   1.00 23.74 ? 179 HIS A NE2   1 
ATOM   1306 N  N     . SER A 1 183 ? 6.114   -7.038  11.850  1.00 24.83 ? 180 SER A N     1 
ATOM   1307 C  CA    . SER A 1 183 ? 5.301   -6.619  13.004  1.00 26.88 ? 180 SER A CA    1 
ATOM   1308 C  C     . SER A 1 183 ? 6.127   -6.174  14.211  1.00 29.09 ? 180 SER A C     1 
ATOM   1309 O  O     . SER A 1 183 ? 5.569   -5.705  15.216  1.00 29.11 ? 180 SER A O     1 
ATOM   1310 C  CB    . SER A 1 183 ? 4.243   -7.681  13.376  1.00 27.01 ? 180 SER A CB    1 
ATOM   1311 O  OG    . SER A 1 183 ? 4.798   -8.936  13.777  1.00 26.04 ? 180 SER A OG    1 
ATOM   1312 N  N     . LYS A 1 184 ? 7.453   -6.302  14.084  1.00 31.76 ? 181 LYS A N     1 
ATOM   1313 C  CA    . LYS A 1 184 ? 8.437   -5.863  15.087  1.00 34.09 ? 181 LYS A CA    1 
ATOM   1314 C  C     . LYS A 1 184 ? 8.395   -6.753  16.317  1.00 35.18 ? 181 LYS A C     1 
ATOM   1315 O  O     . LYS A 1 184 ? 8.477   -7.981  16.203  1.00 36.40 ? 181 LYS A O     1 
ATOM   1316 C  CB    . LYS A 1 184 ? 8.252   -4.387  15.467  1.00 34.57 ? 181 LYS A CB    1 
ATOM   1317 C  CG    . LYS A 1 184 ? 8.538   -3.380  14.337  1.00 37.10 ? 181 LYS A CG    1 
ATOM   1318 C  CD    . LYS A 1 184 ? 10.021  -3.015  14.247  1.00 40.93 ? 181 LYS A CD    1 
ATOM   1319 C  CE    . LYS A 1 184 ? 10.216  -1.691  13.500  1.00 43.13 ? 181 LYS A CE    1 
ATOM   1320 N  NZ    . LYS A 1 184 ? 11.478  -0.988  13.909  1.00 43.76 ? 181 LYS A NZ    1 
HETATM 1321 MG MG    . MG  B 2 .   ? -10.450 5.269   -0.045  1.00 21.00 ? 202 MG  A MG    1 
HETATM 1322 P  PB    . GDP C 3 .   ? -8.913  4.048   -2.957  1.00 15.80 ? 201 GDP A PB    1 
HETATM 1323 O  O1B   . GDP C 3 .   ? -9.358  3.912   -1.521  1.00 15.18 ? 201 GDP A O1B   1 
HETATM 1324 O  O2B   . GDP C 3 .   ? -7.403  3.808   -3.184  1.00 13.91 ? 201 GDP A O2B   1 
HETATM 1325 O  O3B   . GDP C 3 .   ? -9.277  5.425   -3.473  1.00 17.76 ? 201 GDP A O3B   1 
HETATM 1326 O  O3A   . GDP C 3 .   ? -9.628  2.973   -3.903  1.00 15.44 ? 201 GDP A O3A   1 
HETATM 1327 P  PA    . GDP C 3 .   ? -10.947 2.129   -3.537  1.00 16.57 ? 201 GDP A PA    1 
HETATM 1328 O  O1A   . GDP C 3 .   ? -10.689 1.111   -2.470  1.00 17.09 ? 201 GDP A O1A   1 
HETATM 1329 O  O2A   . GDP C 3 .   ? -12.146 3.012   -3.340  1.00 18.01 ? 201 GDP A O2A   1 
HETATM 1330 O  "O5'" . GDP C 3 .   ? -11.124 1.259   -4.876  1.00 15.57 ? 201 GDP A "O5'" 1 
HETATM 1331 C  "C5'" . GDP C 3 .   ? -11.395 1.979   -6.086  1.00 17.99 ? 201 GDP A "C5'" 1 
HETATM 1332 C  "C4'" . GDP C 3 .   ? -12.234 1.094   -7.011  1.00 19.45 ? 201 GDP A "C4'" 1 
HETATM 1333 O  "O4'" . GDP C 3 .   ? -11.423 0.010   -7.459  1.00 17.59 ? 201 GDP A "O4'" 1 
HETATM 1334 C  "C3'" . GDP C 3 .   ? -13.460 0.501   -6.322  1.00 21.01 ? 201 GDP A "C3'" 1 
HETATM 1335 O  "O3'" . GDP C 3 .   ? -14.558 0.418   -7.250  1.00 19.85 ? 201 GDP A "O3'" 1 
HETATM 1336 C  "C2'" . GDP C 3 .   ? -13.033 -0.909  -5.974  1.00 19.04 ? 201 GDP A "C2'" 1 
HETATM 1337 O  "O2'" . GDP C 3 .   ? -14.130 -1.830  -5.999  1.00 21.01 ? 201 GDP A "O2'" 1 
HETATM 1338 C  "C1'" . GDP C 3 .   ? -12.088 -1.207  -7.116  1.00 18.62 ? 201 GDP A "C1'" 1 
HETATM 1339 N  N9    . GDP C 3 .   ? -11.123 -2.265  -6.781  1.00 19.94 ? 201 GDP A N9    1 
HETATM 1340 C  C8    . GDP C 3 .   ? -10.369 -2.375  -5.645  1.00 17.97 ? 201 GDP A C8    1 
HETATM 1341 N  N7    . GDP C 3 .   ? -9.593  -3.482  -5.731  1.00 16.67 ? 201 GDP A N7    1 
HETATM 1342 C  C5    . GDP C 3 .   ? -9.852  -4.099  -6.923  1.00 18.50 ? 201 GDP A C5    1 
HETATM 1343 C  C6    . GDP C 3 .   ? -9.358  -5.305  -7.649  1.00 19.36 ? 201 GDP A C6    1 
HETATM 1344 O  O6    . GDP C 3 .   ? -8.488  -6.078  -7.153  1.00 16.80 ? 201 GDP A O6    1 
HETATM 1345 N  N1    . GDP C 3 .   ? -9.867  -5.555  -8.872  1.00 18.20 ? 201 GDP A N1    1 
HETATM 1346 C  C2    . GDP C 3 .   ? -10.810 -4.752  -9.441  1.00 19.30 ? 201 GDP A C2    1 
HETATM 1347 N  N2    . GDP C 3 .   ? -11.298 -5.065  -10.671 1.00 20.00 ? 201 GDP A N2    1 
HETATM 1348 N  N3    . GDP C 3 .   ? -11.295 -3.637  -8.853  1.00 18.50 ? 201 GDP A N3    1 
HETATM 1349 C  C4    . GDP C 3 .   ? -10.854 -3.276  -7.611  1.00 18.54 ? 201 GDP A C4    1 
HETATM 1350 O  O     . HOH D 4 .   ? -1.034  4.729   -6.928  1.00 12.45 ? 301 HOH A O     1 
HETATM 1351 O  O     . HOH D 4 .   ? -6.916  4.029   -11.243 1.00 14.13 ? 302 HOH A O     1 
HETATM 1352 O  O     . HOH D 4 .   ? 13.461  -0.888  -11.614 1.00 14.21 ? 303 HOH A O     1 
HETATM 1353 O  O     . HOH D 4 .   ? -2.562  4.060   -9.134  1.00 12.32 ? 304 HOH A O     1 
HETATM 1354 O  O     . HOH D 4 .   ? -5.200  4.689   -9.061  1.00 14.41 ? 305 HOH A O     1 
HETATM 1355 O  O     . HOH D 4 .   ? -19.331 -2.825  -12.939 1.00 21.21 ? 306 HOH A O     1 
HETATM 1356 O  O     . HOH D 4 .   ? -1.104  -6.705  -10.877 1.00 13.92 ? 307 HOH A O     1 
HETATM 1357 O  O     . HOH D 4 .   ? 13.260  8.873   -3.140  1.00 26.46 ? 308 HOH A O     1 
HETATM 1358 O  O     . HOH D 4 .   ? 13.345  8.535   3.301   1.00 19.13 ? 309 HOH A O     1 
HETATM 1359 O  O     . HOH D 4 .   ? -1.910  3.276   -11.829 1.00 16.89 ? 310 HOH A O     1 
HETATM 1360 O  O     . HOH D 4 .   ? -10.555 12.437  7.363   1.00 20.83 ? 311 HOH A O     1 
HETATM 1361 O  O     . HOH D 4 .   ? -1.710  -7.784  19.656  1.00 19.35 ? 312 HOH A O     1 
HETATM 1362 O  O     . HOH D 4 .   ? 4.458   12.191  -2.742  1.00 16.25 ? 313 HOH A O     1 
HETATM 1363 O  O     . HOH D 4 .   ? -7.642  8.007   -1.692  1.00 20.60 ? 314 HOH A O     1 
HETATM 1364 O  O     . HOH D 4 .   ? 14.283  -1.117  5.480   1.00 18.21 ? 315 HOH A O     1 
HETATM 1365 O  O     . HOH D 4 .   ? 4.140   13.998  2.192   1.00 18.10 ? 316 HOH A O     1 
HETATM 1366 O  O     . HOH D 4 .   ? 9.003   -11.662 -1.044  1.00 24.43 ? 317 HOH A O     1 
HETATM 1367 O  O     . HOH D 4 .   ? 1.965   6.485   -16.959 1.00 19.50 ? 318 HOH A O     1 
HETATM 1368 O  O     . HOH D 4 .   ? 6.965   -9.372  -17.077 1.00 22.15 ? 319 HOH A O     1 
HETATM 1369 O  O     . HOH D 4 .   ? 15.124  -3.932  -0.950  1.00 20.85 ? 320 HOH A O     1 
HETATM 1370 O  O     . HOH D 4 .   ? 9.969   7.973   11.104  1.00 22.34 ? 321 HOH A O     1 
HETATM 1371 O  O     . HOH D 4 .   ? -11.324 6.923   1.625   1.00 23.35 ? 322 HOH A O     1 
HETATM 1372 O  O     . HOH D 4 .   ? 11.079  -7.859  1.299   1.00 19.07 ? 323 HOH A O     1 
HETATM 1373 O  O     . HOH D 4 .   ? 3.478   16.455  12.809  1.00 25.41 ? 324 HOH A O     1 
HETATM 1374 O  O     . HOH D 4 .   ? -5.330  15.416  8.668   1.00 19.05 ? 325 HOH A O     1 
HETATM 1375 O  O     . HOH D 4 .   ? -12.439 8.546   8.824   1.00 20.39 ? 326 HOH A O     1 
HETATM 1376 O  O     . HOH D 4 .   ? 3.323   15.526  5.786   1.00 21.03 ? 327 HOH A O     1 
HETATM 1377 O  O     . HOH D 4 .   ? 15.182  -1.149  -4.975  1.00 23.01 ? 328 HOH A O     1 
HETATM 1378 O  O     . HOH D 4 .   ? -5.944  -13.661 7.535   1.00 23.44 ? 329 HOH A O     1 
HETATM 1379 O  O     . HOH D 4 .   ? -4.616  -14.849 -1.025  1.00 27.20 ? 330 HOH A O     1 
HETATM 1380 O  O     . HOH D 4 .   ? 0.614   9.690   -14.676 1.00 24.60 ? 331 HOH A O     1 
HETATM 1381 O  O     . HOH D 4 .   ? -4.351  -2.236  -18.329 1.00 23.40 ? 332 HOH A O     1 
HETATM 1382 O  O     . HOH D 4 .   ? 6.496   -10.446 -12.302 1.00 18.39 ? 333 HOH A O     1 
HETATM 1383 O  O     . HOH D 4 .   ? -10.044 2.419   5.787   1.00 22.74 ? 334 HOH A O     1 
HETATM 1384 O  O     . HOH D 4 .   ? -2.305  17.643  2.341   1.00 30.52 ? 335 HOH A O     1 
HETATM 1385 O  O     . HOH D 4 .   ? -1.250  18.122  -0.981  1.00 22.77 ? 336 HOH A O     1 
HETATM 1386 O  O     . HOH D 4 .   ? -8.497  5.984   1.046   1.00 20.30 ? 337 HOH A O     1 
HETATM 1387 O  O     . HOH D 4 .   ? 14.181  7.796   -5.676  1.00 29.06 ? 338 HOH A O     1 
HETATM 1388 O  O     . HOH D 4 .   ? 2.162   -5.824  -10.290 1.00 20.27 ? 339 HOH A O     1 
HETATM 1389 O  O     . HOH D 4 .   ? -12.475 -8.626  -12.801 1.00 30.45 ? 340 HOH A O     1 
HETATM 1390 O  O     . HOH D 4 .   ? 14.689  0.727   -13.239 1.00 28.29 ? 341 HOH A O     1 
HETATM 1391 O  O     . HOH D 4 .   ? 9.399   -7.902  12.579  1.00 31.35 ? 342 HOH A O     1 
HETATM 1392 O  O     . HOH D 4 .   ? -2.782  8.078   -0.401  1.00 20.66 ? 343 HOH A O     1 
HETATM 1393 O  O     . HOH D 4 .   ? 12.208  -7.429  -1.264  1.00 22.11 ? 344 HOH A O     1 
HETATM 1394 O  O     . HOH D 4 .   ? -13.250 -4.612  0.141   1.00 23.34 ? 345 HOH A O     1 
HETATM 1395 O  O     . HOH D 4 .   ? 9.753   -5.274  -16.809 1.00 24.88 ? 346 HOH A O     1 
HETATM 1396 O  O     . HOH D 4 .   ? 16.451  11.274  -1.707  1.00 33.28 ? 347 HOH A O     1 
HETATM 1397 O  O     . HOH D 4 .   ? -8.653  7.588   3.559   1.00 25.08 ? 348 HOH A O     1 
HETATM 1398 O  O     . HOH D 4 .   ? -3.558  -16.013 18.639  1.00 33.18 ? 349 HOH A O     1 
HETATM 1399 O  O     . HOH D 4 .   ? -12.095 3.685   11.704  1.00 27.90 ? 350 HOH A O     1 
HETATM 1400 O  O     . HOH D 4 .   ? -3.616  -10.086 19.927  1.00 24.79 ? 351 HOH A O     1 
HETATM 1401 O  O     . HOH D 4 .   ? -10.735 5.909   4.128   1.00 21.77 ? 352 HOH A O     1 
HETATM 1402 O  O     . HOH D 4 .   ? 9.634   3.309   11.763  1.00 24.26 ? 353 HOH A O     1 
HETATM 1403 O  O     . HOH D 4 .   ? 4.656   -14.061 8.150   1.00 30.81 ? 354 HOH A O     1 
HETATM 1404 O  O     . HOH D 4 .   ? -1.006  -13.357 12.557  1.00 30.90 ? 355 HOH A O     1 
HETATM 1405 O  O     . HOH D 4 .   ? 9.530   11.804  -8.215  1.00 25.64 ? 356 HOH A O     1 
HETATM 1406 O  O     . HOH D 4 .   ? 5.375   -5.645  17.966  1.00 25.17 ? 357 HOH A O     1 
HETATM 1407 O  O     . HOH D 4 .   ? -14.282 -0.615  -1.639  1.00 33.61 ? 358 HOH A O     1 
HETATM 1408 O  O     . HOH D 4 .   ? -8.293  0.422   -13.728 1.00 27.57 ? 359 HOH A O     1 
HETATM 1409 O  O     . HOH D 4 .   ? -1.577  -6.277  21.715  1.00 25.60 ? 360 HOH A O     1 
HETATM 1410 O  O     . HOH D 4 .   ? -0.280  -9.451  -14.646 1.00 24.42 ? 361 HOH A O     1 
HETATM 1411 O  O     . HOH D 4 .   ? -10.953 10.164  -5.266  1.00 41.72 ? 362 HOH A O     1 
HETATM 1412 O  O     . HOH D 4 .   ? -5.309  4.190   -18.156 1.00 31.22 ? 363 HOH A O     1 
HETATM 1413 O  O     . HOH D 4 .   ? -11.490 -0.790  -10.569 1.00 26.04 ? 364 HOH A O     1 
HETATM 1414 O  O     . HOH D 4 .   ? 17.353  5.342   -2.657  1.00 34.87 ? 365 HOH A O     1 
HETATM 1415 O  O     . HOH D 4 .   ? 11.516  14.146  6.620   1.00 26.21 ? 366 HOH A O     1 
HETATM 1416 O  O     . HOH D 4 .   ? 12.973  1.436   -15.038 1.00 30.26 ? 367 HOH A O     1 
HETATM 1417 O  O     . HOH D 4 .   ? 5.782   -2.486  15.813  1.00 35.25 ? 368 HOH A O     1 
HETATM 1418 O  O     . HOH D 4 .   ? -8.207  2.255   8.153   1.00 22.44 ? 369 HOH A O     1 
HETATM 1419 O  O     . HOH D 4 .   ? -0.880  -1.599  16.751  1.00 25.33 ? 370 HOH A O     1 
HETATM 1420 O  O     . HOH D 4 .   ? -14.171 -4.584  6.824   1.00 33.81 ? 371 HOH A O     1 
HETATM 1421 O  O     . HOH D 4 .   ? -1.465  -14.754 5.371   1.00 29.50 ? 372 HOH A O     1 
HETATM 1422 O  O     . HOH D 4 .   ? 9.567   -8.748  18.070  1.00 33.65 ? 373 HOH A O     1 
HETATM 1423 O  O     . HOH D 4 .   ? 17.320  1.831   -11.601 1.00 40.49 ? 374 HOH A O     1 
HETATM 1424 O  O     . HOH D 4 .   ? 2.612   15.756  -3.638  1.00 37.85 ? 375 HOH A O     1 
HETATM 1425 O  O     . HOH D 4 .   ? -13.361 -3.920  -12.151 1.00 28.73 ? 376 HOH A O     1 
HETATM 1426 O  O     . HOH D 4 .   ? 3.430   13.658  -10.983 1.00 33.70 ? 377 HOH A O     1 
HETATM 1427 O  O     . HOH D 4 .   ? 5.367   -13.001 1.919   1.00 29.38 ? 378 HOH A O     1 
HETATM 1428 O  O     . HOH D 4 .   ? -2.985  -12.775 21.439  1.00 28.96 ? 379 HOH A O     1 
HETATM 1429 O  O     . HOH D 4 .   ? 3.689   -14.186 15.458  1.00 36.18 ? 380 HOH A O     1 
HETATM 1430 O  O     . HOH D 4 .   ? 3.744   13.177  -0.517  1.00 25.21 ? 381 HOH A O     1 
HETATM 1431 O  O     . HOH D 4 .   ? -12.390 4.720   -1.023  1.00 27.73 ? 382 HOH A O     1 
HETATM 1432 O  O     . HOH D 4 .   ? -11.470 2.701   -10.559 1.00 27.94 ? 383 HOH A O     1 
HETATM 1433 O  O     . HOH D 4 .   ? -11.761 14.402  4.414   1.00 26.13 ? 384 HOH A O     1 
HETATM 1434 O  O     . HOH D 4 .   ? 0.413   16.287  -6.660  1.00 41.38 ? 385 HOH A O     1 
HETATM 1435 O  O     . HOH D 4 .   ? 6.131   5.466   -15.412 1.00 32.03 ? 386 HOH A O     1 
HETATM 1436 O  O     . HOH D 4 .   ? 0.784   6.748   16.208  1.00 24.67 ? 387 HOH A O     1 
HETATM 1437 O  O     . HOH D 4 .   ? 13.237  6.729   9.852   1.00 31.81 ? 388 HOH A O     1 
HETATM 1438 O  O     . HOH D 4 .   ? -12.011 0.462   6.074   1.00 30.97 ? 389 HOH A O     1 
HETATM 1439 O  O     . HOH D 4 .   ? 0.375   21.821  1.995   1.00 39.41 ? 390 HOH A O     1 
HETATM 1440 O  O     . HOH D 4 .   ? -14.265 6.766   7.433   1.00 28.87 ? 391 HOH A O     1 
HETATM 1441 O  O     . HOH D 4 .   ? 18.542  4.661   5.246   1.00 44.40 ? 392 HOH A O     1 
HETATM 1442 O  O     . HOH D 4 .   ? -1.674  20.795  -0.343  1.00 36.39 ? 393 HOH A O     1 
HETATM 1443 O  O     . HOH D 4 .   ? 4.635   2.407   15.186  1.00 36.48 ? 394 HOH A O     1 
HETATM 1444 O  O     . HOH D 4 .   ? 11.626  12.924  -7.088  1.00 31.89 ? 395 HOH A O     1 
HETATM 1445 O  O     . HOH D 4 .   ? -14.133 -0.102  -10.245 1.00 34.30 ? 396 HOH A O     1 
HETATM 1446 O  O     . HOH D 4 .   ? 10.548  -9.786  -2.964  1.00 38.09 ? 397 HOH A O     1 
HETATM 1447 O  O     . HOH D 4 .   ? -10.891 -0.163  -13.448 1.00 33.55 ? 398 HOH A O     1 
HETATM 1448 O  O     . HOH D 4 .   ? 7.006   -11.001 21.103  1.00 33.51 ? 399 HOH A O     1 
HETATM 1449 O  O     . HOH D 4 .   ? -10.266 6.909   -1.616  1.00 21.98 ? 400 HOH A O     1 
HETATM 1450 O  O     . HOH D 4 .   ? -13.866 2.211   -1.394  1.00 38.23 ? 401 HOH A O     1 
HETATM 1451 O  O     . HOH D 4 .   ? -3.305  -16.009 -3.122  1.00 40.39 ? 402 HOH A O     1 
HETATM 1452 O  O     . HOH D 4 .   ? -8.538  -3.514  -17.780 1.00 31.87 ? 403 HOH A O     1 
HETATM 1453 O  O     . HOH D 4 .   ? -10.149 3.446   15.012  1.00 28.34 ? 404 HOH A O     1 
HETATM 1454 O  O     . HOH D 4 .   ? 1.949   8.514   -18.543 1.00 36.24 ? 405 HOH A O     1 
HETATM 1455 O  O     . HOH D 4 .   ? 10.222  -10.913 1.402   1.00 38.62 ? 406 HOH A O     1 
HETATM 1456 O  O     . HOH D 4 .   ? 0.988   0.583   17.249  1.00 33.92 ? 407 HOH A O     1 
HETATM 1457 O  O     . HOH D 4 .   ? 4.109   6.640   14.500  1.00 32.47 ? 408 HOH A O     1 
HETATM 1458 O  O     . HOH D 4 .   ? 10.266  -11.519 10.884  1.00 30.78 ? 409 HOH A O     1 
HETATM 1459 O  O     . HOH D 4 .   ? -4.868  1.630   -18.681 1.00 32.57 ? 410 HOH A O     1 
HETATM 1460 O  O     . HOH D 4 .   ? 16.096  8.863   3.376   1.00 30.45 ? 411 HOH A O     1 
HETATM 1461 O  O     . HOH D 4 .   ? 11.935  15.694  0.899   1.00 34.50 ? 412 HOH A O     1 
HETATM 1462 O  O     . HOH D 4 .   ? 3.749   12.085  12.438  1.00 24.73 ? 413 HOH A O     1 
HETATM 1463 O  O     . HOH D 4 .   ? -6.522  -14.554 1.156   1.00 33.09 ? 414 HOH A O     1 
HETATM 1464 O  O     . HOH D 4 .   ? 10.403  9.932   -10.006 1.00 31.03 ? 415 HOH A O     1 
HETATM 1465 O  O     . HOH D 4 .   ? -4.942  13.307  5.223   1.00 33.39 ? 416 HOH A O     1 
HETATM 1466 O  O     . HOH D 4 .   ? 2.118   11.663  -15.605 1.00 34.57 ? 417 HOH A O     1 
HETATM 1467 O  O     . HOH D 4 .   ? -10.816 0.251   14.303  1.00 32.10 ? 418 HOH A O     1 
HETATM 1468 O  O     . HOH D 4 .   ? 10.501  9.162   13.391  1.00 36.41 ? 419 HOH A O     1 
HETATM 1469 O  O     . HOH D 4 .   ? 13.591  -3.832  6.792   1.00 31.30 ? 420 HOH A O     1 
HETATM 1470 O  O     . HOH D 4 .   ? -6.205  8.759   -9.501  1.00 34.38 ? 421 HOH A O     1 
HETATM 1471 O  O     . HOH D 4 .   ? 4.204   4.677   -17.220 1.00 39.17 ? 422 HOH A O     1 
HETATM 1472 O  O     . HOH D 4 .   ? -3.304  10.163  -16.530 1.00 34.94 ? 423 HOH A O     1 
HETATM 1473 O  O     . HOH D 4 .   ? 6.361   -13.803 10.551  1.00 43.15 ? 424 HOH A O     1 
HETATM 1474 O  O     . HOH D 4 .   ? -13.784 2.501   9.695   1.00 41.92 ? 425 HOH A O     1 
HETATM 1475 O  O     . HOH D 4 .   ? -9.126  -9.441  11.139  1.00 44.54 ? 426 HOH A O     1 
HETATM 1476 O  O     . HOH D 4 .   ? 11.518  5.229   11.839  1.00 32.33 ? 427 HOH A O     1 
HETATM 1477 O  O     . HOH D 4 .   ? 1.626   -16.597 2.877   1.00 37.16 ? 428 HOH A O     1 
HETATM 1478 O  O     . HOH D 4 .   ? 3.605   -16.529 16.771  1.00 33.65 ? 429 HOH A O     1 
HETATM 1479 O  O     . HOH D 4 .   ? -4.138  -14.490 5.022   1.00 53.77 ? 430 HOH A O     1 
HETATM 1480 O  O     . HOH D 4 .   ? -6.329  13.750  -9.597  1.00 36.61 ? 431 HOH A O     1 
HETATM 1481 O  O     . HOH D 4 .   ? -19.173 3.158   -6.442  1.00 35.72 ? 432 HOH A O     1 
HETATM 1482 O  O     . HOH D 4 .   ? -10.089 -7.189  13.475  1.00 36.46 ? 433 HOH A O     1 
HETATM 1483 O  O     . HOH D 4 .   ? -12.519 -1.988  -14.555 1.00 39.56 ? 434 HOH A O     1 
HETATM 1484 O  O     . HOH D 4 .   ? -8.921  -3.644  -20.701 1.00 46.22 ? 435 HOH A O     1 
# 
